data_6CSE
#
_entry.id   6CSE
#
_cell.length_a   183.477
_cell.length_b   183.477
_cell.length_c   349.067
_cell.angle_alpha   90.000
_cell.angle_beta   90.000
_cell.angle_gamma   120.000
#
_symmetry.space_group_name_H-M   'P 61'
#
loop_
_entity.id
_entity.type
_entity.pdbx_description
1 polymer 'Monoclonal antibody FAB heavy chain'
2 polymer 'Monoclonal antibody FAB light chain'
3 polymer 'Sodium/alanine symporter AgcS'
4 non-polymer 'SODIUM ION'
5 non-polymer ALANINE
#
loop_
_entity_poly.entity_id
_entity_poly.type
_entity_poly.pdbx_seq_one_letter_code
_entity_poly.pdbx_strand_id
1 'polypeptide(L)'
;EVKLEESGGGLVQPGGSMKLSCAASGFTSSDFAMDWVRQSPEAGLEWVAEIAASERHYAESVKGRFTISRDDSKSSVYLQ
MNSLRAEDSGLYYCTRTAGACGQWGTGTTVTVSSAKTTPPSVYPLAPGSAAAAASMVTLGCLVKGYFPEPVTVTWNSGSL
SSGVHTFPAVLQSDLYTLSSSVTVPSSTWPASTVTCNVAHPASSTKVDKAIVPG
;
A,H
2 'polypeptide(L)'
;DIAMTQSPASLSASVGETVTITCRTSENIASALAWYQQKQGKSPQLLVMNAKTLAAGVPSRFSGSGSGTAFSLKINSLQP
EDFGSYSCQHAAGWLLTFGGGTKLEIKRADAAPTVSIFPPSSEQLTSGGASVVCFLNNFYPKDINVKWKIDGSERQNGVL
NSWTDQDSADSTYSMSSTLTLTKDEYERHNSYTCEATHKTSTSPIVKSFNRAE
;
B,L
3 'polypeptide(L)'
;MDFVSLVNTVNSFVWGPYMLVLLLGTGIFLTLRLGFMQIHTLPYALKLAFSKHQDETSEGDISHFQALMTALAATIGTGN
IAGVATAYVLGGPGAIFWMWVTAFFGMATKYAEAVLAIKYRTVDDNGEMAGGPMYFLEKGLPDHGLGKILGVAFAFFGAF
AAFGIGNMVQTNSVADAVASNFGVDPLITGFVLAIFTAAVILGGIKSIGKATGIIVPFMAVFYILAGLVILAMNIGYIIP
AFGTIFSSAFNFSAGFGALIGTAIMWGVKRGVFSNEAGLGSAPIAAAAAKTDHPGRQALVSMTGTFLDTIVVCTITGLVL
TIAGLKAFPGLTDLTGASLTAASFDALMPMGGLIVTIGLVFFAYSTVLGWSYYGEKCFEYLIGTKGIRLYRIAFVLVAFW
GATASLPLVWNIADTLNGAMAIPNLIGLLLLSGVVVSETKAFNEIRKNEAKNA
;
M,C
#
loop_
_chem_comp.id
_chem_comp.type
_chem_comp.name
_chem_comp.formula
NA non-polymer 'SODIUM ION' 'Na 1'
#
# COMPACT_ATOMS: atom_id res chain seq x y z
N GLU A 1 -3.93 -6.55 20.50
CA GLU A 1 -5.37 -6.34 20.36
C GLU A 1 -6.11 -7.66 20.60
N VAL A 2 -6.78 -8.16 19.55
CA VAL A 2 -7.45 -9.45 19.57
C VAL A 2 -6.47 -10.48 19.04
N LYS A 3 -6.52 -11.69 19.59
CA LYS A 3 -5.61 -12.74 19.17
C LYS A 3 -6.41 -13.97 18.79
N LEU A 4 -6.09 -14.53 17.63
CA LEU A 4 -6.60 -15.83 17.21
C LEU A 4 -5.44 -16.59 16.61
N GLU A 5 -5.03 -17.67 17.27
CA GLU A 5 -3.94 -18.51 16.80
C GLU A 5 -4.48 -19.92 16.62
N GLU A 6 -4.47 -20.39 15.39
CA GLU A 6 -4.89 -21.75 15.09
C GLU A 6 -3.72 -22.70 15.30
N SER A 7 -4.05 -23.97 15.50
CA SER A 7 -3.03 -24.99 15.69
C SER A 7 -3.65 -26.35 15.42
N GLY A 8 -2.79 -27.36 15.33
CA GLY A 8 -3.22 -28.73 15.18
C GLY A 8 -3.22 -29.26 13.76
N GLY A 9 -2.94 -28.42 12.77
CA GLY A 9 -2.89 -28.90 11.41
C GLY A 9 -1.81 -29.95 11.22
N GLY A 10 -1.93 -30.70 10.13
CA GLY A 10 -0.96 -31.73 9.86
C GLY A 10 -1.33 -32.51 8.61
N LEU A 11 -0.65 -33.65 8.46
CA LEU A 11 -0.89 -34.57 7.36
C LEU A 11 -1.58 -35.81 7.92
N VAL A 12 -2.73 -36.15 7.34
CA VAL A 12 -3.55 -37.27 7.80
C VAL A 12 -4.05 -38.05 6.59
N GLN A 13 -4.04 -39.37 6.71
CA GLN A 13 -4.49 -40.22 5.63
C GLN A 13 -6.01 -40.13 5.48
N PRO A 14 -6.53 -40.41 4.28
CA PRO A 14 -7.98 -40.36 4.09
C PRO A 14 -8.71 -41.34 4.99
N GLY A 15 -9.87 -40.92 5.50
CA GLY A 15 -10.58 -41.70 6.50
C GLY A 15 -10.09 -41.46 7.92
N GLY A 16 -8.97 -40.77 8.09
CA GLY A 16 -8.42 -40.49 9.39
C GLY A 16 -9.18 -39.39 10.10
N SER A 17 -8.65 -39.00 11.25
CA SER A 17 -9.29 -38.01 12.09
C SER A 17 -8.23 -37.13 12.75
N MET A 18 -8.62 -35.90 13.05
CA MET A 18 -7.83 -35.00 13.88
C MET A 18 -8.71 -33.83 14.26
N LYS A 19 -8.33 -33.15 15.34
CA LYS A 19 -9.08 -32.01 15.84
C LYS A 19 -8.16 -30.81 15.89
N LEU A 20 -8.65 -29.68 15.41
CA LEU A 20 -7.91 -28.43 15.39
C LEU A 20 -8.23 -27.60 16.63
N SER A 21 -7.39 -26.61 16.88
CA SER A 21 -7.55 -25.73 18.03
C SER A 21 -7.30 -24.29 17.59
N CYS A 22 -7.94 -23.37 18.29
CA CYS A 22 -7.82 -21.95 18.00
C CYS A 22 -7.80 -21.19 19.33
N ALA A 23 -6.63 -21.17 19.98
CA ALA A 23 -6.49 -20.41 21.21
C ALA A 23 -6.77 -18.94 20.92
N ALA A 24 -7.72 -18.36 21.64
CA ALA A 24 -8.15 -16.98 21.43
C ALA A 24 -7.87 -16.15 22.67
N SER A 25 -7.62 -14.87 22.45
CA SER A 25 -7.25 -13.96 23.53
C SER A 25 -7.52 -12.53 23.07
N GLY A 26 -7.47 -11.60 24.03
CA GLY A 26 -7.72 -10.22 23.75
C GLY A 26 -9.17 -9.80 23.81
N PHE A 27 -10.08 -10.73 24.12
CA PHE A 27 -11.51 -10.45 24.20
C PHE A 27 -12.18 -11.60 24.94
N THR A 28 -13.51 -11.61 24.93
CA THR A 28 -14.30 -12.60 25.66
C THR A 28 -14.76 -13.68 24.67
N SER A 29 -14.12 -14.86 24.71
CA SER A 29 -14.55 -15.95 23.83
C SER A 29 -16.01 -16.29 24.10
N SER A 30 -16.48 -16.08 25.32
CA SER A 30 -17.81 -16.54 25.73
C SER A 30 -18.93 -15.74 25.07
N ASP A 31 -18.76 -14.43 24.92
CA ASP A 31 -19.83 -13.59 24.40
C ASP A 31 -20.03 -13.75 22.89
N PHE A 32 -18.96 -14.06 22.15
CA PHE A 32 -19.00 -14.02 20.70
C PHE A 32 -19.23 -15.40 20.11
N ALA A 33 -20.04 -15.45 19.05
CA ALA A 33 -20.20 -16.67 18.27
C ALA A 33 -19.04 -16.77 17.29
N MET A 34 -18.55 -18.00 17.07
CA MET A 34 -17.32 -18.24 16.34
C MET A 34 -17.56 -19.11 15.11
N ASP A 35 -16.70 -18.95 14.10
CA ASP A 35 -16.82 -19.69 12.85
C ASP A 35 -15.51 -20.35 12.48
N TRP A 36 -15.61 -21.37 11.65
CA TRP A 36 -14.47 -21.99 10.97
C TRP A 36 -14.66 -21.78 9.48
N VAL A 37 -13.68 -21.17 8.84
CA VAL A 37 -13.67 -20.98 7.39
C VAL A 37 -12.40 -21.60 6.86
N ARG A 38 -12.50 -22.27 5.72
CA ARG A 38 -11.36 -22.93 5.13
C ARG A 38 -11.16 -22.44 3.70
N GLN A 39 -9.90 -22.34 3.31
CA GLN A 39 -9.50 -21.91 1.99
C GLN A 39 -8.74 -23.06 1.34
N SER A 40 -9.19 -23.49 0.17
CA SER A 40 -8.50 -24.56 -0.54
C SER A 40 -7.19 -24.03 -1.12
N PRO A 41 -6.27 -24.92 -1.51
CA PRO A 41 -5.02 -24.45 -2.14
C PRO A 41 -5.24 -23.65 -3.41
N GLU A 42 -6.47 -23.56 -3.92
CA GLU A 42 -6.80 -22.79 -5.10
C GLU A 42 -7.61 -21.55 -4.76
N ALA A 43 -7.52 -21.10 -3.49
CA ALA A 43 -8.18 -19.89 -3.00
C ALA A 43 -9.70 -20.04 -2.99
N GLY A 44 -10.19 -21.19 -2.51
CA GLY A 44 -11.61 -21.47 -2.55
C GLY A 44 -12.41 -20.60 -1.59
N LEU A 45 -12.01 -20.57 -0.32
CA LEU A 45 -12.73 -19.88 0.74
C LEU A 45 -14.13 -20.46 0.93
N GLU A 46 -14.24 -21.48 1.78
CA GLU A 46 -15.47 -22.19 2.01
C GLU A 46 -15.76 -22.23 3.51
N TRP A 47 -17.02 -22.01 3.85
CA TRP A 47 -17.47 -22.06 5.23
C TRP A 47 -17.65 -23.50 5.71
N VAL A 48 -17.39 -23.72 6.99
CA VAL A 48 -17.32 -25.06 7.57
C VAL A 48 -18.27 -25.24 8.74
N ALA A 49 -18.24 -24.33 9.73
CA ALA A 49 -18.98 -24.59 10.95
C ALA A 49 -19.32 -23.29 11.67
N GLU A 50 -20.34 -23.37 12.53
CA GLU A 50 -20.80 -22.25 13.36
C GLU A 50 -21.04 -22.74 14.77
N ILE A 51 -20.90 -21.83 15.73
CA ILE A 51 -21.16 -22.13 17.14
C ILE A 51 -21.28 -20.80 17.89
N ALA A 52 -22.07 -20.80 18.97
CA ALA A 52 -22.27 -19.59 19.76
C ALA A 52 -21.88 -19.76 21.22
N ALA A 53 -22.43 -20.79 21.90
CA ALA A 53 -22.03 -21.21 23.24
C ALA A 53 -22.85 -22.44 23.61
N SER A 54 -23.78 -22.82 22.74
CA SER A 54 -24.69 -23.93 22.97
C SER A 54 -24.93 -24.75 21.71
N GLU A 55 -25.47 -24.11 20.69
CA GLU A 55 -25.93 -24.80 19.49
C GLU A 55 -25.07 -24.45 18.28
N ARG A 56 -25.05 -25.35 17.31
CA ARG A 56 -24.11 -25.32 16.20
C ARG A 56 -24.84 -25.62 14.90
N HIS A 57 -24.25 -25.15 13.80
CA HIS A 57 -24.75 -25.42 12.46
C HIS A 57 -23.59 -25.80 11.55
N TYR A 58 -23.85 -26.68 10.59
CA TYR A 58 -22.80 -27.25 9.76
C TYR A 58 -23.19 -27.16 8.29
N ALA A 59 -22.17 -27.09 7.44
CA ALA A 59 -22.38 -27.15 6.01
C ALA A 59 -22.72 -28.58 5.59
N GLU A 60 -23.52 -28.70 4.53
CA GLU A 60 -24.00 -30.01 4.11
C GLU A 60 -22.86 -30.92 3.68
N SER A 61 -21.77 -30.34 3.16
CA SER A 61 -20.64 -31.11 2.67
C SER A 61 -19.98 -31.91 3.79
N VAL A 62 -20.02 -31.39 5.01
CA VAL A 62 -19.28 -31.96 6.13
C VAL A 62 -20.20 -32.46 7.24
N LYS A 63 -21.51 -32.33 7.08
CA LYS A 63 -22.44 -32.71 8.14
C LYS A 63 -22.23 -34.18 8.49
N GLY A 64 -22.00 -34.46 9.77
CA GLY A 64 -21.76 -35.80 10.23
C GLY A 64 -20.29 -36.20 10.29
N ARG A 65 -19.41 -35.47 9.61
CA ARG A 65 -18.00 -35.75 9.63
C ARG A 65 -17.18 -34.71 10.40
N PHE A 66 -17.79 -33.58 10.77
CA PHE A 66 -17.12 -32.56 11.56
C PHE A 66 -17.87 -32.38 12.86
N THR A 67 -17.14 -32.02 13.91
CA THR A 67 -17.74 -31.72 15.21
C THR A 67 -17.06 -30.46 15.75
N ILE A 68 -17.82 -29.37 15.86
CA ILE A 68 -17.30 -28.12 16.38
C ILE A 68 -17.67 -28.05 17.85
N SER A 69 -16.72 -27.61 18.67
CA SER A 69 -16.91 -27.53 20.11
C SER A 69 -16.26 -26.25 20.60
N ARG A 70 -16.51 -25.93 21.87
CA ARG A 70 -15.98 -24.71 22.44
C ARG A 70 -15.72 -24.93 23.93
N ASP A 71 -14.76 -24.16 24.47
CA ASP A 71 -14.37 -24.26 25.87
C ASP A 71 -14.07 -22.83 26.34
N ASP A 72 -15.14 -22.11 26.74
CA ASP A 72 -15.00 -20.72 27.15
C ASP A 72 -14.08 -20.56 28.35
N SER A 73 -13.91 -21.62 29.14
CA SER A 73 -13.01 -21.58 30.29
C SER A 73 -11.55 -21.47 29.82
N LYS A 74 -11.18 -22.26 28.81
CA LYS A 74 -9.84 -22.27 28.26
C LYS A 74 -9.70 -21.31 27.07
N SER A 75 -10.74 -20.52 26.77
CA SER A 75 -10.72 -19.53 25.70
C SER A 75 -10.18 -20.11 24.40
N SER A 76 -10.59 -21.33 24.08
CA SER A 76 -10.18 -21.97 22.84
C SER A 76 -11.40 -22.59 22.17
N VAL A 77 -11.38 -22.60 20.84
CA VAL A 77 -12.41 -23.26 20.04
C VAL A 77 -11.75 -24.43 19.34
N TYR A 78 -12.54 -25.49 19.14
CA TYR A 78 -12.05 -26.70 18.51
C TYR A 78 -12.87 -26.99 17.27
N LEU A 79 -12.27 -27.78 16.38
CA LEU A 79 -12.98 -28.37 15.26
C LEU A 79 -12.45 -29.79 15.10
N GLN A 80 -13.32 -30.77 15.32
CA GLN A 80 -12.91 -32.17 15.24
C GLN A 80 -13.38 -32.72 13.90
N MET A 81 -12.44 -33.25 13.14
CA MET A 81 -12.68 -33.78 11.81
C MET A 81 -12.39 -35.27 11.84
N ASN A 82 -13.30 -36.06 11.27
CA ASN A 82 -13.12 -37.50 11.21
C ASN A 82 -13.66 -37.98 9.88
N SER A 83 -13.23 -39.17 9.47
CA SER A 83 -13.55 -39.72 8.16
C SER A 83 -13.22 -38.67 7.08
N LEU A 84 -11.98 -38.22 7.10
CA LEU A 84 -11.56 -37.13 6.23
C LEU A 84 -11.49 -37.57 4.78
N ARG A 85 -11.65 -36.59 3.89
CA ARG A 85 -11.62 -36.80 2.45
C ARG A 85 -10.48 -35.98 1.88
N ALA A 86 -10.14 -36.25 0.62
CA ALA A 86 -9.11 -35.47 -0.03
C ALA A 86 -9.54 -34.02 -0.17
N GLU A 87 -10.84 -33.78 -0.41
CA GLU A 87 -11.35 -32.43 -0.59
C GLU A 87 -11.24 -31.58 0.67
N ASP A 88 -11.06 -32.21 1.83
CA ASP A 88 -10.92 -31.45 3.07
C ASP A 88 -9.60 -30.70 3.15
N SER A 89 -8.73 -30.84 2.16
CA SER A 89 -7.45 -30.14 2.18
C SER A 89 -7.65 -28.65 2.01
N GLY A 90 -7.00 -27.88 2.87
CA GLY A 90 -7.10 -26.44 2.81
C GLY A 90 -6.44 -25.82 4.03
N LEU A 91 -6.52 -24.50 4.09
CA LEU A 91 -6.09 -23.73 5.25
C LEU A 91 -7.35 -23.46 6.07
N TYR A 92 -7.35 -23.91 7.31
CA TYR A 92 -8.51 -23.75 8.19
C TYR A 92 -8.32 -22.51 9.03
N TYR A 93 -9.27 -21.58 8.93
CA TYR A 93 -9.19 -20.29 9.58
C TYR A 93 -10.23 -20.22 10.69
N CYS A 94 -9.82 -19.62 11.79
CA CYS A 94 -10.67 -19.34 12.93
C CYS A 94 -11.16 -17.90 12.84
N THR A 95 -12.42 -17.68 13.20
CA THR A 95 -12.95 -16.31 13.16
C THR A 95 -14.23 -16.22 13.96
N ARG A 96 -14.62 -14.97 14.24
CA ARG A 96 -15.82 -14.66 15.00
C ARG A 96 -16.85 -14.01 14.07
N THR A 97 -18.11 -14.43 14.20
CA THR A 97 -19.16 -14.17 13.24
C THR A 97 -20.28 -13.31 13.82
N ALA A 98 -21.00 -12.63 12.92
CA ALA A 98 -22.21 -11.87 13.21
C ALA A 98 -22.95 -11.57 11.90
N GLY A 99 -22.38 -10.67 11.09
CA GLY A 99 -22.79 -10.48 9.70
C GLY A 99 -21.61 -10.41 8.75
N ALA A 100 -20.47 -9.96 9.25
CA ALA A 100 -19.23 -9.87 8.48
C ALA A 100 -18.10 -10.50 9.28
N CYS A 101 -17.12 -11.08 8.58
CA CYS A 101 -15.99 -11.75 9.22
C CYS A 101 -14.85 -10.76 9.37
N GLY A 102 -14.84 -10.03 10.47
CA GLY A 102 -13.91 -8.95 10.66
C GLY A 102 -12.57 -9.37 11.24
N GLN A 103 -12.60 -10.12 12.33
CA GLN A 103 -11.38 -10.54 13.04
C GLN A 103 -11.09 -11.98 12.65
N TRP A 104 -10.00 -12.19 11.92
CA TRP A 104 -9.61 -13.50 11.41
C TRP A 104 -8.41 -14.05 12.15
N GLY A 105 -8.16 -15.33 11.91
CA GLY A 105 -7.04 -16.02 12.54
C GLY A 105 -5.82 -16.09 11.63
N THR A 106 -4.83 -16.83 12.13
CA THR A 106 -3.59 -17.04 11.38
C THR A 106 -3.79 -18.05 10.27
N GLY A 107 -4.44 -19.17 10.57
CA GLY A 107 -4.68 -20.25 9.64
C GLY A 107 -3.76 -21.42 9.96
N THR A 108 -4.31 -22.63 9.86
CA THR A 108 -3.53 -23.85 9.98
C THR A 108 -3.86 -24.79 8.83
N THR A 109 -2.88 -25.60 8.43
CA THR A 109 -2.92 -26.31 7.16
C THR A 109 -3.23 -27.79 7.38
N VAL A 110 -4.17 -28.33 6.60
CA VAL A 110 -4.52 -29.74 6.61
C VAL A 110 -4.24 -30.30 5.23
N THR A 111 -3.51 -31.41 5.17
CA THR A 111 -3.24 -32.14 3.94
C THR A 111 -3.73 -33.57 4.14
N VAL A 112 -4.71 -33.98 3.32
CA VAL A 112 -5.26 -35.32 3.37
C VAL A 112 -4.79 -36.05 2.13
N SER A 113 -3.85 -36.98 2.31
CA SER A 113 -3.34 -37.73 1.19
C SER A 113 -2.76 -39.06 1.68
N SER A 114 -2.82 -40.06 0.80
CA SER A 114 -2.23 -41.36 1.05
C SER A 114 -0.72 -41.35 0.80
N ALA A 115 -0.17 -40.23 0.37
CA ALA A 115 1.24 -40.15 0.07
C ALA A 115 2.06 -40.34 1.35
N LYS A 116 3.31 -40.74 1.15
CA LYS A 116 4.23 -41.00 2.24
C LYS A 116 5.25 -39.87 2.32
N THR A 117 5.52 -39.41 3.53
CA THR A 117 6.53 -38.37 3.73
C THR A 117 7.86 -38.85 3.18
N THR A 118 8.49 -38.04 2.35
CA THR A 118 9.75 -38.39 1.74
C THR A 118 10.64 -37.15 1.72
N PRO A 119 11.91 -37.29 2.10
CA PRO A 119 12.79 -36.12 2.13
C PRO A 119 13.16 -35.69 0.74
N PRO A 120 13.51 -34.42 0.54
CA PRO A 120 13.87 -33.95 -0.80
C PRO A 120 15.29 -34.37 -1.17
N SER A 121 15.56 -34.30 -2.46
CA SER A 121 16.92 -34.43 -2.98
C SER A 121 17.29 -33.07 -3.56
N VAL A 122 18.43 -32.54 -3.13
CA VAL A 122 18.84 -31.19 -3.49
C VAL A 122 20.02 -31.28 -4.45
N TYR A 123 19.84 -30.71 -5.63
CA TYR A 123 20.85 -30.70 -6.67
C TYR A 123 21.19 -29.28 -7.06
N PRO A 124 22.46 -28.97 -7.26
CA PRO A 124 22.85 -27.60 -7.61
C PRO A 124 22.74 -27.34 -9.10
N LEU A 125 22.37 -26.10 -9.43
CA LEU A 125 22.24 -25.66 -10.81
C LEU A 125 23.35 -24.66 -11.08
N ALA A 126 24.29 -25.05 -11.92
CA ALA A 126 25.42 -24.20 -12.28
C ALA A 126 25.51 -24.16 -13.79
N PRO A 127 25.91 -23.02 -14.36
CA PRO A 127 25.87 -22.87 -15.82
C PRO A 127 26.83 -23.82 -16.51
N GLY A 128 26.57 -24.03 -17.80
CA GLY A 128 27.45 -24.86 -18.59
C GLY A 128 28.82 -24.24 -18.79
N SER A 129 29.77 -25.08 -19.19
CA SER A 129 31.16 -24.64 -19.31
C SER A 129 31.28 -23.48 -20.29
N ALA A 130 30.59 -23.55 -21.42
CA ALA A 130 30.66 -22.51 -22.44
C ALA A 130 29.59 -21.44 -22.20
N ALA A 131 29.64 -20.84 -21.02
CA ALA A 131 28.71 -19.77 -20.70
C ALA A 131 29.22 -18.46 -21.30
N ALA A 132 28.30 -17.54 -21.53
CA ALA A 132 28.65 -16.27 -22.19
C ALA A 132 29.44 -15.34 -21.29
N ALA A 133 29.62 -15.66 -20.01
CA ALA A 133 30.40 -14.86 -19.07
C ALA A 133 29.96 -13.41 -19.12
N ALA A 134 28.66 -13.20 -18.89
CA ALA A 134 28.08 -11.87 -18.86
C ALA A 134 28.43 -11.19 -17.52
N SER A 135 27.99 -9.94 -17.36
CA SER A 135 28.34 -9.17 -16.17
C SER A 135 27.79 -9.82 -14.91
N MET A 136 26.63 -10.44 -15.00
CA MET A 136 25.98 -11.09 -13.87
C MET A 136 25.80 -12.57 -14.17
N VAL A 137 26.00 -13.40 -13.15
CA VAL A 137 25.80 -14.84 -13.27
C VAL A 137 24.53 -15.18 -12.50
N THR A 138 23.86 -16.22 -12.96
CA THR A 138 22.65 -16.71 -12.32
C THR A 138 22.87 -18.16 -11.95
N LEU A 139 22.61 -18.49 -10.69
CA LEU A 139 22.78 -19.83 -10.15
C LEU A 139 21.43 -20.30 -9.61
N GLY A 140 21.34 -21.59 -9.35
CA GLY A 140 20.07 -22.17 -8.97
C GLY A 140 20.20 -23.37 -8.08
N CYS A 141 19.10 -23.67 -7.43
CA CYS A 141 18.96 -24.83 -6.57
C CYS A 141 17.72 -25.56 -7.01
N LEU A 142 17.82 -26.88 -7.13
CA LEU A 142 16.67 -27.68 -7.51
C LEU A 142 16.36 -28.62 -6.36
N VAL A 143 15.16 -28.49 -5.81
CA VAL A 143 14.68 -29.31 -4.70
C VAL A 143 13.56 -30.17 -5.24
N LYS A 144 13.81 -31.48 -5.35
CA LYS A 144 12.84 -32.37 -5.97
C LYS A 144 12.69 -33.65 -5.17
N GLY A 145 11.53 -34.27 -5.34
CA GLY A 145 11.24 -35.53 -4.70
C GLY A 145 10.90 -35.40 -3.23
N TYR A 146 10.04 -34.45 -2.87
CA TYR A 146 9.69 -34.26 -1.48
C TYR A 146 8.17 -34.24 -1.31
N PHE A 147 7.74 -34.74 -0.16
CA PHE A 147 6.37 -34.67 0.34
C PHE A 147 6.44 -34.71 1.85
N PRO A 148 5.55 -34.01 2.56
CA PRO A 148 4.62 -33.02 2.01
C PRO A 148 5.20 -31.62 2.01
N GLU A 149 4.38 -30.67 1.59
CA GLU A 149 4.73 -29.27 1.69
C GLU A 149 4.83 -28.91 3.17
N PRO A 150 5.74 -27.99 3.56
CA PRO A 150 6.56 -27.08 2.76
C PRO A 150 8.06 -27.27 2.90
N VAL A 151 8.81 -26.50 2.12
CA VAL A 151 10.26 -26.43 2.21
C VAL A 151 10.63 -24.95 2.32
N THR A 152 11.73 -24.67 3.01
CA THR A 152 12.22 -23.31 3.17
C THR A 152 13.62 -23.23 2.56
N VAL A 153 13.80 -22.30 1.63
CA VAL A 153 15.04 -22.14 0.88
C VAL A 153 15.62 -20.76 1.17
N THR A 154 16.88 -20.72 1.58
CA THR A 154 17.60 -19.48 1.81
C THR A 154 18.96 -19.60 1.15
N TRP A 155 19.53 -18.45 0.79
CA TRP A 155 20.81 -18.40 0.10
C TRP A 155 21.88 -17.82 1.02
N ASN A 156 22.98 -18.55 1.15
CA ASN A 156 24.09 -18.14 1.99
C ASN A 156 23.59 -17.77 3.39
N SER A 157 22.71 -18.62 3.93
CA SER A 157 22.16 -18.47 5.28
C SER A 157 21.45 -17.13 5.47
N GLY A 158 20.81 -16.64 4.41
CA GLY A 158 20.12 -15.38 4.44
C GLY A 158 20.96 -14.17 4.07
N SER A 159 22.27 -14.35 3.87
CA SER A 159 23.12 -13.23 3.45
C SER A 159 22.70 -12.73 2.07
N LEU A 160 22.24 -13.63 1.22
CA LEU A 160 21.76 -13.29 -0.13
C LEU A 160 20.24 -13.30 -0.09
N SER A 161 19.65 -12.11 0.00
CA SER A 161 18.21 -11.97 0.06
C SER A 161 17.64 -11.19 -1.11
N SER A 162 18.50 -10.50 -1.87
CA SER A 162 18.09 -9.69 -3.00
C SER A 162 18.48 -10.42 -4.28
N GLY A 163 17.60 -10.42 -5.27
CA GLY A 163 17.92 -11.12 -6.49
C GLY A 163 17.70 -12.61 -6.43
N VAL A 164 16.91 -13.09 -5.47
CA VAL A 164 16.58 -14.51 -5.36
C VAL A 164 15.14 -14.69 -5.79
N HIS A 165 14.85 -15.80 -6.44
CA HIS A 165 13.50 -16.20 -6.82
C HIS A 165 13.33 -17.64 -6.38
N THR A 166 12.32 -17.89 -5.55
CA THR A 166 11.99 -19.25 -5.14
C THR A 166 10.63 -19.57 -5.76
N PHE A 167 10.61 -20.50 -6.62
CA PHE A 167 9.39 -20.70 -7.36
C PHE A 167 8.45 -21.64 -6.61
N PRO A 168 7.15 -21.45 -6.77
CA PRO A 168 6.18 -22.29 -6.07
C PRO A 168 6.36 -23.74 -6.47
N ALA A 169 6.18 -24.63 -5.51
CA ALA A 169 6.35 -26.05 -5.80
C ALA A 169 5.28 -26.50 -6.78
N VAL A 170 5.63 -27.51 -7.59
CA VAL A 170 4.69 -28.12 -8.51
C VAL A 170 4.62 -29.60 -8.16
N LEU A 171 3.41 -30.13 -8.08
CA LEU A 171 3.18 -31.50 -7.64
C LEU A 171 2.93 -32.40 -8.84
N GLN A 172 3.72 -33.47 -8.92
CA GLN A 172 3.55 -34.47 -9.97
C GLN A 172 3.66 -35.85 -9.33
N SER A 173 2.53 -36.53 -9.22
CA SER A 173 2.46 -37.91 -8.74
C SER A 173 3.18 -38.08 -7.40
N ASP A 174 2.51 -37.72 -6.31
CA ASP A 174 2.89 -38.06 -4.93
C ASP A 174 4.11 -37.30 -4.44
N LEU A 175 4.72 -36.45 -5.25
CA LEU A 175 5.95 -35.77 -4.86
C LEU A 175 5.95 -34.36 -5.41
N TYR A 176 6.69 -33.48 -4.71
CA TYR A 176 6.78 -32.08 -5.07
C TYR A 176 8.16 -31.78 -5.63
N THR A 177 8.23 -30.76 -6.47
CA THR A 177 9.49 -30.33 -7.06
C THR A 177 9.51 -28.81 -7.06
N LEU A 178 10.65 -28.24 -6.66
CA LEU A 178 10.80 -26.81 -6.47
C LEU A 178 12.22 -26.39 -6.83
N SER A 179 12.34 -25.20 -7.40
CA SER A 179 13.62 -24.66 -7.82
C SER A 179 13.72 -23.22 -7.36
N SER A 180 14.94 -22.79 -7.07
CA SER A 180 15.16 -21.42 -6.65
C SER A 180 16.39 -20.89 -7.37
N SER A 181 16.36 -19.61 -7.71
CA SER A 181 17.42 -18.96 -8.49
C SER A 181 17.95 -17.78 -7.71
N VAL A 182 19.26 -17.59 -7.76
CA VAL A 182 19.93 -16.44 -7.16
C VAL A 182 20.82 -15.83 -8.23
N THR A 183 20.93 -14.50 -8.22
CA THR A 183 21.70 -13.75 -9.20
C THR A 183 22.75 -12.93 -8.46
N VAL A 184 24.01 -13.13 -8.82
CA VAL A 184 25.12 -12.42 -8.19
C VAL A 184 26.08 -11.95 -9.27
N PRO A 185 26.89 -10.94 -8.96
CA PRO A 185 27.86 -10.47 -9.95
C PRO A 185 28.90 -11.54 -10.27
N SER A 186 29.33 -11.57 -11.53
CA SER A 186 30.31 -12.56 -11.97
C SER A 186 31.61 -12.43 -11.20
N SER A 187 31.92 -11.23 -10.71
CA SER A 187 33.12 -11.03 -9.91
C SER A 187 33.09 -11.88 -8.65
N THR A 188 31.91 -12.01 -8.04
CA THR A 188 31.79 -12.71 -6.76
C THR A 188 31.95 -14.21 -6.92
N TRP A 189 31.35 -14.78 -7.96
CA TRP A 189 31.33 -16.24 -8.11
C TRP A 189 32.18 -16.66 -9.29
N PRO A 190 33.10 -17.64 -9.12
CA PRO A 190 33.23 -18.49 -7.93
C PRO A 190 34.14 -17.94 -6.82
N ALA A 191 34.58 -16.69 -6.94
CA ALA A 191 35.52 -16.13 -5.97
C ALA A 191 34.96 -16.20 -4.55
N SER A 192 33.71 -15.81 -4.38
CA SER A 192 33.00 -15.91 -3.11
C SER A 192 32.00 -17.04 -3.21
N THR A 193 32.03 -17.95 -2.24
CA THR A 193 31.20 -19.16 -2.30
C THR A 193 29.72 -18.80 -2.22
N VAL A 194 28.89 -19.54 -2.95
CA VAL A 194 27.45 -19.38 -2.94
C VAL A 194 26.84 -20.72 -2.58
N THR A 195 25.99 -20.74 -1.55
CA THR A 195 25.49 -21.98 -0.98
C THR A 195 23.97 -21.95 -0.91
N CYS A 196 23.39 -23.14 -1.02
CA CYS A 196 21.96 -23.36 -1.01
C CYS A 196 21.56 -24.02 0.30
N ASN A 197 20.63 -23.40 1.02
CA ASN A 197 20.21 -23.87 2.33
C ASN A 197 18.75 -24.30 2.24
N VAL A 198 18.51 -25.60 2.26
CA VAL A 198 17.18 -26.18 2.09
C VAL A 198 16.83 -26.96 3.35
N ALA A 199 15.59 -26.81 3.80
CA ALA A 199 15.11 -27.47 5.01
C ALA A 199 13.72 -28.01 4.75
N HIS A 200 13.50 -29.25 5.16
CA HIS A 200 12.19 -29.89 5.06
C HIS A 200 11.77 -30.29 6.46
N PRO A 201 10.83 -29.59 7.09
CA PRO A 201 10.53 -29.89 8.50
C PRO A 201 9.96 -31.28 8.70
N ALA A 202 9.04 -31.69 7.84
CA ALA A 202 8.34 -32.97 8.04
C ALA A 202 9.31 -34.14 8.09
N SER A 203 10.36 -34.10 7.27
CA SER A 203 11.37 -35.15 7.25
C SER A 203 12.52 -34.88 8.23
N SER A 204 12.51 -33.73 8.91
CA SER A 204 13.59 -33.33 9.80
C SER A 204 14.93 -33.39 9.08
N THR A 205 14.97 -32.82 7.88
CA THR A 205 16.16 -32.81 7.04
C THR A 205 16.59 -31.37 6.76
N LYS A 206 17.87 -31.09 6.95
CA LYS A 206 18.48 -29.83 6.57
C LYS A 206 19.73 -30.16 5.77
N VAL A 207 19.85 -29.55 4.58
CA VAL A 207 20.99 -29.81 3.72
C VAL A 207 21.48 -28.50 3.12
N ASP A 208 22.79 -28.44 2.91
CA ASP A 208 23.44 -27.31 2.27
C ASP A 208 24.18 -27.81 1.04
N LYS A 209 23.94 -27.16 -0.10
CA LYS A 209 24.62 -27.50 -1.35
C LYS A 209 25.40 -26.28 -1.83
N ALA A 210 26.67 -26.49 -2.13
CA ALA A 210 27.53 -25.41 -2.60
C ALA A 210 27.61 -25.47 -4.11
N ILE A 211 27.38 -24.33 -4.75
CA ILE A 211 27.36 -24.26 -6.22
C ILE A 211 28.80 -24.14 -6.69
N VAL A 212 29.28 -25.18 -7.37
CA VAL A 212 30.64 -25.23 -7.89
C VAL A 212 30.56 -25.38 -9.41
N PRO A 213 31.38 -24.66 -10.17
CA PRO A 213 31.29 -24.75 -11.64
C PRO A 213 31.76 -26.10 -12.15
N GLY A 214 31.50 -26.33 -13.43
CA GLY A 214 31.88 -27.57 -14.09
C GLY A 214 33.11 -27.44 -14.98
N ASP B 1 -28.43 -23.44 -1.63
CA ASP B 1 -27.14 -22.75 -1.78
C ASP B 1 -27.25 -21.50 -2.63
N ILE B 2 -26.65 -20.41 -2.15
CA ILE B 2 -26.58 -19.15 -2.88
C ILE B 2 -25.24 -19.10 -3.60
N ALA B 3 -25.28 -18.87 -4.91
CA ALA B 3 -24.08 -18.82 -5.74
C ALA B 3 -23.82 -17.36 -6.09
N MET B 4 -22.64 -16.87 -5.74
CA MET B 4 -22.21 -15.52 -6.07
C MET B 4 -21.08 -15.61 -7.09
N THR B 5 -21.29 -14.98 -8.24
CA THR B 5 -20.33 -15.01 -9.34
C THR B 5 -19.69 -13.64 -9.46
N GLN B 6 -18.36 -13.61 -9.51
CA GLN B 6 -17.61 -12.36 -9.56
C GLN B 6 -17.03 -12.17 -10.94
N SER B 7 -17.02 -10.91 -11.40
CA SER B 7 -16.40 -10.52 -12.66
C SER B 7 -15.71 -9.18 -12.45
N PRO B 8 -14.57 -8.96 -13.13
CA PRO B 8 -13.87 -9.94 -13.96
C PRO B 8 -13.07 -10.93 -13.12
N ALA B 9 -12.84 -12.15 -13.62
CA ALA B 9 -12.10 -13.14 -12.84
C ALA B 9 -10.71 -12.64 -12.48
N SER B 10 -10.10 -11.85 -13.36
CA SER B 10 -8.78 -11.28 -13.12
C SER B 10 -8.63 -10.05 -14.00
N LEU B 11 -7.93 -9.05 -13.49
CA LEU B 11 -7.66 -7.87 -14.27
C LEU B 11 -6.29 -7.32 -13.87
N SER B 12 -5.73 -6.52 -14.77
CA SER B 12 -4.47 -5.83 -14.54
C SER B 12 -4.74 -4.34 -14.71
N ALA B 13 -4.34 -3.55 -13.71
CA ALA B 13 -4.66 -2.14 -13.68
C ALA B 13 -3.38 -1.34 -13.77
N SER B 14 -3.33 -0.40 -14.72
CA SER B 14 -2.22 0.53 -14.76
C SER B 14 -2.31 1.41 -13.52
N VAL B 15 -1.18 1.59 -12.83
CA VAL B 15 -1.20 2.21 -11.52
C VAL B 15 -1.76 3.62 -11.60
N GLY B 16 -2.48 4.02 -10.56
CA GLY B 16 -3.03 5.37 -10.48
C GLY B 16 -4.35 5.56 -11.17
N GLU B 17 -4.95 4.51 -11.72
CA GLU B 17 -6.23 4.62 -12.37
C GLU B 17 -7.33 4.16 -11.41
N THR B 18 -8.54 4.03 -11.92
CA THR B 18 -9.66 3.58 -11.12
C THR B 18 -10.23 2.31 -11.73
N VAL B 19 -10.73 1.42 -10.87
CA VAL B 19 -11.24 0.12 -11.30
C VAL B 19 -12.52 -0.18 -10.53
N THR B 20 -13.34 -1.05 -11.12
CA THR B 20 -14.63 -1.44 -10.54
C THR B 20 -14.74 -2.95 -10.60
N ILE B 21 -15.06 -3.57 -9.47
CA ILE B 21 -15.17 -5.02 -9.36
C ILE B 21 -16.60 -5.39 -8.98
N THR B 22 -17.08 -6.51 -9.51
CA THR B 22 -18.48 -6.90 -9.42
C THR B 22 -18.62 -8.28 -8.78
N CYS B 23 -19.55 -8.39 -7.84
CA CYS B 23 -19.95 -9.66 -7.26
C CYS B 23 -21.45 -9.81 -7.48
N ARG B 24 -21.84 -10.81 -8.26
CA ARG B 24 -23.24 -11.00 -8.63
C ARG B 24 -23.73 -12.36 -8.16
N THR B 25 -24.91 -12.41 -7.56
CA THR B 25 -25.36 -13.64 -6.92
C THR B 25 -26.74 -14.05 -7.41
N SER B 26 -27.09 -15.31 -7.10
CA SER B 26 -28.26 -15.97 -7.66
C SER B 26 -29.56 -15.28 -7.26
N GLU B 27 -29.68 -14.86 -6.00
CA GLU B 27 -30.96 -14.37 -5.51
C GLU B 27 -30.77 -13.15 -4.63
N ASN B 28 -31.86 -12.39 -4.47
CA ASN B 28 -31.83 -11.13 -3.75
C ASN B 28 -31.46 -11.38 -2.29
N ILE B 29 -30.57 -10.53 -1.76
CA ILE B 29 -30.03 -10.71 -0.42
C ILE B 29 -30.00 -9.41 0.35
N ALA B 30 -30.80 -8.42 -0.07
CA ALA B 30 -30.91 -7.12 0.60
C ALA B 30 -29.50 -6.52 0.66
N SER B 31 -29.06 -5.97 1.79
CA SER B 31 -27.77 -5.31 1.92
C SER B 31 -26.73 -6.22 2.59
N ALA B 32 -26.98 -7.53 2.65
CA ALA B 32 -26.11 -8.45 3.37
C ALA B 32 -25.02 -8.98 2.43
N LEU B 33 -24.11 -8.07 2.06
CA LEU B 33 -22.95 -8.40 1.24
C LEU B 33 -21.72 -7.70 1.80
N ALA B 34 -20.62 -8.44 1.93
CA ALA B 34 -19.39 -7.92 2.50
C ALA B 34 -18.22 -8.24 1.57
N TRP B 35 -17.20 -7.38 1.64
CA TRP B 35 -16.03 -7.44 0.76
C TRP B 35 -14.75 -7.63 1.56
N TYR B 36 -13.85 -8.46 1.04
CA TYR B 36 -12.55 -8.69 1.68
C TYR B 36 -11.43 -8.54 0.66
N GLN B 37 -10.22 -8.40 1.20
CA GLN B 37 -9.00 -8.40 0.41
C GLN B 37 -8.01 -9.34 1.06
N GLN B 38 -7.38 -10.21 0.27
CA GLN B 38 -6.45 -11.19 0.81
C GLN B 38 -5.12 -11.07 0.08
N LYS B 39 -4.04 -11.21 0.83
CA LYS B 39 -2.69 -11.18 0.30
C LYS B 39 -1.97 -12.49 0.63
N GLN B 40 -0.84 -12.69 -0.04
CA GLN B 40 -0.06 -13.91 0.12
C GLN B 40 0.38 -14.05 1.57
N GLY B 41 0.16 -15.23 2.13
CA GLY B 41 0.55 -15.45 3.52
C GLY B 41 -0.29 -14.68 4.52
N LYS B 42 -1.52 -14.32 4.17
CA LYS B 42 -2.36 -13.52 5.04
C LYS B 42 -3.81 -13.98 4.97
N SER B 43 -4.56 -13.65 6.03
CA SER B 43 -5.98 -13.91 6.07
C SER B 43 -6.73 -12.81 5.32
N PRO B 44 -7.98 -13.04 4.94
CA PRO B 44 -8.74 -11.97 4.27
C PRO B 44 -8.87 -10.77 5.19
N GLN B 45 -8.87 -9.59 4.58
CA GLN B 45 -8.98 -8.32 5.30
C GLN B 45 -10.31 -7.68 4.92
N LEU B 46 -11.11 -7.35 5.93
CA LEU B 46 -12.42 -6.77 5.66
C LEU B 46 -12.27 -5.35 5.15
N LEU B 47 -12.89 -5.07 4.02
CA LEU B 47 -12.84 -3.76 3.37
C LEU B 47 -14.15 -2.98 3.50
N VAL B 48 -15.26 -3.61 3.15
CA VAL B 48 -16.57 -2.98 3.19
C VAL B 48 -17.55 -3.98 3.75
N MET B 49 -18.34 -3.57 4.74
CA MET B 49 -19.33 -4.41 5.38
C MET B 49 -20.72 -3.94 4.98
N ASN B 50 -21.64 -4.88 4.89
CA ASN B 50 -23.05 -4.60 4.61
C ASN B 50 -23.21 -3.68 3.39
N ALA B 51 -22.66 -4.16 2.27
CA ALA B 51 -22.80 -3.54 0.95
C ALA B 51 -22.06 -2.22 0.82
N LYS B 52 -22.39 -1.24 1.66
CA LYS B 52 -21.82 0.10 1.57
C LYS B 52 -21.13 0.58 2.83
N THR B 53 -21.42 0.02 4.01
CA THR B 53 -20.87 0.57 5.23
C THR B 53 -19.35 0.38 5.23
N LEU B 54 -18.65 1.27 5.91
CA LEU B 54 -17.21 1.41 5.80
C LEU B 54 -16.54 0.87 7.07
N ALA B 55 -15.53 0.02 6.89
CA ALA B 55 -14.75 -0.48 8.02
C ALA B 55 -13.70 0.54 8.41
N ALA B 56 -13.33 0.53 9.69
CA ALA B 56 -12.40 1.53 10.23
C ALA B 56 -10.97 1.09 9.98
N GLY B 57 -10.13 2.06 9.59
CA GLY B 57 -8.76 1.78 9.26
C GLY B 57 -8.50 1.40 7.81
N VAL B 58 -9.54 1.26 7.01
CA VAL B 58 -9.42 0.91 5.60
C VAL B 58 -9.51 2.21 4.80
N PRO B 59 -8.62 2.45 3.84
CA PRO B 59 -8.57 3.75 3.17
C PRO B 59 -9.86 4.09 2.43
N SER B 60 -10.10 5.40 2.29
CA SER B 60 -11.33 5.92 1.72
C SER B 60 -11.47 5.65 0.22
N ARG B 61 -10.39 5.28 -0.47
CA ARG B 61 -10.50 4.99 -1.89
C ARG B 61 -11.44 3.83 -2.15
N PHE B 62 -11.51 2.88 -1.24
CA PHE B 62 -12.43 1.77 -1.35
C PHE B 62 -13.86 2.23 -1.08
N SER B 63 -14.77 1.88 -1.98
CA SER B 63 -16.17 2.19 -1.81
C SER B 63 -16.97 1.06 -2.44
N GLY B 64 -18.05 0.68 -1.78
CA GLY B 64 -18.92 -0.36 -2.27
C GLY B 64 -20.35 0.12 -2.31
N SER B 65 -21.12 -0.44 -3.22
CA SER B 65 -22.48 0.01 -3.46
C SER B 65 -23.30 -1.12 -4.03
N GLY B 66 -24.59 -0.88 -4.14
CA GLY B 66 -25.54 -1.83 -4.69
C GLY B 66 -26.40 -2.47 -3.62
N SER B 67 -27.50 -3.05 -4.07
CA SER B 67 -28.38 -3.82 -3.19
C SER B 67 -29.16 -4.79 -4.05
N GLY B 68 -29.53 -5.93 -3.47
CA GLY B 68 -30.33 -6.89 -4.20
C GLY B 68 -29.53 -7.72 -5.19
N THR B 69 -29.69 -7.42 -6.47
CA THR B 69 -29.18 -8.25 -7.56
C THR B 69 -28.06 -7.59 -8.36
N ALA B 70 -27.40 -6.57 -7.82
CA ALA B 70 -26.21 -6.01 -8.47
C ALA B 70 -25.31 -5.38 -7.42
N PHE B 71 -24.09 -5.90 -7.26
CA PHE B 71 -23.11 -5.33 -6.36
C PHE B 71 -21.84 -4.96 -7.09
N SER B 72 -21.22 -3.86 -6.69
CA SER B 72 -19.97 -3.40 -7.28
C SER B 72 -19.07 -2.87 -6.18
N LEU B 73 -17.79 -3.21 -6.28
CA LEU B 73 -16.77 -2.69 -5.38
C LEU B 73 -15.88 -1.77 -6.21
N LYS B 74 -15.75 -0.53 -5.76
CA LYS B 74 -15.10 0.51 -6.54
C LYS B 74 -13.85 0.97 -5.82
N ILE B 75 -12.74 0.99 -6.55
CA ILE B 75 -11.45 1.48 -6.04
C ILE B 75 -11.06 2.68 -6.90
N ASN B 76 -10.72 3.77 -6.25
CA ASN B 76 -10.34 5.01 -6.93
C ASN B 76 -8.85 5.22 -6.71
N SER B 77 -8.13 5.55 -7.79
CA SER B 77 -6.69 5.76 -7.74
C SER B 77 -5.98 4.57 -7.11
N LEU B 78 -5.83 3.49 -7.86
CA LEU B 78 -5.18 2.29 -7.34
C LEU B 78 -3.72 2.55 -6.98
N GLN B 79 -3.17 1.66 -6.19
CA GLN B 79 -1.78 1.69 -5.75
C GLN B 79 -1.25 0.28 -5.79
N PRO B 80 0.08 0.10 -5.88
CA PRO B 80 0.62 -1.26 -5.96
C PRO B 80 0.32 -2.09 -4.74
N GLU B 81 0.05 -1.46 -3.60
CA GLU B 81 -0.26 -2.20 -2.38
C GLU B 81 -1.60 -2.92 -2.46
N ASP B 82 -2.44 -2.59 -3.44
CA ASP B 82 -3.75 -3.20 -3.62
C ASP B 82 -3.67 -4.49 -4.41
N PHE B 83 -2.47 -4.96 -4.71
CA PHE B 83 -2.30 -6.22 -5.41
C PHE B 83 -2.74 -7.37 -4.51
N GLY B 84 -3.69 -8.17 -4.99
CA GLY B 84 -4.15 -9.32 -4.25
C GLY B 84 -5.43 -9.88 -4.85
N SER B 85 -6.06 -10.79 -4.11
CA SER B 85 -7.35 -11.37 -4.50
C SER B 85 -8.44 -10.70 -3.68
N TYR B 86 -9.53 -10.34 -4.35
CA TYR B 86 -10.69 -9.68 -3.74
C TYR B 86 -11.85 -10.65 -3.78
N SER B 87 -12.42 -10.93 -2.61
CA SER B 87 -13.49 -11.90 -2.48
C SER B 87 -14.72 -11.23 -1.89
N CYS B 88 -15.89 -11.77 -2.21
CA CYS B 88 -17.15 -11.28 -1.68
C CYS B 88 -17.83 -12.40 -0.91
N GLN B 89 -18.55 -12.00 0.13
CA GLN B 89 -19.27 -12.85 1.06
C GLN B 89 -20.62 -12.25 1.42
N HIS B 90 -21.65 -13.11 1.57
CA HIS B 90 -23.00 -12.68 1.89
C HIS B 90 -23.42 -13.24 3.24
N ALA B 91 -24.19 -12.46 4.00
CA ALA B 91 -24.71 -12.88 5.30
C ALA B 91 -26.17 -13.30 5.24
N ALA B 92 -26.57 -14.08 4.24
CA ALA B 92 -27.94 -14.59 4.13
C ALA B 92 -28.02 -15.92 4.88
N GLY B 93 -28.48 -15.85 6.12
CA GLY B 93 -28.63 -17.04 6.96
C GLY B 93 -27.46 -17.21 7.89
N TRP B 94 -26.96 -18.45 8.00
CA TRP B 94 -25.77 -18.74 8.80
C TRP B 94 -24.69 -19.47 8.01
N LEU B 95 -25.04 -20.02 6.84
CA LEU B 95 -24.09 -20.65 5.92
C LEU B 95 -23.72 -19.57 4.91
N LEU B 96 -22.82 -18.71 5.32
CA LEU B 96 -22.32 -17.63 4.47
C LEU B 96 -21.40 -18.19 3.41
N THR B 97 -21.72 -17.90 2.15
CA THR B 97 -20.90 -18.37 1.04
C THR B 97 -19.96 -17.25 0.54
N PHE B 98 -19.11 -17.59 -0.43
CA PHE B 98 -18.09 -16.70 -0.93
C PHE B 98 -18.04 -16.78 -2.46
N GLY B 99 -17.38 -15.79 -3.06
CA GLY B 99 -17.21 -15.78 -4.50
C GLY B 99 -15.96 -16.53 -4.92
N GLY B 100 -15.88 -16.80 -6.23
CA GLY B 100 -14.71 -17.46 -6.77
C GLY B 100 -13.44 -16.64 -6.58
N GLY B 101 -13.58 -15.32 -6.51
CA GLY B 101 -12.47 -14.42 -6.31
C GLY B 101 -12.11 -13.66 -7.58
N THR B 102 -11.49 -12.51 -7.38
CA THR B 102 -11.00 -11.66 -8.47
C THR B 102 -9.55 -11.29 -8.18
N LYS B 103 -8.66 -11.59 -9.12
CA LYS B 103 -7.24 -11.34 -8.94
C LYS B 103 -6.88 -9.99 -9.53
N LEU B 104 -6.31 -9.13 -8.70
CA LEU B 104 -5.92 -7.78 -9.09
C LEU B 104 -4.41 -7.77 -9.26
N GLU B 105 -3.95 -7.39 -10.44
CA GLU B 105 -2.53 -7.34 -10.73
C GLU B 105 -2.20 -5.97 -11.29
N ILE B 106 -0.91 -5.71 -11.43
CA ILE B 106 -0.42 -4.38 -11.70
C ILE B 106 0.19 -4.35 -13.09
N LYS B 107 0.02 -3.21 -13.76
CA LYS B 107 0.57 -2.98 -15.08
C LYS B 107 1.84 -2.18 -14.98
N ARG B 108 2.84 -2.58 -15.77
CA ARG B 108 4.12 -1.90 -15.82
C ARG B 108 4.56 -1.84 -17.28
N ALA B 109 5.62 -1.09 -17.54
CA ALA B 109 6.17 -1.05 -18.88
C ALA B 109 6.72 -2.43 -19.24
N ASP B 110 6.51 -2.85 -20.48
CA ASP B 110 6.89 -4.19 -20.89
C ASP B 110 8.39 -4.39 -20.65
N ALA B 111 8.75 -5.58 -20.19
CA ALA B 111 10.14 -5.91 -19.94
C ALA B 111 10.40 -7.34 -20.35
N ALA B 112 11.60 -7.59 -20.86
CA ALA B 112 12.06 -8.80 -21.50
C ALA B 112 12.74 -9.73 -20.49
N PRO B 113 12.63 -11.03 -20.68
CA PRO B 113 13.10 -11.98 -19.66
C PRO B 113 14.62 -12.10 -19.66
N THR B 114 15.12 -12.66 -18.56
CA THR B 114 16.54 -12.94 -18.38
C THR B 114 16.68 -14.46 -18.33
N VAL B 115 16.97 -15.07 -19.48
CA VAL B 115 16.94 -16.51 -19.64
C VAL B 115 18.27 -17.11 -19.21
N SER B 116 18.19 -18.24 -18.50
CA SER B 116 19.34 -18.99 -18.03
C SER B 116 18.96 -20.46 -18.10
N ILE B 117 19.90 -21.29 -18.54
CA ILE B 117 19.66 -22.71 -18.72
C ILE B 117 20.75 -23.49 -18.01
N PHE B 118 20.37 -24.61 -17.38
CA PHE B 118 21.29 -25.37 -16.55
C PHE B 118 21.22 -26.84 -16.92
N PRO B 119 22.36 -27.49 -17.11
CA PRO B 119 22.36 -28.93 -17.38
C PRO B 119 22.16 -29.72 -16.10
N PRO B 120 21.88 -31.01 -16.19
CA PRO B 120 21.67 -31.80 -14.97
C PRO B 120 22.91 -31.83 -14.09
N SER B 121 22.69 -31.97 -12.79
CA SER B 121 23.80 -32.07 -11.86
C SER B 121 24.49 -33.43 -12.01
N SER B 122 25.76 -33.47 -11.59
CA SER B 122 26.46 -34.75 -11.53
C SER B 122 25.82 -35.67 -10.49
N GLU B 123 25.31 -35.09 -9.40
CA GLU B 123 24.68 -35.87 -8.34
C GLU B 123 23.39 -36.51 -8.81
N GLN B 124 22.56 -35.75 -9.54
CA GLN B 124 21.30 -36.29 -10.02
C GLN B 124 21.54 -37.49 -10.94
N LEU B 125 22.55 -37.41 -11.79
CA LEU B 125 22.84 -38.49 -12.72
C LEU B 125 23.17 -39.79 -12.00
N THR B 126 24.09 -39.73 -11.02
CA THR B 126 24.42 -40.92 -10.25
C THR B 126 23.22 -41.46 -9.49
N SER B 127 22.17 -40.64 -9.34
CA SER B 127 20.93 -41.06 -8.72
C SER B 127 19.92 -41.57 -9.73
N GLY B 128 20.28 -41.64 -11.01
CA GLY B 128 19.43 -42.24 -12.01
C GLY B 128 18.47 -41.31 -12.70
N GLY B 129 18.69 -40.00 -12.63
CA GLY B 129 17.78 -39.06 -13.25
C GLY B 129 18.53 -37.87 -13.79
N ALA B 130 17.85 -37.11 -14.65
CA ALA B 130 18.45 -35.92 -15.23
C ALA B 130 17.35 -34.90 -15.48
N SER B 131 17.49 -33.72 -14.86
CA SER B 131 16.53 -32.65 -15.02
C SER B 131 17.26 -31.45 -15.63
N VAL B 132 16.67 -30.87 -16.67
CA VAL B 132 17.20 -29.69 -17.32
C VAL B 132 16.33 -28.51 -16.91
N VAL B 133 16.98 -27.41 -16.51
CA VAL B 133 16.31 -26.28 -15.89
C VAL B 133 16.53 -25.05 -16.74
N CYS B 134 15.44 -24.31 -17.00
CA CYS B 134 15.48 -23.04 -17.68
C CYS B 134 14.84 -21.98 -16.79
N PHE B 135 15.54 -20.87 -16.58
CA PHE B 135 15.08 -19.81 -15.70
C PHE B 135 14.75 -18.60 -16.56
N LEU B 136 13.51 -18.12 -16.46
CA LEU B 136 13.07 -16.91 -17.14
C LEU B 136 12.67 -15.92 -16.07
N ASN B 137 13.47 -14.87 -15.90
CA ASN B 137 13.37 -13.99 -14.75
C ASN B 137 13.01 -12.58 -15.16
N ASN B 138 12.23 -11.93 -14.29
CA ASN B 138 11.98 -10.49 -14.32
C ASN B 138 11.52 -10.04 -15.71
N PHE B 139 10.33 -10.51 -16.07
CA PHE B 139 9.72 -10.14 -17.33
C PHE B 139 8.27 -9.75 -17.11
N TYR B 140 7.79 -8.85 -17.96
CA TYR B 140 6.41 -8.42 -18.01
C TYR B 140 6.04 -8.25 -19.48
N PRO B 141 4.84 -8.68 -19.90
CA PRO B 141 3.75 -9.33 -19.17
C PRO B 141 3.89 -10.84 -18.92
N LYS B 142 2.93 -11.39 -18.17
CA LYS B 142 2.97 -12.80 -17.79
C LYS B 142 2.86 -13.73 -19.00
N ASP B 143 2.16 -13.29 -20.05
CA ASP B 143 1.94 -14.14 -21.21
C ASP B 143 3.27 -14.45 -21.87
N ILE B 144 3.72 -15.70 -21.76
CA ILE B 144 4.99 -16.13 -22.33
C ILE B 144 4.84 -17.56 -22.79
N ASN B 145 5.60 -17.92 -23.82
CA ASN B 145 5.60 -19.28 -24.35
C ASN B 145 7.03 -19.78 -24.31
N VAL B 146 7.22 -20.98 -23.76
CA VAL B 146 8.53 -21.60 -23.64
C VAL B 146 8.51 -22.88 -24.44
N LYS B 147 9.48 -23.04 -25.33
CA LYS B 147 9.58 -24.18 -26.22
C LYS B 147 10.89 -24.90 -25.93
N TRP B 148 10.82 -26.22 -25.82
CA TRP B 148 11.98 -27.06 -25.58
C TRP B 148 12.32 -27.81 -26.85
N LYS B 149 13.56 -27.68 -27.30
CA LYS B 149 14.05 -28.39 -28.47
C LYS B 149 15.19 -29.29 -28.04
N ILE B 150 15.09 -30.57 -28.38
CA ILE B 150 16.13 -31.55 -28.12
C ILE B 150 16.70 -31.93 -29.47
N ASP B 151 17.96 -31.56 -29.69
CA ASP B 151 18.63 -31.87 -30.95
C ASP B 151 17.83 -31.33 -32.13
N GLY B 152 17.31 -30.12 -31.98
CA GLY B 152 16.57 -29.45 -33.03
C GLY B 152 15.12 -29.86 -33.17
N SER B 153 14.66 -30.85 -32.40
CA SER B 153 13.30 -31.35 -32.51
C SER B 153 12.55 -30.95 -31.24
N GLU B 154 11.35 -30.39 -31.43
CA GLU B 154 10.56 -29.92 -30.30
C GLU B 154 10.15 -31.07 -29.40
N ARG B 155 10.04 -30.76 -28.11
CA ARG B 155 9.56 -31.73 -27.13
C ARG B 155 8.30 -31.17 -26.49
N GLN B 156 7.16 -31.84 -26.73
CA GLN B 156 5.88 -31.32 -26.25
C GLN B 156 5.70 -31.56 -24.76
N ASN B 157 5.91 -32.79 -24.29
CA ASN B 157 5.53 -33.20 -22.96
C ASN B 157 6.75 -33.63 -22.14
N GLY B 158 6.56 -33.67 -20.83
CA GLY B 158 7.65 -33.86 -19.90
C GLY B 158 8.13 -32.58 -19.23
N VAL B 159 7.47 -31.46 -19.48
CA VAL B 159 7.90 -30.14 -19.01
C VAL B 159 7.05 -29.72 -17.82
N LEU B 160 7.70 -29.20 -16.79
CA LEU B 160 7.03 -28.64 -15.62
C LEU B 160 7.33 -27.15 -15.57
N ASN B 161 6.28 -26.34 -15.55
CA ASN B 161 6.43 -24.89 -15.50
C ASN B 161 5.82 -24.38 -14.19
N SER B 162 6.49 -23.40 -13.60
CA SER B 162 6.01 -22.78 -12.39
C SER B 162 6.25 -21.28 -12.47
N TRP B 163 5.29 -20.51 -11.95
CA TRP B 163 5.31 -19.06 -12.03
C TRP B 163 5.34 -18.49 -10.62
N THR B 164 5.93 -17.30 -10.50
CA THR B 164 5.90 -16.60 -9.24
C THR B 164 4.75 -15.60 -9.24
N ASP B 165 4.31 -15.22 -8.06
CA ASP B 165 3.37 -14.14 -7.95
C ASP B 165 4.05 -12.86 -8.41
N GLN B 166 3.26 -11.87 -8.79
CA GLN B 166 3.84 -10.62 -9.25
C GLN B 166 4.78 -10.07 -8.19
N ASP B 167 5.94 -9.58 -8.62
CA ASP B 167 6.93 -9.09 -7.67
C ASP B 167 6.43 -7.82 -7.00
N SER B 168 6.64 -7.75 -5.68
CA SER B 168 6.24 -6.57 -4.92
C SER B 168 7.00 -5.34 -5.35
N ALA B 169 8.30 -5.49 -5.63
CA ALA B 169 9.15 -4.33 -5.90
C ALA B 169 8.95 -3.77 -7.31
N ASP B 170 9.13 -4.60 -8.35
CA ASP B 170 9.18 -4.09 -9.73
C ASP B 170 8.06 -4.59 -10.63
N SER B 171 7.06 -5.28 -10.09
CA SER B 171 5.87 -5.70 -10.85
C SER B 171 6.22 -6.63 -12.01
N THR B 172 7.29 -7.41 -11.86
CA THR B 172 7.78 -8.30 -12.90
C THR B 172 7.53 -9.75 -12.52
N TYR B 173 7.19 -10.56 -13.51
CA TYR B 173 7.01 -11.98 -13.29
C TYR B 173 8.30 -12.75 -13.52
N SER B 174 8.29 -14.02 -13.14
CA SER B 174 9.38 -14.93 -13.37
C SER B 174 8.81 -16.34 -13.41
N MET B 175 9.47 -17.22 -14.15
CA MET B 175 9.01 -18.59 -14.27
C MET B 175 10.20 -19.52 -14.44
N SER B 176 9.97 -20.79 -14.15
CA SER B 176 10.97 -21.83 -14.27
C SER B 176 10.36 -23.00 -15.03
N SER B 177 10.99 -23.38 -16.14
CA SER B 177 10.56 -24.52 -16.92
C SER B 177 11.57 -25.62 -16.68
N THR B 178 11.12 -26.73 -16.12
CA THR B 178 11.99 -27.84 -15.79
C THR B 178 11.61 -29.03 -16.66
N LEU B 179 12.57 -29.52 -17.44
CA LEU B 179 12.36 -30.67 -18.29
C LEU B 179 13.04 -31.88 -17.65
N THR B 180 12.25 -32.89 -17.32
CA THR B 180 12.74 -34.03 -16.55
C THR B 180 12.79 -35.26 -17.43
N LEU B 181 13.94 -35.94 -17.41
CA LEU B 181 14.15 -37.18 -18.13
C LEU B 181 14.90 -38.13 -17.21
N THR B 182 14.94 -39.40 -17.62
CA THR B 182 15.84 -40.33 -16.96
C THR B 182 17.26 -40.07 -17.46
N LYS B 183 18.24 -40.61 -16.72
CA LYS B 183 19.63 -40.46 -17.15
C LYS B 183 19.83 -41.05 -18.54
N ASP B 184 19.35 -42.28 -18.76
CA ASP B 184 19.59 -42.96 -20.03
C ASP B 184 19.00 -42.19 -21.19
N GLU B 185 17.87 -41.53 -20.99
CA GLU B 185 17.28 -40.79 -22.07
C GLU B 185 18.03 -39.52 -22.27
N TYR B 186 18.45 -38.92 -21.21
CA TYR B 186 19.23 -37.69 -21.33
C TYR B 186 20.48 -37.95 -22.16
N GLU B 187 21.21 -39.04 -21.86
CA GLU B 187 22.47 -39.34 -22.53
C GLU B 187 22.27 -39.74 -23.98
N ARG B 188 21.04 -39.90 -24.45
CA ARG B 188 20.80 -40.29 -25.83
C ARG B 188 20.97 -39.14 -26.81
N HIS B 189 20.83 -37.89 -26.36
CA HIS B 189 20.83 -36.73 -27.24
C HIS B 189 21.99 -35.81 -26.89
N ASN B 190 22.31 -34.91 -27.81
CA ASN B 190 23.48 -34.03 -27.68
C ASN B 190 23.13 -32.60 -27.27
N SER B 191 22.06 -32.01 -27.81
CA SER B 191 21.79 -30.59 -27.65
C SER B 191 20.43 -30.36 -27.03
N TYR B 192 20.39 -29.59 -25.95
CA TYR B 192 19.17 -29.17 -25.27
C TYR B 192 19.03 -27.66 -25.36
N THR B 193 17.84 -27.20 -25.70
CA THR B 193 17.62 -25.80 -26.01
C THR B 193 16.35 -25.30 -25.36
N CYS B 194 16.39 -24.04 -24.93
CA CYS B 194 15.27 -23.34 -24.30
C CYS B 194 14.91 -22.14 -25.16
N GLU B 195 13.70 -22.12 -25.70
CA GLU B 195 13.25 -21.04 -26.57
C GLU B 195 12.11 -20.30 -25.89
N ALA B 196 12.35 -19.03 -25.57
CA ALA B 196 11.39 -18.19 -24.88
C ALA B 196 10.85 -17.18 -25.86
N THR B 197 9.53 -17.19 -26.06
CA THR B 197 8.86 -16.30 -27.00
C THR B 197 8.04 -15.30 -26.20
N HIS B 198 8.31 -14.02 -26.40
CA HIS B 198 7.69 -12.95 -25.64
C HIS B 198 7.27 -11.84 -26.59
N LYS B 199 6.33 -11.01 -26.13
CA LYS B 199 5.88 -9.89 -26.94
C LYS B 199 6.98 -8.87 -27.16
N THR B 200 8.02 -8.86 -26.32
CA THR B 200 9.04 -7.81 -26.39
C THR B 200 9.86 -7.91 -27.66
N SER B 201 10.03 -9.10 -28.23
CA SER B 201 10.88 -9.27 -29.40
C SER B 201 10.20 -10.18 -30.42
N THR B 202 10.38 -9.85 -31.70
CA THR B 202 9.88 -10.71 -32.77
C THR B 202 10.63 -12.03 -32.81
N SER B 203 11.93 -12.01 -32.51
CA SER B 203 12.75 -13.20 -32.50
C SER B 203 12.90 -13.72 -31.08
N PRO B 204 12.74 -15.03 -30.87
CA PRO B 204 12.76 -15.57 -29.51
C PRO B 204 14.15 -15.49 -28.90
N ILE B 205 14.20 -15.66 -27.59
CA ILE B 205 15.45 -15.69 -26.86
C ILE B 205 15.85 -17.15 -26.71
N VAL B 206 16.99 -17.52 -27.27
CA VAL B 206 17.41 -18.91 -27.38
C VAL B 206 18.64 -19.11 -26.51
N LYS B 207 18.58 -20.11 -25.63
CA LYS B 207 19.70 -20.57 -24.84
C LYS B 207 19.76 -22.08 -24.92
N SER B 208 20.96 -22.61 -25.01
CA SER B 208 21.13 -24.03 -25.24
C SER B 208 22.48 -24.47 -24.70
N PHE B 209 22.66 -25.78 -24.62
CA PHE B 209 23.94 -26.34 -24.22
C PHE B 209 24.04 -27.72 -24.83
N ASN B 210 25.29 -28.18 -24.95
CA ASN B 210 25.57 -29.49 -25.50
C ASN B 210 26.17 -30.36 -24.41
N ARG B 211 25.67 -31.59 -24.31
CA ARG B 211 26.13 -32.53 -23.31
C ARG B 211 27.59 -32.91 -23.51
N ALA B 212 28.10 -32.78 -24.74
CA ALA B 212 29.47 -33.18 -25.05
C ALA B 212 30.46 -32.06 -24.72
N GLU B 213 30.60 -31.83 -23.43
CA GLU B 213 31.54 -30.83 -22.88
C GLU B 213 31.86 -31.16 -21.42
N TRP C 15 28.72 39.47 -8.46
CA TRP C 15 27.60 39.95 -9.26
C TRP C 15 26.54 38.86 -9.41
N GLY C 16 26.29 38.46 -10.66
CA GLY C 16 25.36 37.39 -10.94
C GLY C 16 24.51 37.67 -12.16
N PRO C 17 23.21 37.36 -12.05
CA PRO C 17 22.31 37.54 -13.20
C PRO C 17 21.93 38.97 -13.47
N TYR C 18 22.47 39.94 -12.73
CA TYR C 18 22.28 41.34 -13.09
C TYR C 18 22.78 41.60 -14.51
N MET C 19 23.87 40.93 -14.88
CA MET C 19 24.38 41.04 -16.25
C MET C 19 23.34 40.58 -17.24
N LEU C 20 22.67 39.46 -16.95
CA LEU C 20 21.62 38.98 -17.83
C LEU C 20 20.51 40.01 -17.97
N VAL C 21 20.18 40.70 -16.88
CA VAL C 21 19.26 41.84 -16.97
C VAL C 21 19.86 42.93 -17.86
N LEU C 22 21.18 43.18 -17.70
CA LEU C 22 21.85 44.14 -18.56
C LEU C 22 21.95 43.63 -19.99
N LEU C 23 22.45 42.39 -20.17
CA LEU C 23 22.65 41.85 -21.50
C LEU C 23 21.34 41.80 -22.28
N LEU C 24 20.31 41.19 -21.68
CA LEU C 24 19.01 41.16 -22.35
C LEU C 24 18.45 42.56 -22.50
N GLY C 25 18.77 43.45 -21.55
CA GLY C 25 18.26 44.81 -21.63
C GLY C 25 18.70 45.55 -22.88
N THR C 26 19.97 45.41 -23.25
CA THR C 26 20.44 46.01 -24.50
C THR C 26 19.73 45.41 -25.70
N GLY C 27 19.63 44.07 -25.74
CA GLY C 27 19.00 43.41 -26.86
C GLY C 27 17.59 43.89 -27.13
N ILE C 28 16.77 43.97 -26.08
CA ILE C 28 15.46 44.61 -26.24
C ILE C 28 15.62 46.07 -26.60
N PHE C 29 16.56 46.77 -25.96
CA PHE C 29 16.74 48.20 -26.20
C PHE C 29 17.17 48.46 -27.64
N LEU C 30 18.26 47.81 -28.06
CA LEU C 30 18.78 48.02 -29.41
C LEU C 30 17.73 47.66 -30.45
N THR C 31 16.97 46.58 -30.20
CA THR C 31 15.88 46.19 -31.08
C THR C 31 14.85 47.31 -31.20
N LEU C 32 14.59 48.03 -30.10
CA LEU C 32 13.69 49.18 -30.16
C LEU C 32 14.29 50.30 -31.00
N ARG C 33 15.55 50.64 -30.74
CA ARG C 33 16.20 51.72 -31.47
C ARG C 33 16.31 51.42 -32.96
N LEU C 34 16.51 50.16 -33.31
CA LEU C 34 16.66 49.74 -34.70
C LEU C 34 15.35 49.28 -35.31
N GLY C 35 14.23 49.52 -34.63
CA GLY C 35 12.90 49.29 -35.17
C GLY C 35 12.65 47.92 -35.75
N PHE C 36 12.92 46.87 -34.98
CA PHE C 36 12.66 45.48 -35.39
C PHE C 36 13.32 45.17 -36.72
N MET C 37 14.55 45.62 -36.89
CA MET C 37 15.22 45.47 -38.19
C MET C 37 15.48 44.01 -38.52
N GLN C 38 15.60 43.14 -37.50
CA GLN C 38 16.07 41.78 -37.73
C GLN C 38 15.16 41.03 -38.69
N ILE C 39 13.86 41.26 -38.62
CA ILE C 39 12.92 40.50 -39.43
C ILE C 39 13.07 40.87 -40.90
N HIS C 40 13.31 42.15 -41.18
CA HIS C 40 13.40 42.62 -42.57
C HIS C 40 14.80 42.39 -43.13
N THR C 41 15.83 42.65 -42.34
CA THR C 41 17.21 42.52 -42.80
C THR C 41 17.63 41.05 -42.94
N LEU C 42 16.91 40.13 -42.30
CA LEU C 42 17.35 38.73 -42.25
C LEU C 42 17.42 38.08 -43.63
N PRO C 43 16.39 38.15 -44.48
CA PRO C 43 16.51 37.47 -45.79
C PRO C 43 17.66 37.99 -46.63
N TYR C 44 17.80 39.31 -46.75
CA TYR C 44 18.89 39.87 -47.54
C TYR C 44 20.24 39.40 -47.04
N ALA C 45 20.47 39.53 -45.73
CA ALA C 45 21.72 39.06 -45.15
C ALA C 45 21.90 37.57 -45.43
N LEU C 46 20.82 36.80 -45.36
CA LEU C 46 20.91 35.38 -45.67
C LEU C 46 21.28 35.16 -47.14
N LYS C 47 20.62 35.87 -48.05
CA LYS C 47 21.02 35.80 -49.45
C LYS C 47 22.43 36.35 -49.64
N LEU C 48 22.75 37.46 -48.98
CA LEU C 48 24.07 38.05 -49.12
C LEU C 48 25.15 37.13 -48.57
N ALA C 49 24.92 36.54 -47.39
CA ALA C 49 25.95 35.74 -46.75
C ALA C 49 26.37 34.56 -47.62
N PHE C 50 25.42 33.89 -48.26
CA PHE C 50 25.69 32.70 -49.05
C PHE C 50 25.78 32.99 -50.54
N SER C 51 25.82 34.27 -50.92
CA SER C 51 26.01 34.65 -52.31
C SER C 51 27.38 34.17 -52.80
N LYS C 52 27.47 33.98 -54.12
CA LYS C 52 28.72 33.56 -54.74
C LYS C 52 29.51 34.77 -55.24
N GLU C 56 33.20 39.19 -52.67
CA GLU C 56 33.83 40.51 -52.73
C GLU C 56 35.30 40.47 -52.28
N THR C 57 36.13 41.23 -52.99
CA THR C 57 37.57 41.34 -52.69
C THR C 57 37.87 42.83 -52.55
N SER C 58 37.81 43.31 -51.31
CA SER C 58 38.05 44.71 -51.01
C SER C 58 39.07 44.81 -49.89
N GLU C 59 38.74 45.54 -48.82
CA GLU C 59 39.63 45.68 -47.67
C GLU C 59 39.19 44.67 -46.60
N GLY C 60 39.67 43.44 -46.77
CA GLY C 60 39.38 42.40 -45.81
C GLY C 60 40.32 41.23 -45.95
N ASP C 61 40.40 40.43 -44.87
CA ASP C 61 41.28 39.28 -44.86
C ASP C 61 40.68 38.09 -45.58
N ILE C 62 39.37 37.86 -45.44
CA ILE C 62 38.69 36.72 -46.06
C ILE C 62 37.27 37.14 -46.40
N SER C 63 36.57 36.25 -47.12
CA SER C 63 35.23 36.53 -47.61
C SER C 63 34.27 36.74 -46.44
N HIS C 64 33.10 37.32 -46.75
CA HIS C 64 32.02 37.39 -45.78
C HIS C 64 31.59 36.00 -45.34
N PHE C 65 31.41 35.10 -46.31
CA PHE C 65 31.02 33.73 -46.01
C PHE C 65 32.05 33.07 -45.09
N GLN C 66 33.34 33.22 -45.41
CA GLN C 66 34.39 32.66 -44.56
C GLN C 66 34.37 33.28 -43.17
N ALA C 67 33.95 34.54 -43.07
CA ALA C 67 33.82 35.17 -41.76
C ALA C 67 32.70 34.54 -40.94
N LEU C 68 31.53 34.34 -41.56
CA LEU C 68 30.43 33.70 -40.83
C LEU C 68 30.80 32.31 -40.37
N MET C 69 31.39 31.50 -41.26
CA MET C 69 31.83 30.16 -40.87
C MET C 69 32.84 30.21 -39.73
N THR C 70 33.72 31.21 -39.70
CA THR C 70 34.61 31.35 -38.55
C THR C 70 33.79 31.62 -37.29
N ALA C 71 32.87 32.59 -37.36
CA ALA C 71 32.04 32.89 -36.20
C ALA C 71 31.12 31.72 -35.88
N LEU C 72 30.46 31.16 -36.90
CA LEU C 72 29.57 30.03 -36.68
C LEU C 72 30.31 28.82 -36.13
N ALA C 73 31.53 28.57 -36.62
CA ALA C 73 32.33 27.48 -36.05
C ALA C 73 32.49 27.67 -34.55
N ALA C 74 32.82 28.90 -34.14
CA ALA C 74 32.91 29.21 -32.72
C ALA C 74 31.52 29.30 -32.09
N THR C 75 30.55 29.90 -32.80
CA THR C 75 29.23 30.06 -32.22
C THR C 75 28.53 28.71 -32.04
N ILE C 76 28.72 27.78 -32.96
CA ILE C 76 28.13 26.44 -32.86
C ILE C 76 29.09 25.55 -32.07
N GLY C 77 28.63 25.02 -30.96
CA GLY C 77 29.45 24.19 -30.10
C GLY C 77 28.61 23.27 -29.25
N THR C 78 29.21 22.76 -28.18
CA THR C 78 28.49 21.81 -27.33
C THR C 78 27.30 22.44 -26.62
N GLY C 79 27.26 23.76 -26.49
CA GLY C 79 26.07 24.39 -25.94
C GLY C 79 24.84 24.13 -26.77
N ASN C 80 25.00 24.01 -28.09
CA ASN C 80 23.89 23.64 -28.96
C ASN C 80 23.46 22.20 -28.70
N ILE C 81 24.42 21.33 -28.38
CA ILE C 81 24.09 19.94 -28.09
C ILE C 81 23.73 19.75 -26.62
N ALA C 82 24.65 20.07 -25.72
CA ALA C 82 24.46 19.77 -24.30
C ALA C 82 23.98 20.96 -23.48
N GLY C 83 24.33 22.18 -23.89
CA GLY C 83 23.83 23.34 -23.16
C GLY C 83 22.31 23.43 -23.19
N VAL C 84 21.71 23.04 -24.32
CA VAL C 84 20.25 22.97 -24.41
C VAL C 84 19.73 21.88 -23.47
N ALA C 85 20.38 20.72 -23.46
CA ALA C 85 19.93 19.62 -22.61
C ALA C 85 19.94 20.03 -21.14
N THR C 86 21.06 20.59 -20.67
CA THR C 86 21.13 21.07 -19.30
C THR C 86 20.04 22.09 -19.01
N ALA C 87 19.76 22.98 -19.96
CA ALA C 87 18.68 23.95 -19.77
C ALA C 87 17.33 23.27 -19.80
N TYR C 88 17.16 22.29 -20.69
CA TYR C 88 15.88 21.59 -20.79
C TYR C 88 15.55 20.85 -19.51
N VAL C 89 16.51 20.13 -18.95
CA VAL C 89 16.26 19.36 -17.73
C VAL C 89 15.99 20.30 -16.55
N LEU C 90 16.94 21.19 -16.26
CA LEU C 90 16.87 21.99 -15.04
C LEU C 90 15.81 23.09 -15.16
N GLY C 91 15.67 23.68 -16.34
CA GLY C 91 14.74 24.78 -16.51
C GLY C 91 13.42 24.36 -17.11
N GLY C 92 13.31 23.11 -17.52
CA GLY C 92 12.10 22.64 -18.15
C GLY C 92 12.14 22.87 -19.64
N PRO C 93 11.14 22.37 -20.37
CA PRO C 93 11.08 22.61 -21.81
C PRO C 93 10.89 24.06 -22.16
N GLY C 94 10.36 24.87 -21.24
CA GLY C 94 10.16 26.28 -21.50
C GLY C 94 11.46 27.05 -21.69
N ALA C 95 12.59 26.47 -21.28
CA ALA C 95 13.87 27.13 -21.48
C ALA C 95 14.16 27.35 -22.97
N ILE C 96 13.61 26.48 -23.84
CA ILE C 96 13.80 26.64 -25.27
C ILE C 96 13.26 27.99 -25.73
N PHE C 97 12.05 28.33 -25.31
CA PHE C 97 11.44 29.60 -25.70
C PHE C 97 12.29 30.78 -25.24
N TRP C 98 12.75 30.74 -24.00
CA TRP C 98 13.59 31.82 -23.49
C TRP C 98 14.99 31.80 -24.08
N MET C 99 15.46 30.63 -24.54
CA MET C 99 16.64 30.59 -25.38
C MET C 99 16.40 31.33 -26.69
N TRP C 100 15.18 31.19 -27.25
CA TRP C 100 14.82 31.94 -28.46
C TRP C 100 14.82 33.43 -28.21
N VAL C 101 14.23 33.85 -27.08
CA VAL C 101 14.21 35.27 -26.71
C VAL C 101 15.63 35.81 -26.63
N THR C 102 16.59 34.94 -26.25
CA THR C 102 17.99 35.36 -26.23
C THR C 102 18.46 35.72 -27.64
N ALA C 103 18.11 34.90 -28.63
CA ALA C 103 18.56 35.15 -30.00
C ALA C 103 17.80 36.30 -30.65
N PHE C 104 16.47 36.29 -30.58
CA PHE C 104 15.66 37.27 -31.30
C PHE C 104 16.04 38.70 -30.89
N PHE C 105 15.92 39.02 -29.60
CA PHE C 105 16.42 40.31 -29.12
C PHE C 105 17.93 40.39 -29.25
N GLY C 106 18.62 39.26 -29.15
CA GLY C 106 20.06 39.24 -29.28
C GLY C 106 20.57 39.49 -30.68
N MET C 107 19.73 39.23 -31.70
CA MET C 107 20.11 39.55 -33.07
C MET C 107 20.58 40.99 -33.19
N ALA C 108 19.80 41.91 -32.61
CA ALA C 108 20.19 43.32 -32.64
C ALA C 108 21.53 43.54 -31.95
N THR C 109 21.76 42.86 -30.83
CA THR C 109 22.98 43.09 -30.06
C THR C 109 24.22 42.71 -30.87
N LYS C 110 24.21 41.51 -31.46
CA LYS C 110 25.39 41.08 -32.22
C LYS C 110 25.63 41.94 -33.44
N TYR C 111 24.57 42.45 -34.06
CA TYR C 111 24.72 43.35 -35.20
C TYR C 111 25.47 44.61 -34.79
N ALA C 112 25.04 45.24 -33.69
CA ALA C 112 25.73 46.42 -33.18
C ALA C 112 27.19 46.12 -32.86
N GLU C 113 27.46 44.91 -32.38
CA GLU C 113 28.84 44.48 -32.16
C GLU C 113 29.64 44.52 -33.46
N ALA C 114 29.09 43.94 -34.53
CA ALA C 114 29.79 43.87 -35.80
C ALA C 114 29.93 45.25 -36.43
N VAL C 115 28.89 46.08 -36.34
CA VAL C 115 28.97 47.45 -36.86
C VAL C 115 30.15 48.17 -36.24
N LEU C 116 30.17 48.25 -34.91
CA LEU C 116 31.23 48.97 -34.21
C LEU C 116 32.60 48.35 -34.43
N ALA C 117 32.66 47.11 -34.94
CA ALA C 117 33.93 46.53 -35.32
C ALA C 117 34.57 47.29 -36.46
N ILE C 118 33.85 48.25 -37.07
CA ILE C 118 34.39 49.06 -38.14
C ILE C 118 35.53 49.96 -37.65
N LYS C 119 35.54 50.30 -36.36
CA LYS C 119 36.67 51.03 -35.77
C LYS C 119 37.81 50.07 -35.48
N TYR C 120 38.35 49.51 -36.57
CA TYR C 120 39.36 48.46 -36.49
C TYR C 120 40.60 48.88 -37.28
N ARG C 121 41.75 48.59 -36.72
CA ARG C 121 43.04 48.93 -37.32
C ARG C 121 43.79 47.64 -37.64
N THR C 122 44.33 47.57 -38.85
CA THR C 122 45.11 46.40 -39.24
C THR C 122 46.38 46.33 -38.40
N VAL C 123 46.86 45.10 -38.19
CA VAL C 123 47.99 44.86 -37.33
C VAL C 123 49.23 44.63 -38.20
N ASP C 124 50.40 44.56 -37.56
CA ASP C 124 51.63 44.23 -38.26
C ASP C 124 51.57 42.77 -38.68
N ASP C 125 52.72 42.21 -39.08
CA ASP C 125 52.80 40.81 -39.50
C ASP C 125 51.72 40.54 -40.57
N ASN C 126 51.85 41.26 -41.69
CA ASN C 126 50.88 41.27 -42.78
C ASN C 126 49.61 41.95 -42.31
N GLY C 127 48.65 42.16 -43.21
CA GLY C 127 47.46 42.91 -42.84
C GLY C 127 46.74 42.37 -41.63
N GLU C 128 46.18 41.16 -41.73
CA GLU C 128 45.45 40.51 -40.65
C GLU C 128 44.71 41.53 -39.79
N MET C 129 43.66 42.15 -40.34
CA MET C 129 42.91 43.15 -39.61
C MET C 129 42.44 42.62 -38.26
N ALA C 130 42.46 43.50 -37.26
CA ALA C 130 42.20 43.14 -35.88
C ALA C 130 41.18 44.15 -35.35
N GLY C 131 39.92 43.72 -35.32
CA GLY C 131 38.84 44.54 -34.80
C GLY C 131 38.08 43.79 -33.72
N GLY C 132 37.68 44.53 -32.69
CA GLY C 132 36.88 43.97 -31.63
C GLY C 132 36.54 45.00 -30.57
N PRO C 133 35.73 44.59 -29.58
CA PRO C 133 35.28 45.54 -28.56
C PRO C 133 36.41 46.24 -27.82
N MET C 134 37.55 45.58 -27.62
CA MET C 134 38.68 46.25 -26.99
C MET C 134 39.09 47.48 -27.80
N TYR C 135 38.91 47.44 -29.13
CA TYR C 135 39.17 48.60 -29.95
C TYR C 135 38.08 49.67 -29.83
N PHE C 136 36.80 49.27 -29.79
CA PHE C 136 35.71 50.25 -29.75
C PHE C 136 35.95 51.24 -28.62
N LEU C 137 36.24 50.72 -27.42
CA LEU C 137 36.32 51.56 -26.25
C LEU C 137 37.46 52.55 -26.35
N GLU C 138 38.58 52.15 -26.98
CA GLU C 138 39.63 53.11 -27.29
C GLU C 138 39.11 54.22 -28.19
N LYS C 139 38.24 53.87 -29.15
CA LYS C 139 37.60 54.84 -30.02
C LYS C 139 36.23 55.27 -29.52
N GLY C 140 36.01 55.23 -28.21
CA GLY C 140 34.76 55.66 -27.63
C GLY C 140 34.79 57.14 -27.32
N LEU C 141 34.58 57.50 -26.07
CA LEU C 141 34.65 58.90 -25.61
C LEU C 141 35.57 58.97 -24.40
N PRO C 142 36.90 58.80 -24.58
CA PRO C 142 37.92 58.70 -23.53
C PRO C 142 37.69 59.63 -22.33
N LEU C 146 38.10 56.92 -20.48
CA LEU C 146 37.73 55.72 -19.74
C LEU C 146 37.74 54.48 -20.64
N GLY C 147 37.51 54.71 -21.93
CA GLY C 147 37.46 53.61 -22.88
C GLY C 147 38.74 52.80 -22.92
N LYS C 148 39.89 53.46 -22.73
CA LYS C 148 41.16 52.74 -22.68
C LYS C 148 41.15 51.71 -21.56
N ILE C 149 40.60 52.06 -20.39
CA ILE C 149 40.54 51.11 -19.29
C ILE C 149 39.56 49.98 -19.60
N LEU C 150 38.41 50.31 -20.18
CA LEU C 150 37.42 49.28 -20.50
C LEU C 150 37.98 48.30 -21.53
N GLY C 151 38.65 48.81 -22.55
CA GLY C 151 39.19 47.93 -23.58
C GLY C 151 40.25 46.98 -23.06
N VAL C 152 41.17 47.48 -22.23
CA VAL C 152 42.21 46.60 -21.68
C VAL C 152 41.59 45.57 -20.73
N ALA C 153 40.52 45.94 -20.03
CA ALA C 153 39.81 44.96 -19.21
C ALA C 153 39.22 43.86 -20.07
N PHE C 154 38.54 44.24 -21.16
CA PHE C 154 37.90 43.28 -22.05
C PHE C 154 38.90 42.26 -22.58
N ALA C 155 40.07 42.73 -23.02
CA ALA C 155 41.09 41.82 -23.54
C ALA C 155 41.61 40.88 -22.47
N PHE C 156 41.81 41.40 -21.25
CA PHE C 156 42.23 40.56 -20.13
C PHE C 156 41.26 39.41 -19.91
N PHE C 157 39.96 39.72 -19.90
CA PHE C 157 38.95 38.69 -19.73
C PHE C 157 38.87 37.80 -20.96
N GLY C 158 38.71 38.38 -22.14
CA GLY C 158 38.51 37.58 -23.35
C GLY C 158 39.66 36.63 -23.61
N ALA C 159 40.88 37.07 -23.33
CA ALA C 159 42.03 36.17 -23.49
C ALA C 159 41.89 34.96 -22.56
N PHE C 160 41.49 35.19 -21.31
CA PHE C 160 41.22 34.07 -20.40
C PHE C 160 39.89 33.40 -20.71
N ALA C 161 38.82 34.20 -20.86
CA ALA C 161 37.49 33.66 -21.05
C ALA C 161 37.40 32.75 -22.28
N ALA C 162 38.33 32.90 -23.22
CA ALA C 162 38.34 32.05 -24.40
C ALA C 162 38.63 30.60 -24.03
N PHE C 163 39.52 30.37 -23.05
CA PHE C 163 39.88 29.01 -22.67
C PHE C 163 38.66 28.26 -22.13
N GLY C 164 37.79 28.96 -21.40
CA GLY C 164 36.59 28.36 -20.87
C GLY C 164 35.68 27.91 -21.99
N ILE C 165 35.00 28.86 -22.65
CA ILE C 165 34.04 28.51 -23.69
C ILE C 165 34.74 27.85 -24.87
N GLY C 166 35.90 28.35 -25.26
CA GLY C 166 36.53 27.91 -26.48
C GLY C 166 37.30 26.62 -26.40
N ASN C 167 38.00 26.38 -25.29
CA ASN C 167 38.87 25.21 -25.19
C ASN C 167 38.31 24.18 -24.23
N MET C 168 38.32 24.44 -22.92
CA MET C 168 38.14 23.38 -21.94
C MET C 168 36.72 22.81 -21.96
N VAL C 169 35.71 23.68 -22.00
CA VAL C 169 34.32 23.21 -21.97
C VAL C 169 34.05 22.31 -23.16
N GLN C 170 34.41 22.76 -24.37
CA GLN C 170 34.13 21.97 -25.56
C GLN C 170 35.01 20.71 -25.63
N THR C 171 36.28 20.83 -25.25
CA THR C 171 37.18 19.69 -25.36
C THR C 171 36.85 18.60 -24.35
N ASN C 172 36.37 18.96 -23.15
CA ASN C 172 36.06 17.94 -22.14
C ASN C 172 34.79 17.19 -22.50
N SER C 173 33.75 17.89 -22.93
CA SER C 173 32.48 17.23 -23.23
C SER C 173 32.66 16.17 -24.31
N VAL C 174 33.41 16.49 -25.37
CA VAL C 174 33.68 15.50 -26.42
C VAL C 174 34.47 14.34 -25.86
N ALA C 175 35.51 14.63 -25.08
CA ALA C 175 36.38 13.57 -24.57
C ALA C 175 35.59 12.56 -23.77
N ASP C 176 34.74 13.03 -22.85
CA ASP C 176 33.90 12.11 -22.08
C ASP C 176 32.89 11.41 -22.98
N ALA C 177 32.19 12.19 -23.84
CA ALA C 177 31.16 11.60 -24.67
C ALA C 177 31.73 10.54 -25.61
N VAL C 178 32.92 10.79 -26.15
CA VAL C 178 33.56 9.82 -27.03
C VAL C 178 33.89 8.54 -26.26
N ALA C 179 34.32 8.69 -25.01
CA ALA C 179 34.64 7.52 -24.18
C ALA C 179 33.40 6.68 -23.91
N SER C 180 32.25 7.34 -23.73
CA SER C 180 31.01 6.60 -23.48
C SER C 180 30.60 5.77 -24.69
N ASN C 181 30.50 6.41 -25.86
CA ASN C 181 29.98 5.76 -27.05
C ASN C 181 31.02 4.87 -27.72
N PHE C 182 32.27 5.33 -27.81
CA PHE C 182 33.31 4.63 -28.55
C PHE C 182 34.34 3.94 -27.66
N GLY C 183 34.49 4.34 -26.41
CA GLY C 183 35.37 3.59 -25.55
C GLY C 183 36.83 3.84 -25.79
N VAL C 184 37.17 4.94 -26.45
CA VAL C 184 38.56 5.25 -26.72
C VAL C 184 39.07 6.19 -25.64
N ASP C 185 40.38 6.11 -25.38
CA ASP C 185 40.97 6.81 -24.25
C ASP C 185 40.67 8.29 -24.37
N PRO C 186 40.45 9.00 -23.27
CA PRO C 186 40.31 10.45 -23.37
C PRO C 186 41.56 11.15 -23.87
N LEU C 187 42.77 10.58 -23.67
CA LEU C 187 43.93 11.25 -24.24
C LEU C 187 44.08 10.97 -25.74
N ILE C 188 43.63 9.82 -26.23
CA ILE C 188 43.68 9.58 -27.67
C ILE C 188 42.87 10.67 -28.39
N THR C 189 41.62 10.88 -27.95
CA THR C 189 40.82 11.97 -28.50
C THR C 189 41.41 13.33 -28.15
N GLY C 190 42.01 13.45 -26.96
CA GLY C 190 42.68 14.69 -26.63
C GLY C 190 43.86 14.97 -27.55
N PHE C 191 44.60 13.92 -27.90
CA PHE C 191 45.75 14.06 -28.78
C PHE C 191 45.31 14.56 -30.16
N VAL C 192 44.40 13.83 -30.81
CA VAL C 192 43.96 14.18 -32.16
C VAL C 192 43.29 15.54 -32.17
N LEU C 193 42.59 15.89 -31.08
CA LEU C 193 41.96 17.20 -31.02
C LEU C 193 43.00 18.30 -31.05
N ALA C 194 44.15 18.08 -30.42
CA ALA C 194 45.22 19.07 -30.45
C ALA C 194 45.91 19.12 -31.82
N ILE C 195 46.25 17.95 -32.37
CA ILE C 195 46.96 17.89 -33.65
C ILE C 195 46.13 18.58 -34.74
N PHE C 196 44.88 18.15 -34.92
CA PHE C 196 44.03 18.77 -35.93
C PHE C 196 43.80 20.25 -35.62
N THR C 197 43.88 20.64 -34.35
CA THR C 197 43.78 22.05 -34.02
C THR C 197 45.05 22.78 -34.41
N ALA C 198 46.22 22.21 -34.09
CA ALA C 198 47.48 22.87 -34.42
C ALA C 198 47.68 22.98 -35.92
N ALA C 199 47.40 21.90 -36.65
CA ALA C 199 47.59 21.90 -38.10
C ALA C 199 46.79 23.02 -38.76
N VAL C 200 45.54 23.20 -38.35
CA VAL C 200 44.68 24.21 -38.97
C VAL C 200 45.12 25.61 -38.57
N ILE C 201 45.24 25.86 -37.26
CA ILE C 201 45.51 27.22 -36.78
C ILE C 201 46.98 27.59 -36.87
N LEU C 202 47.84 26.69 -37.36
CA LEU C 202 49.23 27.07 -37.63
C LEU C 202 49.25 28.28 -38.55
N GLY C 203 48.50 28.23 -39.64
CA GLY C 203 48.29 29.41 -40.43
C GLY C 203 47.33 30.36 -39.72
N GLY C 204 47.34 31.61 -40.14
CA GLY C 204 46.47 32.60 -39.54
C GLY C 204 45.00 32.33 -39.79
N ILE C 205 44.19 33.38 -39.63
CA ILE C 205 42.74 33.26 -39.82
C ILE C 205 42.43 32.82 -41.25
N LYS C 206 43.29 33.21 -42.19
CA LYS C 206 43.11 32.77 -43.58
C LYS C 206 43.08 31.25 -43.69
N SER C 207 43.90 30.57 -42.88
CA SER C 207 43.84 29.11 -42.82
C SER C 207 42.56 28.65 -42.14
N ILE C 208 42.13 29.36 -41.10
CA ILE C 208 40.91 28.99 -40.36
C ILE C 208 39.69 29.08 -41.28
N GLY C 209 39.57 30.21 -41.99
CA GLY C 209 38.43 30.40 -42.89
C GLY C 209 38.30 29.31 -43.94
N LYS C 210 39.42 28.76 -44.38
CA LYS C 210 39.38 27.62 -45.29
C LYS C 210 38.69 26.43 -44.64
N ALA C 211 39.18 26.01 -43.47
CA ALA C 211 38.64 24.82 -42.81
C ALA C 211 37.20 25.05 -42.35
N THR C 212 36.96 26.17 -41.66
CA THR C 212 35.60 26.43 -41.19
C THR C 212 34.64 26.59 -42.36
N GLY C 213 35.14 27.02 -43.53
CA GLY C 213 34.28 27.13 -44.69
C GLY C 213 33.78 25.79 -45.17
N ILE C 214 34.65 24.78 -45.18
CA ILE C 214 34.22 23.45 -45.60
C ILE C 214 33.50 22.72 -44.46
N ILE C 215 34.01 22.80 -43.23
CA ILE C 215 33.48 21.98 -42.14
C ILE C 215 32.06 22.41 -41.77
N VAL C 216 31.89 23.69 -41.43
CA VAL C 216 30.64 24.14 -40.78
C VAL C 216 29.39 23.74 -41.57
N PRO C 217 29.26 24.05 -42.87
CA PRO C 217 28.03 23.65 -43.57
C PRO C 217 27.82 22.14 -43.58
N PHE C 218 28.89 21.36 -43.72
CA PHE C 218 28.77 19.92 -43.58
C PHE C 218 28.25 19.55 -42.19
N MET C 219 28.77 20.23 -41.16
CA MET C 219 28.31 19.99 -39.80
C MET C 219 26.84 20.34 -39.63
N ALA C 220 26.47 21.55 -40.03
CA ALA C 220 25.10 22.02 -39.79
C ALA C 220 24.09 21.19 -40.57
N VAL C 221 24.35 20.92 -41.85
CA VAL C 221 23.41 20.14 -42.64
C VAL C 221 23.32 18.72 -42.13
N PHE C 222 24.45 18.13 -41.72
CA PHE C 222 24.44 16.78 -41.17
C PHE C 222 23.50 16.69 -39.98
N TYR C 223 23.68 17.57 -39.00
CA TYR C 223 22.86 17.55 -37.79
C TYR C 223 21.40 17.90 -38.11
N ILE C 224 21.17 19.01 -38.82
CA ILE C 224 19.82 19.50 -39.06
C ILE C 224 19.01 18.47 -39.86
N LEU C 225 19.66 17.82 -40.83
CA LEU C 225 18.97 16.81 -41.61
C LEU C 225 18.44 15.70 -40.72
N ALA C 226 19.30 15.16 -39.85
CA ALA C 226 18.87 14.12 -38.93
C ALA C 226 17.71 14.61 -38.07
N GLY C 227 17.79 15.85 -37.58
CA GLY C 227 16.70 16.39 -36.80
C GLY C 227 15.41 16.55 -37.58
N LEU C 228 15.49 17.15 -38.77
CA LEU C 228 14.30 17.28 -39.60
C LEU C 228 13.82 15.92 -40.08
N VAL C 229 14.73 14.95 -40.28
CA VAL C 229 14.33 13.58 -40.55
C VAL C 229 13.47 13.04 -39.40
N ILE C 230 13.91 13.29 -38.16
CA ILE C 230 13.14 12.83 -37.00
C ILE C 230 11.78 13.51 -36.98
N LEU C 231 11.75 14.81 -37.30
CA LEU C 231 10.48 15.52 -37.33
C LEU C 231 9.53 14.93 -38.38
N ALA C 232 10.09 14.50 -39.51
CA ALA C 232 9.28 13.89 -40.56
C ALA C 232 8.61 12.61 -40.08
N MET C 233 9.35 11.76 -39.38
CA MET C 233 8.80 10.49 -38.92
C MET C 233 7.72 10.68 -37.87
N ASN C 234 7.77 11.77 -37.10
CA ASN C 234 6.82 12.02 -36.03
C ASN C 234 6.18 13.39 -36.21
N ILE C 235 5.44 13.54 -37.31
CA ILE C 235 4.84 14.83 -37.65
C ILE C 235 3.82 15.25 -36.60
N GLY C 236 2.99 14.31 -36.14
CA GLY C 236 1.92 14.65 -35.22
C GLY C 236 2.42 15.28 -33.94
N TYR C 237 3.59 14.83 -33.46
CA TYR C 237 4.16 15.28 -32.21
C TYR C 237 4.75 16.69 -32.28
N ILE C 238 4.84 17.28 -33.48
CA ILE C 238 5.49 18.58 -33.62
C ILE C 238 4.73 19.64 -32.83
N ILE C 239 3.46 19.86 -33.17
CA ILE C 239 2.69 20.94 -32.55
C ILE C 239 2.59 20.79 -31.04
N PRO C 240 2.32 19.59 -30.48
CA PRO C 240 2.32 19.50 -29.01
C PRO C 240 3.67 19.81 -28.38
N ALA C 241 4.76 19.40 -29.04
CA ALA C 241 6.08 19.80 -28.57
C ALA C 241 6.20 21.32 -28.51
N PHE C 242 5.67 22.01 -29.51
CA PHE C 242 5.58 23.47 -29.42
C PHE C 242 4.65 23.89 -28.30
N GLY C 243 3.56 23.15 -28.11
CA GLY C 243 2.62 23.51 -27.06
C GLY C 243 3.24 23.38 -25.68
N THR C 244 3.92 22.26 -25.43
CA THR C 244 4.53 22.04 -24.12
C THR C 244 5.60 23.09 -23.83
N ILE C 245 6.37 23.46 -24.85
CA ILE C 245 7.39 24.51 -24.66
C ILE C 245 6.70 25.83 -24.31
N PHE C 246 5.65 26.18 -25.04
CA PHE C 246 4.94 27.42 -24.79
C PHE C 246 4.12 27.34 -23.51
N SER C 247 3.55 26.17 -23.21
CA SER C 247 2.83 25.98 -21.96
C SER C 247 3.76 26.23 -20.77
N SER C 248 4.93 25.59 -20.77
CA SER C 248 5.99 25.97 -19.85
C SER C 248 6.51 27.36 -20.26
N ALA C 249 7.46 27.89 -19.48
CA ALA C 249 8.04 29.22 -19.72
C ALA C 249 7.01 30.31 -19.44
N PHE C 250 5.73 29.98 -19.53
CA PHE C 250 4.63 30.84 -19.14
C PHE C 250 3.80 30.18 -18.06
N ASN C 251 4.47 29.40 -17.20
CA ASN C 251 3.81 28.61 -16.17
C ASN C 251 4.02 29.29 -14.82
N PHE C 252 3.03 30.07 -14.40
CA PHE C 252 3.05 30.72 -13.10
C PHE C 252 2.32 29.89 -12.06
N SER C 253 2.05 28.62 -12.37
CA SER C 253 1.29 27.76 -11.46
C SER C 253 1.94 27.74 -10.08
N ALA C 254 3.26 27.71 -10.05
CA ALA C 254 4.02 27.71 -8.80
C ALA C 254 4.80 29.02 -8.71
N GLY C 255 4.66 29.72 -7.59
CA GLY C 255 5.48 30.87 -7.33
C GLY C 255 5.12 32.11 -8.13
N PHE C 256 5.26 33.27 -7.50
CA PHE C 256 5.00 34.57 -8.12
C PHE C 256 6.25 34.93 -8.92
N GLY C 257 6.21 34.70 -10.23
CA GLY C 257 7.40 34.87 -11.04
C GLY C 257 8.57 34.04 -10.56
N ALA C 258 8.30 32.86 -9.98
CA ALA C 258 9.37 31.96 -9.57
C ALA C 258 9.93 31.15 -10.72
N LEU C 259 9.31 31.21 -11.90
CA LEU C 259 9.93 30.61 -13.09
C LEU C 259 11.12 31.42 -13.57
N ILE C 260 11.32 32.62 -13.04
CA ILE C 260 12.56 33.35 -13.30
C ILE C 260 13.75 32.46 -13.00
N GLY C 261 13.74 31.83 -11.82
CA GLY C 261 14.81 30.91 -11.47
C GLY C 261 14.78 29.62 -12.28
N THR C 262 13.59 29.12 -12.60
CA THR C 262 13.48 27.83 -13.28
C THR C 262 13.86 27.93 -14.75
N ALA C 263 12.98 28.49 -15.58
CA ALA C 263 13.07 28.36 -17.03
C ALA C 263 13.80 29.52 -17.71
N ILE C 264 13.45 30.77 -17.39
CA ILE C 264 14.06 31.89 -18.09
C ILE C 264 15.55 31.98 -17.76
N MET C 265 15.92 31.80 -16.49
CA MET C 265 17.34 31.90 -16.13
C MET C 265 18.15 30.86 -16.88
N TRP C 266 17.66 29.61 -16.89
CA TRP C 266 18.37 28.56 -17.59
C TRP C 266 18.30 28.75 -19.10
N GLY C 267 17.16 29.24 -19.59
CA GLY C 267 17.07 29.55 -21.01
C GLY C 267 18.02 30.65 -21.42
N VAL C 268 18.01 31.77 -20.69
CA VAL C 268 18.89 32.88 -21.02
C VAL C 268 20.35 32.50 -20.80
N LYS C 269 20.67 32.00 -19.60
CA LYS C 269 22.06 31.70 -19.26
C LYS C 269 22.65 30.69 -20.25
N ARG C 270 21.94 29.60 -20.51
CA ARG C 270 22.42 28.63 -21.50
C ARG C 270 22.26 29.16 -22.92
N GLY C 271 21.22 29.96 -23.17
CA GLY C 271 21.05 30.55 -24.48
C GLY C 271 22.15 31.54 -24.82
N VAL C 272 22.45 32.46 -23.89
CA VAL C 272 23.56 33.40 -24.07
C VAL C 272 24.84 32.64 -24.34
N PHE C 273 25.00 31.47 -23.72
CA PHE C 273 26.21 30.67 -23.95
C PHE C 273 26.33 30.26 -25.41
N SER C 274 25.24 29.77 -26.00
CA SER C 274 25.31 29.22 -27.34
C SER C 274 25.55 30.30 -28.38
N ASN C 275 24.73 31.35 -28.40
CA ASN C 275 24.83 32.37 -29.44
C ASN C 275 25.89 33.43 -29.18
N GLU C 276 26.38 33.55 -27.96
CA GLU C 276 27.38 34.54 -27.64
C GLU C 276 26.82 35.90 -27.97
N ALA C 277 25.60 36.17 -27.57
CA ALA C 277 24.94 37.41 -27.96
C ALA C 277 25.58 38.64 -27.35
N GLY C 278 25.40 38.85 -26.06
CA GLY C 278 25.99 39.99 -25.36
C GLY C 278 27.48 39.88 -25.11
N LEU C 279 28.09 38.75 -25.46
CA LEU C 279 29.47 38.49 -25.06
C LEU C 279 30.46 39.36 -25.83
N GLY C 280 30.06 39.94 -26.95
CA GLY C 280 30.94 40.83 -27.65
C GLY C 280 32.07 40.13 -28.35
N SER C 281 32.04 38.80 -28.39
CA SER C 281 33.12 38.04 -29.00
C SER C 281 32.93 37.89 -30.51
N ALA C 282 31.71 37.59 -30.94
CA ALA C 282 31.45 37.30 -32.35
C ALA C 282 31.92 38.35 -33.36
N PRO C 283 31.84 39.66 -33.09
CA PRO C 283 32.31 40.63 -34.11
C PRO C 283 33.79 40.54 -34.43
N ILE C 284 34.60 39.91 -33.56
CA ILE C 284 36.03 39.76 -33.83
C ILE C 284 36.24 39.09 -35.18
N ALA C 285 35.39 38.11 -35.51
CA ALA C 285 35.45 37.50 -36.84
C ALA C 285 34.92 38.43 -37.91
N ALA C 286 33.93 39.25 -37.58
CA ALA C 286 33.35 40.16 -38.58
C ALA C 286 34.39 41.11 -39.15
N ALA C 287 35.39 41.48 -38.36
CA ALA C 287 36.39 42.46 -38.82
C ALA C 287 37.19 41.92 -40.00
N ALA C 288 37.54 40.63 -40.00
CA ALA C 288 38.36 40.06 -41.05
C ALA C 288 37.66 39.97 -42.39
N ALA C 289 36.36 40.28 -42.44
CA ALA C 289 35.62 40.16 -43.68
C ALA C 289 36.05 41.22 -44.68
N LYS C 290 35.97 40.87 -45.97
CA LYS C 290 36.19 41.84 -47.05
C LYS C 290 34.88 42.58 -47.23
N THR C 291 34.74 43.69 -46.52
CA THR C 291 33.49 44.43 -46.49
C THR C 291 33.73 45.84 -46.99
N ASP C 292 32.80 46.31 -47.82
CA ASP C 292 32.80 47.70 -48.26
C ASP C 292 32.41 48.63 -47.11
N HIS C 293 31.49 48.20 -46.27
CA HIS C 293 31.00 49.07 -45.21
C HIS C 293 30.66 48.20 -44.01
N PRO C 294 30.43 48.81 -42.84
CA PRO C 294 30.00 48.00 -41.68
C PRO C 294 28.68 47.30 -41.86
N GLY C 295 27.66 47.99 -42.38
CA GLY C 295 26.34 47.41 -42.50
C GLY C 295 26.31 46.15 -43.36
N ARG C 296 27.17 46.07 -44.37
CA ARG C 296 27.16 44.91 -45.25
C ARG C 296 27.48 43.63 -44.48
N GLN C 297 28.59 43.63 -43.74
CA GLN C 297 28.97 42.42 -43.02
C GLN C 297 28.21 42.27 -41.72
N ALA C 298 27.84 43.38 -41.07
CA ALA C 298 27.15 43.30 -39.78
C ALA C 298 25.81 42.57 -39.91
N LEU C 299 25.20 42.61 -41.10
CA LEU C 299 24.00 41.81 -41.32
C LEU C 299 24.35 40.34 -41.50
N VAL C 300 25.51 40.06 -42.10
CA VAL C 300 25.95 38.67 -42.24
C VAL C 300 26.23 38.07 -40.86
N SER C 301 26.91 38.82 -39.99
CA SER C 301 27.13 38.35 -38.63
C SER C 301 25.82 38.24 -37.86
N MET C 302 24.87 39.15 -38.12
CA MET C 302 23.59 39.12 -37.43
C MET C 302 22.84 37.80 -37.63
N THR C 303 23.23 37.00 -38.61
CA THR C 303 22.61 35.70 -38.85
C THR C 303 23.22 34.60 -37.98
N GLY C 304 24.26 34.92 -37.20
CA GLY C 304 24.86 33.91 -36.35
C GLY C 304 23.89 33.32 -35.35
N THR C 305 23.11 34.19 -34.68
CA THR C 305 22.10 33.72 -33.75
C THR C 305 21.07 32.84 -34.45
N PHE C 306 20.50 33.35 -35.55
CA PHE C 306 19.40 32.66 -36.23
C PHE C 306 19.80 31.24 -36.61
N LEU C 307 21.02 31.08 -37.14
CA LEU C 307 21.48 29.74 -37.49
C LEU C 307 21.80 28.93 -36.24
N ASP C 308 22.41 29.55 -35.23
CA ASP C 308 22.71 28.85 -34.00
C ASP C 308 21.45 28.48 -33.24
N THR C 309 20.78 29.48 -32.66
CA THR C 309 19.65 29.23 -31.77
C THR C 309 18.39 28.83 -32.55
N ILE C 310 17.91 29.73 -33.42
CA ILE C 310 16.61 29.53 -34.05
C ILE C 310 16.59 28.26 -34.91
N VAL C 311 17.73 27.89 -35.51
CA VAL C 311 17.76 26.71 -36.36
C VAL C 311 18.30 25.51 -35.58
N VAL C 312 19.60 25.50 -35.27
CA VAL C 312 20.23 24.29 -34.71
C VAL C 312 19.67 23.98 -33.34
N CYS C 313 19.75 24.92 -32.40
CA CYS C 313 19.30 24.65 -31.03
C CYS C 313 17.84 24.23 -31.01
N THR C 314 16.99 24.94 -31.75
CA THR C 314 15.57 24.58 -31.82
C THR C 314 15.40 23.14 -32.34
N ILE C 315 16.22 22.75 -33.33
CA ILE C 315 16.21 21.35 -33.76
C ILE C 315 16.61 20.44 -32.60
N THR C 316 17.66 20.83 -31.85
CA THR C 316 18.03 20.06 -30.67
C THR C 316 16.91 20.06 -29.64
N GLY C 317 16.37 21.25 -29.36
CA GLY C 317 15.34 21.37 -28.33
C GLY C 317 14.07 20.61 -28.68
N LEU C 318 13.69 20.62 -29.97
CA LEU C 318 12.47 19.91 -30.37
C LEU C 318 12.61 18.41 -30.15
N VAL C 319 13.76 17.83 -30.49
CA VAL C 319 13.96 16.40 -30.30
C VAL C 319 13.87 16.05 -28.82
N LEU C 320 14.43 16.90 -27.95
CA LEU C 320 14.40 16.62 -26.52
C LEU C 320 12.98 16.55 -25.99
N THR C 321 12.14 17.53 -26.33
CA THR C 321 10.75 17.52 -25.87
C THR C 321 10.00 16.29 -26.39
N ILE C 322 10.15 16.00 -27.69
CA ILE C 322 9.42 14.89 -28.30
C ILE C 322 9.75 13.58 -27.60
N ALA C 323 11.03 13.38 -27.24
CA ALA C 323 11.41 12.19 -26.49
C ALA C 323 10.65 12.11 -25.17
N GLY C 324 10.49 13.24 -24.50
CA GLY C 324 9.69 13.26 -23.28
C GLY C 324 8.23 12.97 -23.51
N LEU C 325 7.70 13.38 -24.66
CA LEU C 325 6.30 13.08 -25.00
C LEU C 325 6.06 11.58 -25.18
N LYS C 326 6.99 10.86 -25.82
CA LYS C 326 6.90 9.41 -25.85
C LYS C 326 7.05 8.79 -24.46
N ALA C 327 7.59 9.54 -23.51
CA ALA C 327 7.85 9.02 -22.16
C ALA C 327 8.79 7.82 -22.24
N PHE C 328 9.79 7.91 -23.12
CA PHE C 328 10.82 6.89 -23.16
C PHE C 328 11.42 6.74 -21.77
N PRO C 329 11.62 5.52 -21.28
CA PRO C 329 12.07 5.35 -19.91
C PRO C 329 13.56 5.63 -19.76
N GLY C 330 13.94 6.09 -18.57
CA GLY C 330 15.34 6.19 -18.22
C GLY C 330 16.05 7.47 -18.64
N LEU C 331 15.40 8.35 -19.41
CA LEU C 331 16.06 9.60 -19.76
C LEU C 331 15.94 10.66 -18.68
N THR C 332 15.15 10.41 -17.63
CA THR C 332 14.91 11.44 -16.61
C THR C 332 16.19 11.81 -15.88
N ASP C 333 17.11 10.86 -15.71
CA ASP C 333 18.34 11.12 -14.99
C ASP C 333 19.55 11.01 -15.92
N LEU C 334 19.60 11.84 -16.95
CA LEU C 334 20.69 11.87 -17.90
C LEU C 334 21.48 13.16 -17.78
N THR C 335 22.79 13.07 -17.98
CA THR C 335 23.70 14.16 -17.63
C THR C 335 23.46 15.38 -18.51
N GLY C 336 23.58 15.23 -19.83
CA GLY C 336 23.45 16.36 -20.73
C GLY C 336 23.67 16.00 -22.18
N ALA C 337 24.93 15.95 -22.61
CA ALA C 337 25.22 15.56 -23.99
C ALA C 337 24.71 14.16 -24.28
N SER C 338 24.79 13.25 -23.29
CA SER C 338 24.26 11.91 -23.46
C SER C 338 22.74 11.92 -23.60
N LEU C 339 22.06 12.90 -22.99
CA LEU C 339 20.61 12.95 -23.07
C LEU C 339 20.13 13.16 -24.49
N THR C 340 20.65 14.19 -25.17
CA THR C 340 20.26 14.44 -26.55
C THR C 340 20.64 13.25 -27.43
N ALA C 341 21.86 12.73 -27.24
CA ALA C 341 22.28 11.55 -27.98
C ALA C 341 21.34 10.37 -27.72
N ALA C 342 20.98 10.15 -26.45
CA ALA C 342 20.01 9.12 -26.12
C ALA C 342 18.63 9.45 -26.67
N SER C 343 18.25 10.73 -26.60
CA SER C 343 16.96 11.14 -27.17
C SER C 343 16.92 10.95 -28.67
N PHE C 344 18.05 11.19 -29.35
CA PHE C 344 18.11 10.96 -30.78
C PHE C 344 18.01 9.47 -31.10
N ASP C 345 18.80 8.64 -30.41
CA ASP C 345 18.82 7.21 -30.71
C ASP C 345 17.44 6.59 -30.51
N ALA C 346 16.63 7.16 -29.63
CA ALA C 346 15.28 6.64 -29.40
C ALA C 346 14.41 6.81 -30.63
N LEU C 347 14.44 8.00 -31.25
CA LEU C 347 13.54 8.33 -32.35
C LEU C 347 14.06 7.93 -33.73
N MET C 348 15.37 7.87 -33.91
CA MET C 348 15.99 7.59 -35.19
C MET C 348 16.98 6.44 -35.06
N PRO C 349 17.24 5.70 -36.14
CA PRO C 349 18.04 4.47 -36.00
C PRO C 349 19.43 4.67 -35.44
N MET C 350 20.19 5.66 -35.92
CA MET C 350 21.58 5.79 -35.52
C MET C 350 21.84 7.12 -34.82
N GLY C 351 20.86 7.61 -34.07
CA GLY C 351 20.98 8.93 -33.46
C GLY C 351 22.18 9.08 -32.54
N GLY C 352 22.51 8.03 -31.80
CA GLY C 352 23.63 8.14 -30.87
C GLY C 352 24.94 8.43 -31.59
N LEU C 353 25.27 7.63 -32.60
CA LEU C 353 26.48 7.89 -33.38
C LEU C 353 26.41 9.22 -34.11
N ILE C 354 25.21 9.58 -34.59
CA ILE C 354 25.04 10.82 -35.32
C ILE C 354 25.40 12.02 -34.44
N VAL C 355 24.78 12.09 -33.26
CA VAL C 355 24.99 13.25 -32.38
C VAL C 355 26.45 13.32 -31.94
N THR C 356 27.03 12.17 -31.55
CA THR C 356 28.43 12.17 -31.13
C THR C 356 29.35 12.56 -32.28
N ILE C 357 29.01 12.16 -33.51
CA ILE C 357 29.80 12.57 -34.66
C ILE C 357 29.77 14.09 -34.80
N GLY C 358 28.57 14.67 -34.76
CA GLY C 358 28.46 16.11 -34.84
C GLY C 358 29.15 16.81 -33.69
N LEU C 359 29.03 16.25 -32.48
CA LEU C 359 29.65 16.87 -31.31
C LEU C 359 31.16 17.05 -31.50
N VAL C 360 31.81 16.07 -32.14
CA VAL C 360 33.24 16.21 -32.43
C VAL C 360 33.48 17.43 -33.31
N PHE C 361 32.68 17.58 -34.37
CA PHE C 361 32.82 18.74 -35.24
C PHE C 361 32.29 20.00 -34.57
N PHE C 362 31.19 19.87 -33.80
CA PHE C 362 30.63 21.01 -33.08
C PHE C 362 31.68 21.64 -32.17
N ALA C 363 32.37 20.82 -31.38
CA ALA C 363 33.39 21.34 -30.48
C ALA C 363 34.64 21.76 -31.24
N TYR C 364 35.16 20.90 -32.12
CA TYR C 364 36.33 21.23 -32.92
C TYR C 364 36.15 22.54 -33.66
N SER C 365 34.95 22.77 -34.22
CA SER C 365 34.63 24.06 -34.82
C SER C 365 34.82 25.19 -33.83
N THR C 366 34.26 25.04 -32.62
CA THR C 366 34.31 26.09 -31.62
C THR C 366 35.71 26.31 -31.07
N VAL C 367 36.57 25.28 -31.11
CA VAL C 367 37.95 25.46 -30.66
C VAL C 367 38.67 26.44 -31.57
N LEU C 368 38.55 26.25 -32.89
CA LEU C 368 39.29 27.08 -33.84
C LEU C 368 38.90 28.54 -33.73
N GLY C 369 37.60 28.83 -33.86
CA GLY C 369 37.13 30.20 -33.84
C GLY C 369 37.56 30.92 -32.59
N TRP C 370 37.22 30.37 -31.44
CA TRP C 370 37.58 31.03 -30.21
C TRP C 370 39.06 31.26 -30.14
N SER C 371 39.83 30.32 -30.63
CA SER C 371 41.27 30.57 -30.66
C SER C 371 41.56 31.93 -31.26
N TYR C 372 40.96 32.22 -32.42
CA TYR C 372 41.14 33.51 -33.07
C TYR C 372 40.54 34.63 -32.22
N TYR C 373 39.34 34.41 -31.67
CA TYR C 373 38.73 35.37 -30.76
C TYR C 373 39.67 35.71 -29.61
N GLY C 374 40.23 34.68 -28.98
CA GLY C 374 41.14 34.91 -27.87
C GLY C 374 42.46 35.48 -28.33
N GLU C 375 42.95 35.01 -29.48
CA GLU C 375 44.23 35.51 -30.01
C GLU C 375 44.20 37.02 -30.14
N LYS C 376 43.18 37.55 -30.81
CA LYS C 376 43.09 38.99 -31.03
C LYS C 376 42.98 39.73 -29.70
N CYS C 377 42.26 39.15 -28.73
CA CYS C 377 42.17 39.76 -27.41
C CYS C 377 43.53 39.78 -26.72
N PHE C 378 44.33 38.74 -26.93
CA PHE C 378 45.66 38.69 -26.32
C PHE C 378 46.58 39.76 -26.90
N GLU C 379 46.65 39.83 -28.24
CA GLU C 379 47.60 40.73 -28.88
C GLU C 379 47.32 42.20 -28.56
N TYR C 380 46.04 42.55 -28.33
CA TYR C 380 45.74 43.90 -27.88
C TYR C 380 46.53 44.24 -26.62
N LEU C 381 46.73 43.26 -25.75
CA LEU C 381 47.51 43.47 -24.53
C LEU C 381 49.01 43.43 -24.82
N ILE C 382 49.47 42.40 -25.52
CA ILE C 382 50.89 42.14 -25.65
C ILE C 382 51.44 42.41 -27.04
N GLY C 383 50.59 42.65 -28.04
CA GLY C 383 51.09 42.81 -29.39
C GLY C 383 51.31 41.46 -30.06
N THR C 384 51.89 41.53 -31.26
CA THR C 384 52.13 40.32 -32.04
C THR C 384 53.37 39.55 -31.59
N LYS C 385 54.03 39.97 -30.51
CA LYS C 385 55.23 39.25 -30.08
C LYS C 385 54.89 37.86 -29.57
N GLY C 386 53.82 37.73 -28.78
CA GLY C 386 53.43 36.49 -28.17
C GLY C 386 52.30 35.75 -28.85
N ILE C 387 51.84 36.22 -30.02
CA ILE C 387 50.70 35.60 -30.67
C ILE C 387 50.95 34.13 -30.93
N ARG C 388 52.19 33.78 -31.31
CA ARG C 388 52.52 32.37 -31.51
C ARG C 388 52.52 31.61 -30.20
N LEU C 389 52.91 32.25 -29.10
CA LEU C 389 52.85 31.59 -27.79
C LEU C 389 51.41 31.24 -27.44
N TYR C 390 50.47 32.14 -27.76
CA TYR C 390 49.06 31.91 -27.46
C TYR C 390 48.56 30.62 -28.11
N ARG C 391 48.91 30.40 -29.38
CA ARG C 391 48.46 29.21 -30.09
C ARG C 391 48.99 27.93 -29.45
N ILE C 392 50.25 27.95 -29.02
CA ILE C 392 50.84 26.76 -28.41
C ILE C 392 50.12 26.41 -27.11
N ALA C 393 49.78 27.44 -26.32
CA ALA C 393 49.00 27.21 -25.12
C ALA C 393 47.64 26.63 -25.46
N PHE C 394 46.97 27.24 -26.44
CA PHE C 394 45.65 26.78 -26.87
C PHE C 394 45.67 25.32 -27.29
N VAL C 395 46.73 24.90 -28.00
CA VAL C 395 46.86 23.48 -28.34
C VAL C 395 47.05 22.64 -27.09
N LEU C 396 47.90 23.11 -26.18
CA LEU C 396 48.15 22.37 -24.95
C LEU C 396 46.90 22.31 -24.09
N VAL C 397 46.23 23.45 -23.90
CA VAL C 397 45.03 23.49 -23.06
C VAL C 397 43.95 22.58 -23.65
N ALA C 398 43.89 22.46 -24.98
CA ALA C 398 42.97 21.52 -25.60
C ALA C 398 43.30 20.10 -25.19
N PHE C 399 44.59 19.76 -25.14
CA PHE C 399 45.01 18.44 -24.72
C PHE C 399 44.65 18.18 -23.27
N TRP C 400 45.01 19.12 -22.39
CA TRP C 400 44.77 18.95 -20.97
C TRP C 400 43.28 18.91 -20.65
N GLY C 401 42.49 19.78 -21.30
CA GLY C 401 41.07 19.82 -21.01
C GLY C 401 40.37 18.49 -21.24
N ALA C 402 40.83 17.72 -22.23
CA ALA C 402 40.24 16.42 -22.50
C ALA C 402 40.58 15.42 -21.39
N THR C 403 41.81 15.48 -20.85
CA THR C 403 42.22 14.54 -19.81
C THR C 403 41.76 14.98 -18.43
N ALA C 404 41.82 16.27 -18.13
CA ALA C 404 41.62 16.75 -16.77
C ALA C 404 40.16 16.59 -16.34
N SER C 405 39.93 16.78 -15.05
CA SER C 405 38.61 16.63 -14.45
C SER C 405 38.01 18.01 -14.22
N LEU C 406 37.03 18.37 -15.03
CA LEU C 406 36.39 19.69 -14.96
C LEU C 406 34.88 19.51 -14.87
N PRO C 407 34.38 19.03 -13.72
CA PRO C 407 32.94 18.77 -13.59
C PRO C 407 32.09 20.03 -13.70
N LEU C 408 32.50 21.09 -12.99
CA LEU C 408 31.76 22.34 -12.94
C LEU C 408 32.38 23.43 -13.81
N VAL C 409 33.05 23.05 -14.89
CA VAL C 409 33.77 24.00 -15.73
C VAL C 409 32.82 25.04 -16.32
N TRP C 410 31.59 24.64 -16.66
CA TRP C 410 30.64 25.57 -17.25
C TRP C 410 30.41 26.76 -16.33
N ASN C 411 30.35 26.52 -15.03
CA ASN C 411 30.06 27.60 -14.09
C ASN C 411 31.18 28.62 -14.09
N ILE C 412 32.44 28.17 -14.04
CA ILE C 412 33.55 29.11 -14.09
C ILE C 412 33.64 29.72 -15.49
N ALA C 413 33.33 28.95 -16.52
CA ALA C 413 33.28 29.51 -17.86
C ALA C 413 32.25 30.62 -17.94
N ASP C 414 31.07 30.34 -17.46
CA ASP C 414 30.06 31.33 -17.48
C ASP C 414 30.51 32.60 -16.80
N THR C 415 31.19 32.51 -15.67
CA THR C 415 31.66 33.70 -14.97
C THR C 415 32.56 34.53 -15.87
N LEU C 416 33.50 33.87 -16.56
CA LEU C 416 34.38 34.56 -17.49
C LEU C 416 33.58 35.27 -18.58
N ASN C 417 32.54 34.62 -19.09
CA ASN C 417 31.67 35.22 -20.10
C ASN C 417 31.08 36.53 -19.59
N GLY C 418 30.65 36.56 -18.33
CA GLY C 418 30.15 37.79 -17.77
C GLY C 418 31.19 38.87 -17.74
N ALA C 419 32.43 38.50 -17.41
CA ALA C 419 33.53 39.45 -17.43
C ALA C 419 33.73 40.03 -18.82
N MET C 420 33.70 39.18 -19.86
CA MET C 420 33.76 39.69 -21.23
C MET C 420 32.57 40.58 -21.56
N ALA C 421 31.37 40.15 -21.16
CA ALA C 421 30.15 40.83 -21.62
C ALA C 421 30.05 42.24 -21.04
N ILE C 422 30.35 42.40 -19.75
CA ILE C 422 30.05 43.65 -19.06
C ILE C 422 30.62 44.88 -19.78
N PRO C 423 31.92 44.93 -20.11
CA PRO C 423 32.43 46.16 -20.78
C PRO C 423 31.78 46.37 -22.13
N ASN C 424 31.77 45.32 -22.96
CA ASN C 424 31.22 45.44 -24.32
C ASN C 424 29.79 45.96 -24.28
N LEU C 425 28.97 45.42 -23.36
CA LEU C 425 27.60 45.87 -23.24
C LEU C 425 27.52 47.37 -22.94
N ILE C 426 28.36 47.85 -22.01
CA ILE C 426 28.40 49.28 -21.71
C ILE C 426 28.73 50.08 -22.95
N GLY C 427 29.72 49.62 -23.72
CA GLY C 427 30.10 50.33 -24.93
C GLY C 427 28.96 50.42 -25.93
N LEU C 428 28.28 49.29 -26.16
CA LEU C 428 27.17 49.28 -27.11
C LEU C 428 26.08 50.27 -26.70
N LEU C 429 25.82 50.39 -25.40
CA LEU C 429 24.88 51.40 -24.94
C LEU C 429 25.39 52.80 -25.24
N LEU C 430 26.63 53.08 -24.84
CA LEU C 430 27.20 54.40 -25.05
C LEU C 430 27.36 54.70 -26.54
N LEU C 431 27.81 53.71 -27.31
CA LEU C 431 28.07 53.88 -28.73
C LEU C 431 26.87 53.52 -29.59
N SER C 432 25.66 53.54 -29.01
CA SER C 432 24.46 53.26 -29.78
C SER C 432 24.23 54.29 -30.87
N GLY C 433 24.60 55.55 -30.61
CA GLY C 433 24.39 56.59 -31.62
C GLY C 433 25.14 56.33 -32.91
N VAL C 434 26.34 55.77 -32.81
CA VAL C 434 27.14 55.52 -34.01
C VAL C 434 26.44 54.53 -34.92
N VAL C 435 26.05 53.38 -34.36
CA VAL C 435 25.47 52.32 -35.18
C VAL C 435 24.13 52.74 -35.76
N VAL C 436 23.26 53.37 -34.97
CA VAL C 436 21.96 53.80 -35.49
C VAL C 436 22.15 54.78 -36.64
N SER C 437 23.14 55.66 -36.54
CA SER C 437 23.49 56.52 -37.68
C SER C 437 24.07 55.69 -38.82
N GLU C 438 25.05 54.83 -38.52
CA GLU C 438 25.70 54.02 -39.54
C GLU C 438 24.70 53.11 -40.24
N THR C 439 23.66 52.68 -39.54
CA THR C 439 22.61 51.90 -40.18
C THR C 439 21.83 52.76 -41.16
N LYS C 440 21.44 53.97 -40.74
CA LYS C 440 20.69 54.87 -41.59
C LYS C 440 21.45 55.27 -42.85
N ALA C 441 22.76 55.04 -42.87
CA ALA C 441 23.56 55.22 -44.08
C ALA C 441 23.46 53.99 -44.98
N PHE C 442 23.76 52.81 -44.42
CA PHE C 442 23.82 51.59 -45.21
C PHE C 442 22.47 51.23 -45.81
N ASN C 443 21.39 51.31 -45.02
CA ASN C 443 20.07 51.02 -45.56
C ASN C 443 19.70 52.00 -46.67
N GLU C 444 20.28 53.21 -46.63
CA GLU C 444 20.14 54.12 -47.75
C GLU C 444 20.97 53.66 -48.95
N ILE C 445 22.17 53.13 -48.69
CA ILE C 445 22.96 52.56 -49.77
C ILE C 445 22.24 51.35 -50.37
N ARG C 446 21.35 50.71 -49.61
CA ARG C 446 20.66 49.52 -50.10
C ARG C 446 19.40 49.86 -50.88
N LYS C 447 18.99 51.12 -50.91
CA LYS C 447 17.87 51.54 -51.74
C LYS C 447 18.31 51.92 -53.14
N ASN C 448 19.56 52.33 -53.30
CA ASN C 448 20.11 52.73 -54.59
C ASN C 448 20.31 51.55 -55.53
N GLU C 449 20.25 50.31 -55.02
CA GLU C 449 20.30 49.12 -55.86
C GLU C 449 18.97 48.81 -56.53
N ALA C 450 17.90 49.52 -56.17
CA ALA C 450 16.70 49.55 -57.00
C ALA C 450 17.05 50.24 -58.31
N LYS C 451 17.81 49.55 -59.16
CA LYS C 451 18.40 50.16 -60.34
C LYS C 451 18.98 49.11 -61.29
N GLU D 1 13.84 -4.77 -14.95
CA GLU D 1 14.36 -3.69 -15.78
C GLU D 1 15.85 -3.46 -15.54
N VAL D 2 16.18 -2.33 -14.91
CA VAL D 2 17.57 -2.00 -14.63
C VAL D 2 17.96 -2.63 -13.29
N LYS D 3 19.22 -3.04 -13.21
CA LYS D 3 19.76 -3.71 -12.05
C LYS D 3 21.00 -2.99 -11.56
N LEU D 4 21.08 -2.78 -10.27
CA LEU D 4 22.30 -2.28 -9.62
C LEU D 4 22.51 -3.13 -8.37
N GLU D 5 23.58 -3.93 -8.38
CA GLU D 5 23.90 -4.81 -7.26
C GLU D 5 25.29 -4.45 -6.74
N GLU D 6 25.35 -4.01 -5.50
CA GLU D 6 26.62 -3.72 -4.87
C GLU D 6 27.23 -5.00 -4.32
N SER D 7 28.55 -4.96 -4.13
CA SER D 7 29.28 -6.09 -3.57
C SER D 7 30.59 -5.57 -3.00
N GLY D 8 31.28 -6.43 -2.25
CA GLY D 8 32.59 -6.11 -1.72
C GLY D 8 32.62 -5.61 -0.29
N GLY D 9 31.47 -5.37 0.32
CA GLY D 9 31.45 -4.94 1.71
C GLY D 9 32.09 -5.94 2.63
N GLY D 10 32.42 -5.48 3.83
CA GLY D 10 33.04 -6.36 4.80
C GLY D 10 33.43 -5.62 6.05
N LEU D 11 34.26 -6.28 6.85
CA LEU D 11 34.80 -5.73 8.09
C LEU D 11 36.27 -5.43 7.89
N VAL D 12 36.67 -4.19 8.17
CA VAL D 12 38.04 -3.74 7.96
C VAL D 12 38.51 -2.93 9.16
N GLN D 13 39.75 -3.16 9.59
CA GLN D 13 40.30 -2.44 10.71
C GLN D 13 40.55 -0.99 10.32
N PRO D 14 40.56 -0.08 11.28
CA PRO D 14 40.82 1.34 10.95
C PRO D 14 42.20 1.50 10.33
N GLY D 15 42.28 2.40 9.34
CA GLY D 15 43.47 2.53 8.54
C GLY D 15 43.54 1.57 7.37
N GLY D 16 42.66 0.58 7.33
CA GLY D 16 42.65 -0.39 6.25
C GLY D 16 42.08 0.20 4.97
N SER D 17 41.97 -0.67 3.98
CA SER D 17 41.49 -0.25 2.67
C SER D 17 40.68 -1.38 2.04
N MET D 18 39.75 -1.00 1.16
CA MET D 18 39.04 -1.96 0.32
C MET D 18 38.28 -1.17 -0.75
N LYS D 19 37.94 -1.86 -1.83
CA LYS D 19 37.19 -1.24 -2.91
C LYS D 19 35.92 -2.01 -3.18
N LEU D 20 34.82 -1.28 -3.31
CA LEU D 20 33.49 -1.83 -3.53
C LEU D 20 33.20 -1.92 -5.03
N SER D 21 32.14 -2.67 -5.35
CA SER D 21 31.75 -2.87 -6.74
C SER D 21 30.25 -2.75 -6.84
N CYS D 22 29.79 -2.36 -8.03
CA CYS D 22 28.38 -2.18 -8.33
C CYS D 22 28.14 -2.65 -9.76
N ALA D 23 28.06 -3.97 -9.92
CA ALA D 23 27.76 -4.54 -11.23
C ALA D 23 26.40 -4.05 -11.70
N ALA D 24 26.36 -3.46 -12.90
CA ALA D 24 25.15 -2.87 -13.44
C ALA D 24 24.74 -3.60 -14.72
N SER D 25 23.43 -3.63 -14.97
CA SER D 25 22.88 -4.33 -16.12
C SER D 25 21.47 -3.80 -16.36
N GLY D 26 20.91 -4.15 -17.52
CA GLY D 26 19.60 -3.68 -17.89
C GLY D 26 19.57 -2.33 -18.57
N PHE D 27 20.72 -1.72 -18.76
CA PHE D 27 20.84 -0.40 -19.40
C PHE D 27 22.31 -0.18 -19.77
N THR D 28 22.63 1.04 -20.18
CA THR D 28 23.97 1.40 -20.63
C THR D 28 24.71 2.11 -19.50
N SER D 29 25.65 1.42 -18.84
CA SER D 29 26.43 2.07 -17.80
C SER D 29 27.16 3.29 -18.35
N SER D 30 27.47 3.30 -19.65
CA SER D 30 28.30 4.34 -20.24
C SER D 30 27.57 5.68 -20.31
N ASP D 31 26.27 5.67 -20.61
CA ASP D 31 25.53 6.91 -20.81
C ASP D 31 25.27 7.64 -19.50
N PHE D 32 25.11 6.91 -18.39
CA PHE D 32 24.66 7.50 -17.15
C PHE D 32 25.83 7.81 -16.24
N ALA D 33 25.76 8.97 -15.60
CA ALA D 33 26.73 9.35 -14.57
C ALA D 33 26.33 8.70 -13.25
N MET D 34 27.33 8.28 -12.47
CA MET D 34 27.07 7.46 -11.29
C MET D 34 27.53 8.17 -10.02
N ASP D 35 26.84 7.87 -8.93
CA ASP D 35 27.10 8.45 -7.62
C ASP D 35 27.20 7.34 -6.60
N TRP D 36 27.85 7.67 -5.48
CA TRP D 36 27.87 6.82 -4.29
C TRP D 36 27.21 7.57 -3.16
N VAL D 37 26.21 6.97 -2.55
CA VAL D 37 25.53 7.54 -1.39
C VAL D 37 25.62 6.53 -0.25
N ARG D 38 25.87 7.03 0.96
CA ARG D 38 26.01 6.15 2.11
C ARG D 38 25.08 6.60 3.23
N GLN D 39 24.55 5.63 3.95
CA GLN D 39 23.67 5.86 5.08
C GLN D 39 24.34 5.29 6.31
N SER D 40 24.52 6.13 7.35
CA SER D 40 25.15 5.66 8.57
C SER D 40 24.16 4.77 9.33
N PRO D 41 24.63 4.01 10.32
CA PRO D 41 23.70 3.18 11.10
C PRO D 41 22.62 3.97 11.81
N GLU D 42 22.68 5.30 11.77
CA GLU D 42 21.70 6.19 12.36
C GLU D 42 20.88 6.93 11.30
N ALA D 43 20.85 6.41 10.07
CA ALA D 43 20.07 6.98 8.96
C ALA D 43 20.63 8.34 8.53
N GLY D 44 21.95 8.41 8.38
CA GLY D 44 22.58 9.68 8.05
C GLY D 44 22.28 10.14 6.63
N LEU D 45 22.49 9.27 5.64
CA LEU D 45 22.34 9.58 4.22
C LEU D 45 23.29 10.69 3.78
N GLU D 46 24.48 10.30 3.36
CA GLU D 46 25.52 11.24 2.97
C GLU D 46 26.06 10.87 1.59
N TRP D 47 26.23 11.89 0.76
CA TRP D 47 26.77 11.73 -0.58
C TRP D 47 28.29 11.58 -0.51
N VAL D 48 28.85 10.80 -1.44
CA VAL D 48 30.26 10.40 -1.38
C VAL D 48 31.01 10.80 -2.64
N ALA D 49 30.51 10.43 -3.82
CA ALA D 49 31.32 10.59 -5.02
C ALA D 49 30.45 10.71 -6.26
N GLU D 50 31.04 11.26 -7.32
CA GLU D 50 30.42 11.43 -8.63
C GLU D 50 31.39 10.98 -9.71
N ILE D 51 30.84 10.53 -10.83
CA ILE D 51 31.61 10.14 -12.01
C ILE D 51 30.66 10.02 -13.18
N ALA D 52 31.18 10.28 -14.40
CA ALA D 52 30.39 10.21 -15.63
C ALA D 52 30.95 9.22 -16.63
N ALA D 53 32.24 9.33 -16.94
CA ALA D 53 33.02 8.36 -17.72
C ALA D 53 34.46 8.85 -17.83
N SER D 54 34.71 10.05 -17.31
CA SER D 54 36.02 10.71 -17.43
C SER D 54 36.43 11.44 -16.15
N GLU D 55 35.63 12.40 -15.73
CA GLU D 55 35.98 13.28 -14.63
C GLU D 55 35.09 13.03 -13.41
N ARG D 56 35.62 13.36 -12.24
CA ARG D 56 35.05 12.97 -10.96
C ARG D 56 35.02 14.16 -10.02
N HIS D 57 34.11 14.10 -9.05
CA HIS D 57 34.01 15.09 -7.99
C HIS D 57 33.83 14.37 -6.67
N TYR D 58 34.37 14.95 -5.59
CA TYR D 58 34.38 14.30 -4.30
C TYR D 58 33.91 15.25 -3.21
N ALA D 59 33.31 14.67 -2.17
CA ALA D 59 32.99 15.42 -0.97
C ALA D 59 34.26 15.68 -0.16
N GLU D 60 34.30 16.83 0.52
CA GLU D 60 35.49 17.18 1.29
C GLU D 60 35.77 16.18 2.40
N SER D 61 34.72 15.53 2.90
CA SER D 61 34.87 14.59 4.01
C SER D 61 35.80 13.44 3.65
N VAL D 62 35.82 13.04 2.39
CA VAL D 62 36.57 11.86 1.93
C VAL D 62 37.65 12.20 0.92
N LYS D 63 37.80 13.47 0.53
CA LYS D 63 38.74 13.83 -0.51
C LYS D 63 40.15 13.39 -0.13
N GLY D 64 40.80 12.65 -1.02
CA GLY D 64 42.12 12.13 -0.78
C GLY D 64 42.15 10.73 -0.19
N ARG D 65 41.05 10.26 0.39
CA ARG D 65 40.97 8.91 0.92
C ARG D 65 40.07 8.00 0.10
N PHE D 66 39.30 8.53 -0.84
CA PHE D 66 38.48 7.71 -1.71
C PHE D 66 38.90 7.94 -3.15
N THR D 67 38.78 6.90 -3.96
CA THR D 67 39.06 6.98 -5.39
C THR D 67 37.95 6.26 -6.13
N ILE D 68 37.16 7.00 -6.89
CA ILE D 68 36.05 6.43 -7.64
C ILE D 68 36.52 6.15 -9.05
N SER D 69 36.16 4.97 -9.55
CA SER D 69 36.53 4.54 -10.88
C SER D 69 35.33 3.80 -11.47
N ARG D 70 35.40 3.54 -12.77
CA ARG D 70 34.33 2.81 -13.44
C ARG D 70 34.93 2.07 -14.63
N ASP D 71 34.23 1.02 -15.07
CA ASP D 71 34.68 0.18 -16.19
C ASP D 71 33.44 -0.14 -17.03
N ASP D 72 33.11 0.76 -17.96
CA ASP D 72 31.89 0.61 -18.76
C ASP D 72 31.89 -0.66 -19.58
N SER D 73 33.06 -1.25 -19.85
CA SER D 73 33.11 -2.52 -20.58
C SER D 73 32.53 -3.65 -19.73
N LYS D 74 32.88 -3.69 -18.46
CA LYS D 74 32.39 -4.70 -17.53
C LYS D 74 31.13 -4.24 -16.81
N SER D 75 30.57 -3.09 -17.20
CA SER D 75 29.31 -2.57 -16.64
C SER D 75 29.33 -2.59 -15.11
N SER D 76 30.45 -2.18 -14.53
CA SER D 76 30.58 -2.09 -13.08
C SER D 76 31.24 -0.78 -12.70
N VAL D 77 30.86 -0.27 -11.53
CA VAL D 77 31.49 0.93 -10.95
C VAL D 77 32.22 0.47 -9.70
N TYR D 78 33.31 1.15 -9.40
CA TYR D 78 34.13 0.83 -8.25
C TYR D 78 34.22 2.05 -7.34
N LEU D 79 34.51 1.79 -6.07
CA LEU D 79 34.88 2.85 -5.15
C LEU D 79 35.97 2.31 -4.24
N GLN D 80 37.17 2.87 -4.34
CA GLN D 80 38.30 2.39 -3.55
C GLN D 80 38.49 3.31 -2.36
N MET D 81 38.46 2.72 -1.18
CA MET D 81 38.54 3.42 0.10
C MET D 81 39.82 2.99 0.78
N ASN D 82 40.58 3.96 1.28
CA ASN D 82 41.81 3.67 2.02
C ASN D 82 41.94 4.68 3.15
N SER D 83 42.78 4.33 4.13
CA SER D 83 42.93 5.12 5.35
C SER D 83 41.55 5.37 5.97
N LEU D 84 40.83 4.27 6.20
CA LEU D 84 39.45 4.36 6.66
C LEU D 84 39.40 4.84 8.11
N ARG D 85 38.27 5.44 8.45
CA ARG D 85 38.03 5.96 9.78
C ARG D 85 36.84 5.22 10.38
N ALA D 86 36.66 5.37 11.69
CA ALA D 86 35.51 4.74 12.33
C ALA D 86 34.21 5.31 11.78
N GLU D 87 34.19 6.60 11.47
CA GLU D 87 32.99 7.25 10.98
C GLU D 87 32.57 6.77 9.60
N ASP D 88 33.49 6.13 8.84
CA ASP D 88 33.16 5.66 7.50
C ASP D 88 32.20 4.47 7.50
N SER D 89 31.77 4.00 8.67
CA SER D 89 30.82 2.88 8.70
C SER D 89 29.48 3.33 8.14
N GLY D 90 28.89 2.50 7.29
CA GLY D 90 27.61 2.81 6.73
C GLY D 90 27.25 1.81 5.65
N LEU D 91 26.06 2.01 5.09
CA LEU D 91 25.58 1.25 3.94
C LEU D 91 25.89 2.08 2.71
N TYR D 92 26.70 1.53 1.81
CA TYR D 92 27.14 2.25 0.62
C TYR D 92 26.24 1.89 -0.57
N TYR D 93 25.66 2.91 -1.18
CA TYR D 93 24.68 2.74 -2.24
C TYR D 93 25.24 3.22 -3.56
N CYS D 94 24.91 2.46 -4.60
CA CYS D 94 25.21 2.79 -5.97
C CYS D 94 23.98 3.47 -6.55
N THR D 95 24.18 4.48 -7.39
CA THR D 95 23.02 5.17 -7.94
C THR D 95 23.40 6.00 -9.15
N ARG D 96 22.37 6.46 -9.86
CA ARG D 96 22.47 7.25 -11.08
C ARG D 96 22.04 8.67 -10.77
N THR D 97 22.83 9.65 -11.22
CA THR D 97 22.66 11.04 -10.82
C THR D 97 22.35 11.95 -12.01
N ALA D 98 21.70 13.08 -11.72
CA ALA D 98 21.41 14.16 -12.68
C ALA D 98 20.87 15.39 -11.97
N GLY D 99 19.62 15.30 -11.50
CA GLY D 99 19.02 16.26 -10.58
C GLY D 99 18.33 15.56 -9.43
N ALA D 100 17.86 14.34 -9.68
CA ALA D 100 17.25 13.50 -8.66
C ALA D 100 17.91 12.13 -8.70
N CYS D 101 18.00 11.47 -7.55
CA CYS D 101 18.60 10.14 -7.44
C CYS D 101 17.47 9.13 -7.59
N GLY D 102 17.18 8.77 -8.83
CA GLY D 102 16.00 7.99 -9.12
C GLY D 102 16.18 6.50 -8.96
N GLN D 103 17.21 5.93 -9.59
CA GLN D 103 17.41 4.48 -9.58
C GLN D 103 18.55 4.16 -8.61
N TRP D 104 18.23 3.46 -7.53
CA TRP D 104 19.16 3.18 -6.45
C TRP D 104 19.60 1.72 -6.49
N GLY D 105 20.62 1.43 -5.69
CA GLY D 105 21.18 0.10 -5.61
C GLY D 105 20.62 -0.71 -4.45
N THR D 106 21.20 -1.91 -4.28
CA THR D 106 20.83 -2.81 -3.20
C THR D 106 21.41 -2.36 -1.87
N GLY D 107 22.68 -1.99 -1.86
CA GLY D 107 23.39 -1.53 -0.67
C GLY D 107 24.33 -2.61 -0.17
N THR D 108 25.54 -2.20 0.23
CA THR D 108 26.50 -3.09 0.85
C THR D 108 27.07 -2.41 2.10
N THR D 109 27.49 -3.24 3.06
CA THR D 109 27.76 -2.77 4.41
C THR D 109 29.27 -2.72 4.65
N VAL D 110 29.75 -1.61 5.21
CA VAL D 110 31.13 -1.46 5.64
C VAL D 110 31.12 -1.21 7.14
N THR D 111 31.92 -1.98 7.87
CA THR D 111 32.10 -1.80 9.30
C THR D 111 33.59 -1.63 9.55
N VAL D 112 33.99 -0.46 10.05
CA VAL D 112 35.38 -0.15 10.35
C VAL D 112 35.53 -0.15 11.86
N SER D 113 36.17 -1.19 12.38
CA SER D 113 36.38 -1.29 13.83
C SER D 113 37.55 -2.22 14.07
N SER D 114 38.25 -1.98 15.18
CA SER D 114 39.35 -2.83 15.58
C SER D 114 38.88 -4.10 16.27
N ALA D 115 37.56 -4.28 16.42
CA ALA D 115 37.04 -5.46 17.08
C ALA D 115 37.34 -6.70 16.25
N LYS D 116 37.32 -7.85 16.91
CA LYS D 116 37.63 -9.12 16.27
C LYS D 116 36.33 -9.89 16.08
N THR D 117 36.20 -10.49 14.90
CA THR D 117 35.01 -11.29 14.60
C THR D 117 34.87 -12.40 15.64
N THR D 118 33.66 -12.52 16.20
CA THR D 118 33.43 -13.50 17.25
C THR D 118 32.06 -14.14 17.03
N PRO D 119 31.97 -15.47 17.10
CA PRO D 119 30.67 -16.12 16.89
C PRO D 119 29.79 -15.95 18.10
N PRO D 120 28.47 -16.00 17.92
CA PRO D 120 27.57 -15.83 19.05
C PRO D 120 27.45 -17.10 19.89
N SER D 121 26.92 -16.92 21.09
CA SER D 121 26.49 -18.03 21.94
C SER D 121 24.98 -17.95 22.02
N VAL D 122 24.30 -19.06 21.76
CA VAL D 122 22.85 -19.10 21.65
C VAL D 122 22.28 -19.82 22.86
N TYR D 123 21.40 -19.13 23.59
CA TYR D 123 20.79 -19.69 24.78
C TYR D 123 19.27 -19.67 24.64
N PRO D 124 18.59 -20.74 25.06
CA PRO D 124 17.14 -20.80 24.94
C PRO D 124 16.45 -20.14 26.12
N LEU D 125 15.31 -19.51 25.85
CA LEU D 125 14.50 -18.84 26.85
C LEU D 125 13.19 -19.61 27.02
N ALA D 126 13.03 -20.25 28.17
CA ALA D 126 11.86 -21.04 28.50
C ALA D 126 11.38 -20.63 29.87
N PRO D 127 10.06 -20.66 30.11
CA PRO D 127 9.53 -20.11 31.36
C PRO D 127 10.00 -20.90 32.58
N GLY D 128 9.88 -20.26 33.74
CA GLY D 128 10.20 -20.95 34.98
C GLY D 128 9.20 -22.06 35.28
N SER D 129 9.61 -22.96 36.18
CA SER D 129 8.80 -24.13 36.50
C SER D 129 7.43 -23.72 37.04
N ALA D 130 7.40 -22.73 37.93
CA ALA D 130 6.15 -22.24 38.50
C ALA D 130 5.58 -21.14 37.61
N ALA D 131 5.30 -21.51 36.36
CA ALA D 131 4.78 -20.58 35.38
C ALA D 131 3.28 -20.37 35.58
N ALA D 132 2.78 -19.24 35.07
CA ALA D 132 1.40 -18.84 35.28
C ALA D 132 0.40 -19.71 34.51
N ALA D 133 0.88 -20.60 33.64
CA ALA D 133 0.04 -21.54 32.90
C ALA D 133 -1.13 -20.84 32.23
N ALA D 134 -0.80 -19.82 31.42
CA ALA D 134 -1.81 -19.11 30.66
C ALA D 134 -2.19 -19.91 29.42
N SER D 135 -3.17 -19.40 28.67
CA SER D 135 -3.64 -20.11 27.47
C SER D 135 -2.56 -20.17 26.41
N MET D 136 -1.72 -19.14 26.32
CA MET D 136 -0.65 -19.04 25.34
C MET D 136 0.68 -18.95 26.05
N VAL D 137 1.69 -19.61 25.50
CA VAL D 137 3.04 -19.58 26.04
C VAL D 137 3.90 -18.76 25.09
N THR D 138 4.90 -18.10 25.67
CA THR D 138 5.87 -17.32 24.90
C THR D 138 7.25 -17.87 25.19
N LEU D 139 7.99 -18.19 24.15
CA LEU D 139 9.34 -18.71 24.23
C LEU D 139 10.29 -17.78 23.49
N GLY D 140 11.57 -17.97 23.75
CA GLY D 140 12.54 -17.02 23.26
C GLY D 140 13.90 -17.64 23.00
N CYS D 141 14.69 -16.91 22.24
CA CYS D 141 16.06 -17.24 21.91
C CYS D 141 16.90 -16.03 22.23
N LEU D 142 18.04 -16.24 22.89
CA LEU D 142 18.93 -15.13 23.21
C LEU D 142 20.25 -15.37 22.50
N VAL D 143 20.62 -14.44 21.63
CA VAL D 143 21.85 -14.50 20.84
C VAL D 143 22.73 -13.38 21.34
N LYS D 144 23.83 -13.72 22.04
CA LYS D 144 24.67 -12.70 22.63
C LYS D 144 26.13 -13.06 22.43
N GLY D 145 26.97 -12.03 22.45
CA GLY D 145 28.40 -12.20 22.31
C GLY D 145 28.84 -12.46 20.89
N TYR D 146 28.31 -11.68 19.92
CA TYR D 146 28.67 -11.87 18.53
C TYR D 146 29.12 -10.55 17.92
N PHE D 147 30.05 -10.65 16.99
CA PHE D 147 30.53 -9.54 16.18
C PHE D 147 31.05 -10.10 14.87
N PRO D 148 30.91 -9.36 13.75
CA PRO D 148 30.05 -8.18 13.65
C PRO D 148 28.64 -8.52 13.20
N GLU D 149 27.84 -7.49 13.00
CA GLU D 149 26.51 -7.66 12.44
C GLU D 149 26.65 -8.24 11.03
N PRO D 150 25.70 -9.09 10.58
CA PRO D 150 24.40 -9.47 11.14
C PRO D 150 24.24 -10.95 11.49
N VAL D 151 23.09 -11.26 12.08
CA VAL D 151 22.66 -12.63 12.34
C VAL D 151 21.26 -12.78 11.77
N THR D 152 20.92 -14.01 11.38
CA THR D 152 19.61 -14.34 10.84
C THR D 152 18.96 -15.35 11.77
N VAL D 153 17.78 -15.02 12.27
CA VAL D 153 17.06 -15.86 13.24
C VAL D 153 15.73 -16.27 12.63
N THR D 154 15.48 -17.57 12.59
CA THR D 154 14.22 -18.12 12.13
C THR D 154 13.77 -19.17 13.13
N TRP D 155 12.46 -19.41 13.18
CA TRP D 155 11.87 -20.37 14.10
C TRP D 155 11.35 -21.58 13.32
N ASN D 156 11.76 -22.76 13.76
CA ASN D 156 11.39 -24.01 13.11
C ASN D 156 11.69 -23.95 11.61
N SER D 157 12.90 -23.48 11.29
CA SER D 157 13.41 -23.40 9.93
C SER D 157 12.51 -22.55 9.04
N GLY D 158 11.90 -21.51 9.60
CA GLY D 158 11.01 -20.65 8.86
C GLY D 158 9.58 -21.13 8.78
N SER D 159 9.30 -22.35 9.23
CA SER D 159 7.92 -22.85 9.24
C SER D 159 7.05 -22.03 10.19
N LEU D 160 7.62 -21.56 11.29
CA LEU D 160 6.90 -20.77 12.27
C LEU D 160 7.28 -19.30 12.06
N SER D 161 6.39 -18.56 11.40
CA SER D 161 6.64 -17.18 11.01
C SER D 161 5.68 -16.17 11.63
N SER D 162 4.59 -16.62 12.25
CA SER D 162 3.59 -15.72 12.83
C SER D 162 3.76 -15.69 14.34
N GLY D 163 3.64 -14.51 14.92
CA GLY D 163 3.83 -14.38 16.34
C GLY D 163 5.27 -14.35 16.78
N VAL D 164 6.19 -14.03 15.87
CA VAL D 164 7.61 -13.95 16.18
C VAL D 164 8.02 -12.48 16.22
N HIS D 165 8.95 -12.16 17.11
CA HIS D 165 9.57 -10.84 17.20
C HIS D 165 11.07 -11.04 17.27
N THR D 166 11.80 -10.40 16.36
CA THR D 166 13.25 -10.41 16.39
C THR D 166 13.68 -8.99 16.72
N PHE D 167 14.25 -8.83 17.84
CA PHE D 167 14.53 -7.49 18.27
C PHE D 167 15.86 -7.00 17.71
N PRO D 168 15.97 -5.70 17.47
CA PRO D 168 17.22 -5.16 16.91
C PRO D 168 18.36 -5.44 17.87
N ALA D 169 19.53 -5.71 17.31
CA ALA D 169 20.69 -5.98 18.14
C ALA D 169 21.06 -4.73 18.92
N VAL D 170 21.63 -4.94 20.09
CA VAL D 170 22.12 -3.85 20.93
C VAL D 170 23.61 -4.07 21.13
N LEU D 171 24.40 -3.02 20.94
CA LEU D 171 25.85 -3.12 20.96
C LEU D 171 26.36 -2.65 22.32
N GLN D 172 27.14 -3.51 22.97
CA GLN D 172 27.76 -3.18 24.25
C GLN D 172 29.21 -3.62 24.21
N SER D 173 30.11 -2.66 24.03
CA SER D 173 31.54 -2.88 24.12
C SER D 173 32.00 -4.06 23.26
N ASP D 174 32.16 -3.83 21.96
CA ASP D 174 32.82 -4.73 21.02
C ASP D 174 31.99 -5.95 20.69
N LEU D 175 30.79 -6.10 21.25
CA LEU D 175 29.97 -7.27 21.01
C LEU D 175 28.50 -6.88 20.93
N TYR D 176 27.74 -7.68 20.18
CA TYR D 176 26.33 -7.43 19.95
C TYR D 176 25.51 -8.46 20.73
N THR D 177 24.29 -8.06 21.07
CA THR D 177 23.37 -8.93 21.79
C THR D 177 21.99 -8.76 21.18
N LEU D 178 21.33 -9.88 20.94
CA LEU D 178 20.04 -9.89 20.24
C LEU D 178 19.17 -10.99 20.81
N SER D 179 17.86 -10.72 20.85
CA SER D 179 16.88 -11.63 21.41
C SER D 179 15.68 -11.73 20.47
N SER D 180 15.04 -12.89 20.45
CA SER D 180 13.86 -13.10 19.64
C SER D 180 12.83 -13.86 20.45
N SER D 181 11.55 -13.54 20.23
CA SER D 181 10.45 -14.11 20.99
C SER D 181 9.46 -14.76 20.03
N VAL D 182 8.93 -15.91 20.42
CA VAL D 182 7.87 -16.61 19.68
C VAL D 182 6.74 -16.93 20.65
N THR D 183 5.51 -16.85 20.17
CA THR D 183 4.33 -17.08 20.99
C THR D 183 3.50 -18.16 20.32
N VAL D 184 3.23 -19.24 21.06
CA VAL D 184 2.44 -20.37 20.58
C VAL D 184 1.48 -20.80 21.68
N PRO D 185 0.42 -21.53 21.32
CA PRO D 185 -0.54 -21.99 22.33
C PRO D 185 0.11 -22.94 23.33
N SER D 186 -0.34 -22.85 24.59
CA SER D 186 0.24 -23.68 25.65
C SER D 186 0.04 -25.17 25.38
N SER D 187 -1.03 -25.54 24.66
CA SER D 187 -1.22 -26.92 24.26
C SER D 187 -0.12 -27.39 23.33
N THR D 188 0.40 -26.48 22.49
CA THR D 188 1.39 -26.85 21.48
C THR D 188 2.71 -27.27 22.10
N TRP D 189 3.15 -26.54 23.10
CA TRP D 189 4.46 -26.75 23.71
C TRP D 189 4.32 -27.33 25.10
N PRO D 190 5.04 -28.42 25.45
CA PRO D 190 6.14 -29.03 24.70
C PRO D 190 5.70 -30.11 23.70
N ALA D 191 4.39 -30.24 23.46
CA ALA D 191 3.88 -31.31 22.61
C ALA D 191 4.51 -31.27 21.22
N SER D 192 4.54 -30.10 20.60
CA SER D 192 5.17 -29.90 19.31
C SER D 192 6.49 -29.16 19.51
N THR D 193 7.56 -29.69 18.93
CA THR D 193 8.89 -29.14 19.18
C THR D 193 9.01 -27.72 18.64
N VAL D 194 9.71 -26.86 19.38
CA VAL D 194 9.98 -25.49 18.98
C VAL D 194 11.50 -25.30 19.01
N THR D 195 12.06 -24.86 17.89
CA THR D 195 13.51 -24.82 17.72
C THR D 195 13.92 -23.44 17.23
N CYS D 196 15.13 -23.05 17.62
CA CYS D 196 15.71 -21.76 17.30
C CYS D 196 16.81 -21.95 16.26
N ASN D 197 16.69 -21.24 15.15
CA ASN D 197 17.62 -21.37 14.03
C ASN D 197 18.38 -20.06 13.88
N VAL D 198 19.64 -20.05 14.29
CA VAL D 198 20.46 -18.85 14.32
C VAL D 198 21.66 -19.07 13.41
N ALA D 199 22.01 -18.05 12.64
CA ALA D 199 23.10 -18.14 11.68
C ALA D 199 23.93 -16.87 11.77
N HIS D 200 25.25 -17.04 11.83
CA HIS D 200 26.18 -15.92 11.82
C HIS D 200 27.14 -16.10 10.66
N PRO D 201 26.99 -15.33 9.58
CA PRO D 201 27.81 -15.60 8.38
C PRO D 201 29.29 -15.38 8.60
N ALA D 202 29.66 -14.27 9.27
CA ALA D 202 31.06 -13.90 9.39
C ALA D 202 31.88 -14.98 10.09
N SER D 203 31.30 -15.62 11.10
CA SER D 203 31.99 -16.68 11.83
C SER D 203 31.74 -18.05 11.22
N SER D 204 30.89 -18.14 10.19
CA SER D 204 30.51 -19.40 9.57
C SER D 204 29.99 -20.38 10.62
N THR D 205 29.07 -19.90 11.45
CA THR D 205 28.46 -20.70 12.51
C THR D 205 26.97 -20.81 12.26
N LYS D 206 26.46 -22.04 12.35
CA LYS D 206 25.04 -22.31 12.28
C LYS D 206 24.68 -23.15 13.49
N VAL D 207 23.68 -22.70 14.25
CA VAL D 207 23.31 -23.38 15.50
C VAL D 207 21.79 -23.49 15.57
N ASP D 208 21.33 -24.62 16.12
CA ASP D 208 19.92 -24.88 16.38
C ASP D 208 19.75 -25.19 17.85
N LYS D 209 18.84 -24.49 18.52
CA LYS D 209 18.54 -24.73 19.92
C LYS D 209 17.07 -25.11 20.06
N ALA D 210 16.82 -26.21 20.74
CA ALA D 210 15.46 -26.69 20.96
C ALA D 210 15.04 -26.21 22.35
N ILE D 211 13.87 -25.58 22.41
CA ILE D 211 13.38 -25.01 23.66
C ILE D 211 12.75 -26.14 24.46
N VAL D 212 13.38 -26.47 25.59
CA VAL D 212 12.89 -27.56 26.44
C VAL D 212 12.55 -26.93 27.80
N PRO D 213 11.42 -27.30 28.40
CA PRO D 213 11.05 -26.71 29.69
C PRO D 213 11.98 -27.18 30.80
N GLY D 214 11.85 -26.54 31.96
CA GLY D 214 12.67 -26.87 33.11
C GLY D 214 11.92 -27.68 34.15
N GLY E 16 -45.21 -15.89 0.94
CA GLY E 16 -44.02 -15.37 1.60
C GLY E 16 -44.27 -14.16 2.49
N PRO E 17 -43.39 -13.17 2.42
CA PRO E 17 -43.52 -11.98 3.27
C PRO E 17 -44.61 -11.01 2.82
N TYR E 18 -45.35 -11.36 1.77
CA TYR E 18 -46.52 -10.58 1.41
C TYR E 18 -47.50 -10.50 2.58
N MET E 19 -47.53 -11.53 3.43
CA MET E 19 -48.41 -11.50 4.58
C MET E 19 -48.13 -10.28 5.46
N LEU E 20 -46.87 -9.90 5.63
CA LEU E 20 -46.56 -8.71 6.42
C LEU E 20 -47.18 -7.46 5.79
N VAL E 21 -47.16 -7.35 4.46
CA VAL E 21 -47.88 -6.24 3.82
C VAL E 21 -49.37 -6.39 4.09
N LEU E 22 -49.86 -7.64 4.10
CA LEU E 22 -51.26 -7.90 4.47
C LEU E 22 -51.53 -7.55 5.93
N LEU E 23 -50.66 -8.02 6.84
CA LEU E 23 -50.86 -7.78 8.27
C LEU E 23 -50.91 -6.29 8.57
N LEU E 24 -49.89 -5.55 8.13
CA LEU E 24 -49.88 -4.12 8.37
C LEU E 24 -51.05 -3.45 7.66
N GLY E 25 -51.47 -3.99 6.52
CA GLY E 25 -52.58 -3.41 5.79
C GLY E 25 -53.86 -3.36 6.60
N THR E 26 -54.14 -4.44 7.33
CA THR E 26 -55.27 -4.44 8.26
C THR E 26 -55.08 -3.35 9.31
N GLY E 27 -53.88 -3.25 9.87
CA GLY E 27 -53.59 -2.20 10.83
C GLY E 27 -53.93 -0.82 10.31
N ILE E 28 -53.55 -0.55 9.06
CA ILE E 28 -54.00 0.69 8.42
C ILE E 28 -55.52 0.69 8.30
N PHE E 29 -56.08 -0.44 7.88
CA PHE E 29 -57.50 -0.51 7.57
C PHE E 29 -58.36 -0.31 8.81
N LEU E 30 -58.14 -1.14 9.84
CA LEU E 30 -58.94 -1.04 11.06
C LEU E 30 -58.79 0.33 11.72
N THR E 31 -57.57 0.87 11.74
CA THR E 31 -57.36 2.21 12.30
C THR E 31 -58.19 3.25 11.57
N LEU E 32 -58.30 3.12 10.24
CA LEU E 32 -59.19 4.00 9.49
C LEU E 32 -60.66 3.71 9.82
N ARG E 33 -61.05 2.43 9.79
CA ARG E 33 -62.43 2.09 10.09
C ARG E 33 -62.79 2.45 11.53
N LEU E 34 -61.84 2.30 12.44
CA LEU E 34 -62.06 2.64 13.84
C LEU E 34 -61.58 4.04 14.17
N GLY E 35 -61.25 4.85 13.15
CA GLY E 35 -60.95 6.26 13.30
C GLY E 35 -59.93 6.59 14.36
N PHE E 36 -58.77 5.93 14.32
CA PHE E 36 -57.67 6.20 15.24
C PHE E 36 -58.14 6.09 16.69
N MET E 37 -58.90 5.04 16.98
CA MET E 37 -59.50 4.92 18.30
C MET E 37 -58.45 4.79 19.39
N GLN E 38 -57.30 4.17 19.07
CA GLN E 38 -56.34 3.78 20.09
C GLN E 38 -55.81 4.98 20.87
N ILE E 39 -55.61 6.12 20.20
CA ILE E 39 -54.95 7.25 20.85
C ILE E 39 -55.82 7.82 21.96
N HIS E 40 -57.15 7.84 21.77
CA HIS E 40 -58.03 8.42 22.79
C HIS E 40 -58.37 7.42 23.89
N THR E 41 -58.66 6.16 23.53
CA THR E 41 -59.07 5.17 24.52
C THR E 41 -57.92 4.71 25.40
N LEU E 42 -56.67 4.97 25.00
CA LEU E 42 -55.53 4.37 25.68
C LEU E 42 -55.46 4.70 27.16
N PRO E 43 -55.60 5.96 27.60
CA PRO E 43 -55.53 6.20 29.05
C PRO E 43 -56.62 5.46 29.81
N TYR E 44 -57.86 5.53 29.35
CA TYR E 44 -58.96 4.86 30.03
C TYR E 44 -58.71 3.36 30.14
N ALA E 45 -58.32 2.73 29.03
CA ALA E 45 -57.98 1.32 29.06
C ALA E 45 -56.86 1.05 30.06
N LEU E 46 -55.87 1.94 30.12
CA LEU E 46 -54.81 1.80 31.11
C LEU E 46 -55.36 1.92 32.52
N LYS E 47 -56.24 2.90 32.75
CA LYS E 47 -56.89 3.04 34.05
C LYS E 47 -57.71 1.79 34.37
N LEU E 48 -58.48 1.30 33.39
CA LEU E 48 -59.32 0.12 33.62
C LEU E 48 -58.46 -1.12 33.85
N ALA E 49 -57.41 -1.31 33.03
CA ALA E 49 -56.62 -2.53 33.13
C ALA E 49 -56.04 -2.69 34.53
N PHE E 50 -55.56 -1.60 35.11
CA PHE E 50 -54.97 -1.61 36.44
C PHE E 50 -55.92 -1.12 37.51
N SER E 51 -57.20 -0.94 37.15
CA SER E 51 -58.20 -0.55 38.13
C SER E 51 -58.33 -1.62 39.21
N LYS E 52 -58.81 -1.20 40.37
CA LYS E 52 -59.03 -2.11 41.49
C LYS E 52 -60.45 -2.64 41.45
N HIS E 53 -60.70 -3.71 42.20
CA HIS E 53 -61.97 -4.42 42.21
C HIS E 53 -62.34 -4.90 40.80
N GLU E 56 -63.72 -7.31 39.15
CA GLU E 56 -65.12 -7.47 38.72
C GLU E 56 -65.37 -8.95 38.36
N THR E 57 -66.55 -9.47 38.69
CA THR E 57 -66.89 -10.89 38.46
C THR E 57 -68.18 -11.05 37.66
N SER E 58 -68.07 -11.08 36.33
CA SER E 58 -69.21 -11.31 35.43
C SER E 58 -68.78 -12.27 34.31
N GLU E 59 -68.95 -13.56 34.56
CA GLU E 59 -68.65 -14.61 33.56
C GLU E 59 -67.23 -14.52 33.01
N GLY E 60 -66.26 -15.04 33.76
CA GLY E 60 -64.90 -15.08 33.30
C GLY E 60 -64.07 -15.98 34.18
N ASP E 61 -62.93 -16.40 33.65
CA ASP E 61 -62.06 -17.27 34.44
C ASP E 61 -61.22 -16.49 35.43
N ILE E 62 -60.72 -15.32 35.03
CA ILE E 62 -59.83 -14.51 35.87
C ILE E 62 -60.06 -13.04 35.55
N SER E 63 -59.41 -12.17 36.33
CA SER E 63 -59.59 -10.73 36.23
C SER E 63 -59.16 -10.21 34.86
N HIS E 64 -59.60 -8.98 34.56
CA HIS E 64 -59.08 -8.27 33.39
C HIS E 64 -57.57 -8.09 33.52
N PHE E 65 -57.14 -7.63 34.69
CA PHE E 65 -55.72 -7.45 34.96
C PHE E 65 -54.97 -8.77 34.82
N GLN E 66 -55.50 -9.83 35.42
CA GLN E 66 -54.86 -11.14 35.34
C GLN E 66 -54.80 -11.65 33.91
N ALA E 67 -55.77 -11.29 33.08
CA ALA E 67 -55.71 -11.65 31.67
C ALA E 67 -54.60 -10.88 30.96
N LEU E 68 -54.50 -9.56 31.22
CA LEU E 68 -53.45 -8.75 30.60
C LEU E 68 -52.07 -9.26 30.99
N MET E 69 -51.84 -9.47 32.29
CA MET E 69 -50.56 -10.03 32.72
C MET E 69 -50.29 -11.39 32.10
N THR E 70 -51.32 -12.20 31.88
CA THR E 70 -51.14 -13.44 31.13
C THR E 70 -50.73 -13.16 29.70
N ALA E 71 -51.45 -12.26 29.02
CA ALA E 71 -51.12 -11.93 27.63
C ALA E 71 -49.76 -11.27 27.55
N LEU E 72 -49.48 -10.31 28.44
CA LEU E 72 -48.17 -9.65 28.45
C LEU E 72 -47.05 -10.65 28.71
N ALA E 73 -47.29 -11.62 29.60
CA ALA E 73 -46.30 -12.66 29.84
C ALA E 73 -45.93 -13.35 28.54
N ALA E 74 -46.93 -13.70 27.74
CA ALA E 74 -46.67 -14.29 26.43
C ALA E 74 -46.11 -13.26 25.45
N THR E 75 -46.65 -12.03 25.48
CA THR E 75 -46.19 -11.01 24.53
C THR E 75 -44.77 -10.58 24.83
N ILE E 76 -44.38 -10.56 26.09
CA ILE E 76 -43.02 -10.19 26.42
C ILE E 76 -42.13 -11.39 26.37
N GLY E 77 -41.20 -11.36 25.42
CA GLY E 77 -40.27 -12.46 25.25
C GLY E 77 -38.90 -12.06 24.81
N THR E 78 -38.04 -13.03 24.59
CA THR E 78 -36.67 -12.70 24.17
C THR E 78 -36.65 -11.79 22.95
N GLY E 79 -37.75 -11.73 22.18
CA GLY E 79 -37.82 -10.78 21.09
C GLY E 79 -37.71 -9.35 21.57
N ASN E 80 -38.22 -9.08 22.78
CA ASN E 80 -38.07 -7.76 23.37
C ASN E 80 -36.62 -7.48 23.74
N ILE E 81 -35.87 -8.50 24.17
CA ILE E 81 -34.47 -8.34 24.52
C ILE E 81 -33.57 -8.49 23.30
N ALA E 82 -33.61 -9.67 22.66
CA ALA E 82 -32.68 -10.00 21.58
C ALA E 82 -33.26 -9.80 20.20
N GLY E 83 -34.58 -9.94 20.04
CA GLY E 83 -35.18 -9.71 18.74
C GLY E 83 -34.99 -8.28 18.24
N VAL E 84 -35.04 -7.31 19.16
CA VAL E 84 -34.74 -5.93 18.78
C VAL E 84 -33.28 -5.80 18.36
N ALA E 85 -32.37 -6.43 19.11
CA ALA E 85 -30.95 -6.36 18.79
C ALA E 85 -30.68 -6.87 17.38
N THR E 86 -31.26 -8.03 17.04
CA THR E 86 -31.14 -8.57 15.69
C THR E 86 -31.63 -7.57 14.65
N ALA E 87 -32.74 -6.87 14.96
CA ALA E 87 -33.26 -5.86 14.04
C ALA E 87 -32.35 -4.64 13.98
N TYR E 88 -31.79 -4.23 15.12
CA TYR E 88 -30.94 -3.04 15.15
C TYR E 88 -29.70 -3.22 14.29
N VAL E 89 -29.05 -4.39 14.40
CA VAL E 89 -27.86 -4.65 13.60
C VAL E 89 -28.22 -4.72 12.11
N LEU E 90 -29.12 -5.64 11.77
CA LEU E 90 -29.37 -5.93 10.36
C LEU E 90 -30.18 -4.82 9.68
N GLY E 91 -31.11 -4.22 10.39
CA GLY E 91 -31.96 -3.21 9.79
C GLY E 91 -31.53 -1.79 10.09
N GLY E 92 -30.56 -1.63 10.97
CA GLY E 92 -30.11 -0.32 11.37
C GLY E 92 -30.95 0.18 12.53
N PRO E 93 -30.56 1.31 13.11
CA PRO E 93 -31.37 1.87 14.20
C PRO E 93 -32.74 2.33 13.77
N GLY E 94 -32.94 2.61 12.48
CA GLY E 94 -34.24 3.01 11.99
C GLY E 94 -35.30 1.94 12.11
N ALA E 95 -34.90 0.69 12.30
CA ALA E 95 -35.88 -0.38 12.46
C ALA E 95 -36.75 -0.17 13.69
N ILE E 96 -36.24 0.52 14.71
CA ILE E 96 -37.02 0.80 15.91
C ILE E 96 -38.29 1.57 15.56
N PHE E 97 -38.13 2.63 14.75
CA PHE E 97 -39.29 3.42 14.35
C PHE E 97 -40.30 2.57 13.63
N TRP E 98 -39.84 1.73 12.70
CA TRP E 98 -40.76 0.85 11.99
C TRP E 98 -41.31 -0.26 12.86
N MET E 99 -40.58 -0.62 13.93
CA MET E 99 -41.18 -1.45 14.97
C MET E 99 -42.33 -0.72 15.65
N TRP E 100 -42.18 0.59 15.87
CA TRP E 100 -43.24 1.37 16.50
C TRP E 100 -44.48 1.40 15.62
N VAL E 101 -44.31 1.68 14.33
CA VAL E 101 -45.44 1.72 13.40
C VAL E 101 -46.16 0.38 13.41
N THR E 102 -45.42 -0.71 13.63
CA THR E 102 -46.04 -2.02 13.75
C THR E 102 -46.99 -2.08 14.92
N ALA E 103 -46.58 -1.54 16.07
CA ALA E 103 -47.43 -1.57 17.26
C ALA E 103 -48.58 -0.58 17.15
N PHE E 104 -48.27 0.68 16.79
CA PHE E 104 -49.28 1.74 16.79
C PHE E 104 -50.48 1.36 15.93
N PHE E 105 -50.25 1.09 14.64
CA PHE E 105 -51.31 0.57 13.78
C PHE E 105 -51.76 -0.81 14.24
N GLY E 106 -50.87 -1.57 14.88
CA GLY E 106 -51.23 -2.88 15.39
C GLY E 106 -52.16 -2.85 16.57
N MET E 107 -52.18 -1.74 17.31
CA MET E 107 -53.11 -1.60 18.43
C MET E 107 -54.54 -1.94 18.01
N ALA E 108 -54.98 -1.38 16.87
CA ALA E 108 -56.30 -1.68 16.37
C ALA E 108 -56.44 -3.17 16.08
N THR E 109 -55.40 -3.78 15.52
CA THR E 109 -55.45 -5.20 15.18
C THR E 109 -55.67 -6.05 16.42
N LYS E 110 -54.90 -5.78 17.49
CA LYS E 110 -55.04 -6.55 18.73
C LYS E 110 -56.42 -6.34 19.33
N TYR E 111 -56.95 -5.11 19.23
CA TYR E 111 -58.29 -4.82 19.72
C TYR E 111 -59.33 -5.63 18.98
N ALA E 112 -59.28 -5.60 17.64
CA ALA E 112 -60.22 -6.38 16.84
C ALA E 112 -60.14 -7.87 17.16
N GLU E 113 -58.93 -8.35 17.46
CA GLU E 113 -58.78 -9.73 17.91
C GLU E 113 -59.55 -9.97 19.20
N ALA E 114 -59.38 -9.07 20.19
CA ALA E 114 -60.00 -9.27 21.49
C ALA E 114 -61.52 -9.10 21.42
N VAL E 115 -62.01 -8.12 20.65
CA VAL E 115 -63.45 -7.94 20.49
C VAL E 115 -64.08 -9.23 19.97
N LEU E 116 -63.62 -9.69 18.81
CA LEU E 116 -64.22 -10.86 18.19
C LEU E 116 -64.05 -12.12 19.03
N ALA E 117 -63.16 -12.11 20.03
CA ALA E 117 -63.04 -13.22 20.95
C ALA E 117 -64.30 -13.40 21.78
N ILE E 118 -65.23 -12.46 21.73
CA ILE E 118 -66.48 -12.58 22.47
C ILE E 118 -67.34 -13.71 21.92
N LYS E 119 -67.18 -14.07 20.64
CA LYS E 119 -67.91 -15.20 20.08
C LYS E 119 -67.24 -16.51 20.52
N TYR E 120 -67.26 -16.73 21.84
CA TYR E 120 -66.56 -17.83 22.45
C TYR E 120 -67.51 -18.65 23.31
N ARG E 121 -67.37 -19.96 23.25
CA ARG E 121 -68.16 -20.88 24.05
C ARG E 121 -67.21 -21.62 24.99
N THR E 122 -67.57 -21.66 26.27
CA THR E 122 -66.75 -22.34 27.26
C THR E 122 -66.76 -23.85 27.04
N VAL E 123 -65.69 -24.49 27.50
CA VAL E 123 -65.47 -25.90 27.27
C VAL E 123 -65.86 -26.68 28.52
N ASP E 124 -65.82 -28.00 28.44
CA ASP E 124 -66.08 -28.88 29.57
C ASP E 124 -64.93 -28.74 30.57
N ASP E 125 -64.85 -29.68 31.52
CA ASP E 125 -63.77 -29.71 32.50
C ASP E 125 -63.62 -28.34 33.16
N ASN E 126 -64.66 -27.95 33.91
CA ASN E 126 -64.77 -26.63 34.51
C ASN E 126 -65.02 -25.58 33.42
N GLY E 127 -65.27 -24.34 33.83
CA GLY E 127 -65.55 -23.26 32.89
C GLY E 127 -64.44 -23.17 31.86
N GLU E 128 -63.21 -22.96 32.35
CA GLU E 128 -62.02 -22.84 31.53
C GLU E 128 -62.18 -21.82 30.40
N MET E 129 -63.28 -21.92 29.64
CA MET E 129 -63.64 -21.04 28.55
C MET E 129 -62.61 -21.07 27.43
N ALA E 130 -63.09 -21.08 26.18
CA ALA E 130 -62.22 -21.23 25.02
C ALA E 130 -62.65 -20.20 23.99
N GLY E 131 -61.89 -19.11 23.89
CA GLY E 131 -62.13 -18.10 22.89
C GLY E 131 -60.87 -17.87 22.06
N GLY E 132 -61.06 -17.71 20.76
CA GLY E 132 -59.95 -17.42 19.88
C GLY E 132 -60.36 -17.33 18.43
N PRO E 133 -59.40 -16.95 17.57
CA PRO E 133 -59.72 -16.77 16.14
C PRO E 133 -60.32 -17.99 15.47
N MET E 134 -59.94 -19.20 15.90
CA MET E 134 -60.57 -20.40 15.35
C MET E 134 -62.06 -20.41 15.63
N TYR E 135 -62.47 -19.82 16.76
CA TYR E 135 -63.89 -19.71 17.06
C TYR E 135 -64.57 -18.66 16.17
N PHE E 136 -63.91 -17.52 15.92
CA PHE E 136 -64.51 -16.51 15.06
C PHE E 136 -64.92 -17.16 13.77
N LEU E 137 -63.99 -17.96 13.24
CA LEU E 137 -64.13 -18.54 11.91
C LEU E 137 -65.32 -19.50 11.88
N GLU E 138 -65.57 -20.16 13.00
CA GLU E 138 -66.74 -21.03 13.10
C GLU E 138 -68.00 -20.16 13.00
N LYS E 139 -67.94 -18.96 13.60
CA LYS E 139 -69.04 -18.01 13.58
C LYS E 139 -68.88 -16.97 12.48
N GLY E 140 -68.21 -17.31 11.38
CA GLY E 140 -68.05 -16.40 10.29
C GLY E 140 -69.22 -16.51 9.33
N LEU E 141 -68.95 -16.81 8.06
CA LEU E 141 -70.00 -17.02 7.06
C LEU E 141 -69.71 -18.32 6.31
N PRO E 142 -69.85 -19.50 6.99
CA PRO E 142 -69.51 -20.82 6.45
C PRO E 142 -69.86 -21.04 4.98
N LEU E 146 -66.74 -21.79 4.97
CA LEU E 146 -65.29 -21.76 4.90
C LEU E 146 -64.69 -21.53 6.27
N GLY E 147 -65.45 -20.85 7.14
CA GLY E 147 -64.95 -20.55 8.47
C GLY E 147 -64.63 -21.79 9.26
N LYS E 148 -65.43 -22.84 9.08
CA LYS E 148 -65.10 -24.13 9.69
C LYS E 148 -63.75 -24.61 9.18
N ILE E 149 -63.48 -24.42 7.88
CA ILE E 149 -62.21 -24.83 7.29
C ILE E 149 -61.07 -23.95 7.81
N LEU E 150 -61.29 -22.63 7.89
CA LEU E 150 -60.24 -21.74 8.37
C LEU E 150 -59.90 -22.01 9.84
N GLY E 151 -60.93 -22.19 10.68
CA GLY E 151 -60.69 -22.37 12.10
C GLY E 151 -59.87 -23.60 12.40
N VAL E 152 -60.19 -24.72 11.74
CA VAL E 152 -59.41 -25.94 11.96
C VAL E 152 -57.99 -25.76 11.44
N ALA E 153 -57.82 -24.99 10.37
CA ALA E 153 -56.48 -24.67 9.89
C ALA E 153 -55.72 -23.83 10.92
N PHE E 154 -56.37 -22.78 11.43
CA PHE E 154 -55.73 -21.90 12.41
C PHE E 154 -55.27 -22.69 13.62
N ALA E 155 -56.12 -23.58 14.15
CA ALA E 155 -55.76 -24.38 15.30
C ALA E 155 -54.62 -25.33 14.95
N PHE E 156 -54.67 -25.91 13.74
CA PHE E 156 -53.59 -26.77 13.27
C PHE E 156 -52.25 -26.03 13.32
N PHE E 157 -52.23 -24.78 12.84
CA PHE E 157 -51.01 -23.98 12.87
C PHE E 157 -50.65 -23.55 14.29
N GLY E 158 -51.60 -22.91 14.98
CA GLY E 158 -51.30 -22.34 16.29
C GLY E 158 -50.85 -23.37 17.30
N ALA E 159 -51.44 -24.58 17.25
CA ALA E 159 -51.01 -25.64 18.16
C ALA E 159 -49.54 -25.95 17.97
N PHE E 160 -49.08 -25.97 16.72
CA PHE E 160 -47.66 -26.15 16.44
C PHE E 160 -46.89 -24.87 16.74
N ALA E 161 -47.40 -23.74 16.21
CA ALA E 161 -46.67 -22.48 16.28
C ALA E 161 -46.35 -22.05 17.70
N ALA E 162 -47.08 -22.57 18.69
CA ALA E 162 -46.81 -22.21 20.07
C ALA E 162 -45.44 -22.71 20.51
N PHE E 163 -45.02 -23.89 20.05
CA PHE E 163 -43.74 -24.45 20.47
C PHE E 163 -42.57 -23.59 20.00
N GLY E 164 -42.66 -23.02 18.80
CA GLY E 164 -41.57 -22.20 18.31
C GLY E 164 -41.37 -20.92 19.09
N ILE E 165 -42.22 -19.92 18.83
CA ILE E 165 -42.08 -18.62 19.46
C ILE E 165 -42.33 -18.72 20.96
N GLY E 166 -43.30 -19.54 21.37
CA GLY E 166 -43.71 -19.63 22.76
C GLY E 166 -42.79 -20.46 23.61
N ASN E 167 -42.25 -21.55 23.06
CA ASN E 167 -41.38 -22.45 23.80
C ASN E 167 -39.94 -22.39 23.29
N MET E 168 -39.68 -22.86 22.07
CA MET E 168 -38.30 -23.18 21.67
C MET E 168 -37.42 -21.94 21.55
N VAL E 169 -37.93 -20.88 20.92
CA VAL E 169 -37.12 -19.67 20.76
C VAL E 169 -36.73 -19.11 22.12
N GLN E 170 -37.70 -18.96 23.02
CA GLN E 170 -37.44 -18.36 24.32
C GLN E 170 -36.56 -19.26 25.19
N THR E 171 -36.82 -20.57 25.17
CA THR E 171 -36.05 -21.47 26.03
C THR E 171 -34.61 -21.62 25.56
N ASN E 172 -34.36 -21.53 24.25
CA ASN E 172 -32.99 -21.65 23.75
C ASN E 172 -32.18 -20.38 24.01
N SER E 173 -32.79 -19.21 23.78
CA SER E 173 -32.07 -17.95 23.92
C SER E 173 -31.51 -17.78 25.33
N VAL E 174 -32.32 -18.07 26.34
CA VAL E 174 -31.84 -17.96 27.72
C VAL E 174 -30.74 -18.98 27.98
N ALA E 175 -30.95 -20.22 27.55
CA ALA E 175 -29.98 -21.28 27.83
C ALA E 175 -28.60 -20.92 27.29
N ASP E 176 -28.52 -20.48 26.03
CA ASP E 176 -27.24 -20.08 25.45
C ASP E 176 -26.70 -18.85 26.17
N ALA E 177 -27.56 -17.85 26.39
CA ALA E 177 -27.09 -16.61 27.02
C ALA E 177 -26.55 -16.87 28.42
N VAL E 178 -27.22 -17.72 29.19
CA VAL E 178 -26.76 -18.03 30.54
C VAL E 178 -25.44 -18.80 30.47
N ALA E 179 -25.30 -19.71 29.50
CA ALA E 179 -24.06 -20.47 29.35
C ALA E 179 -22.88 -19.56 29.02
N SER E 180 -23.11 -18.51 28.23
CA SER E 180 -22.03 -17.58 27.90
C SER E 180 -21.58 -16.82 29.15
N ASN E 181 -22.53 -16.24 29.88
CA ASN E 181 -22.20 -15.36 31.00
C ASN E 181 -21.80 -16.13 32.26
N PHE E 182 -22.53 -17.20 32.60
CA PHE E 182 -22.27 -17.89 33.86
C PHE E 182 -21.65 -19.27 33.70
N GLY E 183 -21.94 -19.96 32.59
CA GLY E 183 -21.21 -21.14 32.16
C GLY E 183 -21.35 -22.39 33.00
N VAL E 184 -22.19 -22.39 34.03
CA VAL E 184 -22.44 -23.62 34.78
C VAL E 184 -23.83 -24.06 34.36
N ASP E 185 -24.10 -24.04 33.05
CA ASP E 185 -25.48 -24.09 32.56
C ASP E 185 -25.61 -24.92 31.28
N PRO E 186 -25.28 -26.22 31.33
CA PRO E 186 -25.63 -27.09 30.18
C PRO E 186 -27.13 -27.23 30.07
N LEU E 187 -27.61 -28.41 30.46
CA LEU E 187 -29.02 -28.72 30.58
C LEU E 187 -29.62 -28.21 31.89
N ILE E 188 -28.77 -27.91 32.89
CA ILE E 188 -29.25 -27.49 34.21
C ILE E 188 -30.26 -26.35 34.08
N THR E 189 -29.95 -25.36 33.24
CA THR E 189 -30.90 -24.28 32.99
C THR E 189 -32.17 -24.80 32.34
N GLY E 190 -32.07 -25.82 31.50
CA GLY E 190 -33.26 -26.41 30.94
C GLY E 190 -34.11 -27.09 31.99
N PHE E 191 -33.48 -27.76 32.95
CA PHE E 191 -34.23 -28.48 33.98
C PHE E 191 -35.07 -27.53 34.82
N VAL E 192 -34.44 -26.51 35.42
CA VAL E 192 -35.16 -25.60 36.31
C VAL E 192 -36.27 -24.88 35.55
N LEU E 193 -36.04 -24.59 34.26
CA LEU E 193 -37.08 -23.97 33.46
C LEU E 193 -38.26 -24.91 33.28
N ALA E 194 -37.99 -26.21 33.16
CA ALA E 194 -39.08 -27.18 33.01
C ALA E 194 -39.87 -27.33 34.32
N ILE E 195 -39.16 -27.51 35.44
CA ILE E 195 -39.83 -27.67 36.73
C ILE E 195 -40.73 -26.47 37.01
N PHE E 196 -40.16 -25.26 36.96
CA PHE E 196 -40.93 -24.04 37.20
C PHE E 196 -42.04 -23.87 36.16
N THR E 197 -41.87 -24.43 34.97
CA THR E 197 -42.92 -24.36 33.98
C THR E 197 -44.07 -25.30 34.33
N ALA E 198 -43.74 -26.53 34.73
CA ALA E 198 -44.78 -27.50 35.08
C ALA E 198 -45.56 -27.06 36.31
N ALA E 199 -44.86 -26.54 37.33
CA ALA E 199 -45.53 -26.17 38.57
C ALA E 199 -46.66 -25.18 38.34
N VAL E 200 -46.40 -24.15 37.52
CA VAL E 200 -47.43 -23.13 37.27
C VAL E 200 -48.54 -23.69 36.39
N ILE E 201 -48.18 -24.26 35.22
CA ILE E 201 -49.22 -24.66 34.26
C ILE E 201 -49.89 -25.96 34.65
N LEU E 202 -49.44 -26.60 35.73
CA LEU E 202 -50.17 -27.75 36.26
C LEU E 202 -51.60 -27.37 36.63
N GLY E 203 -51.74 -26.30 37.42
CA GLY E 203 -53.04 -25.78 37.79
C GLY E 203 -53.77 -24.97 36.73
N GLY E 204 -53.56 -25.29 35.46
CA GLY E 204 -54.23 -24.60 34.36
C GLY E 204 -54.08 -23.09 34.41
N ILE E 205 -54.98 -22.42 33.67
CA ILE E 205 -54.92 -20.97 33.55
C ILE E 205 -55.15 -20.27 34.89
N LYS E 206 -56.00 -20.84 35.76
CA LYS E 206 -56.21 -20.23 37.07
C LYS E 206 -54.89 -20.11 37.84
N SER E 207 -54.03 -21.13 37.72
CA SER E 207 -52.70 -21.04 38.31
C SER E 207 -51.83 -20.06 37.56
N ILE E 208 -51.97 -20.00 36.23
CA ILE E 208 -51.14 -19.10 35.42
C ILE E 208 -51.38 -17.65 35.82
N GLY E 209 -52.66 -17.26 35.93
CA GLY E 209 -52.97 -15.90 36.30
C GLY E 209 -52.35 -15.48 37.62
N LYS E 210 -52.22 -16.43 38.55
CA LYS E 210 -51.53 -16.15 39.81
C LYS E 210 -50.07 -15.77 39.54
N ALA E 211 -49.34 -16.64 38.84
CA ALA E 211 -47.91 -16.40 38.62
C ALA E 211 -47.68 -15.20 37.70
N THR E 212 -48.39 -15.15 36.56
CA THR E 212 -48.18 -14.05 35.63
C THR E 212 -48.56 -12.71 36.26
N GLY E 213 -49.49 -12.73 37.23
CA GLY E 213 -49.86 -11.50 37.90
C GLY E 213 -48.73 -10.92 38.72
N ILE E 214 -48.00 -11.77 39.45
CA ILE E 214 -46.88 -11.30 40.25
C ILE E 214 -45.62 -11.11 39.40
N ILE E 215 -45.35 -12.04 38.48
CA ILE E 215 -44.07 -12.03 37.77
C ILE E 215 -43.96 -10.82 36.86
N VAL E 216 -44.95 -10.62 35.97
CA VAL E 216 -44.81 -9.63 34.90
C VAL E 216 -44.48 -8.23 35.43
N PRO E 217 -45.25 -7.65 36.36
CA PRO E 217 -44.90 -6.29 36.81
C PRO E 217 -43.54 -6.21 37.48
N PHE E 218 -43.17 -7.20 38.30
CA PHE E 218 -41.83 -7.23 38.88
C PHE E 218 -40.78 -7.30 37.79
N MET E 219 -41.04 -8.09 36.74
CA MET E 219 -40.13 -8.17 35.60
C MET E 219 -40.02 -6.84 34.88
N ALA E 220 -41.16 -6.26 34.50
CA ALA E 220 -41.16 -5.05 33.70
C ALA E 220 -40.57 -3.88 34.47
N VAL E 221 -40.97 -3.70 35.73
CA VAL E 221 -40.45 -2.59 36.52
C VAL E 221 -38.94 -2.75 36.72
N PHE E 222 -38.49 -3.98 36.94
CA PHE E 222 -37.05 -4.24 37.09
C PHE E 222 -36.28 -3.76 35.86
N TYR E 223 -36.71 -4.22 34.68
CA TYR E 223 -36.03 -3.87 33.43
C TYR E 223 -36.15 -2.38 33.12
N ILE E 224 -37.37 -1.85 33.14
CA ILE E 224 -37.62 -0.49 32.66
C ILE E 224 -36.89 0.54 33.50
N LEU E 225 -36.84 0.35 34.83
CA LEU E 225 -36.14 1.32 35.68
C LEU E 225 -34.67 1.41 35.30
N ALA E 226 -34.03 0.25 35.09
CA ALA E 226 -32.63 0.24 34.68
C ALA E 226 -32.41 1.07 33.43
N GLY E 227 -33.33 0.97 32.47
CA GLY E 227 -33.24 1.80 31.28
C GLY E 227 -33.34 3.28 31.61
N LEU E 228 -34.31 3.64 32.46
CA LEU E 228 -34.43 5.02 32.90
C LEU E 228 -33.22 5.45 33.74
N VAL E 229 -32.62 4.50 34.47
CA VAL E 229 -31.34 4.77 35.13
C VAL E 229 -30.28 5.12 34.08
N ILE E 230 -30.22 4.35 32.99
CA ILE E 230 -29.24 4.62 31.94
C ILE E 230 -29.50 5.97 31.29
N LEU E 231 -30.77 6.27 30.99
CA LEU E 231 -31.11 7.55 30.38
C LEU E 231 -30.77 8.70 31.31
N ALA E 232 -31.02 8.52 32.61
CA ALA E 232 -30.71 9.59 33.57
C ALA E 232 -29.22 9.90 33.58
N MET E 233 -28.38 8.87 33.60
CA MET E 233 -26.94 9.09 33.68
C MET E 233 -26.39 9.71 32.39
N ASN E 234 -27.06 9.49 31.25
CA ASN E 234 -26.62 10.00 29.96
C ASN E 234 -27.76 10.77 29.29
N ILE E 235 -28.18 11.86 29.93
CA ILE E 235 -29.35 12.61 29.47
C ILE E 235 -29.12 13.21 28.09
N GLY E 236 -27.93 13.78 27.88
CA GLY E 236 -27.69 14.51 26.64
C GLY E 236 -27.84 13.67 25.40
N TYR E 237 -27.46 12.39 25.49
CA TYR E 237 -27.47 11.50 24.34
C TYR E 237 -28.87 11.08 23.92
N ILE E 238 -29.89 11.38 24.73
CA ILE E 238 -31.23 10.88 24.47
C ILE E 238 -31.77 11.43 23.15
N ILE E 239 -31.92 12.75 23.05
CA ILE E 239 -32.52 13.34 21.86
C ILE E 239 -31.73 13.03 20.58
N PRO E 240 -30.39 13.07 20.55
CA PRO E 240 -29.72 12.63 19.31
C PRO E 240 -29.93 11.16 19.00
N ALA E 241 -29.98 10.31 20.04
CA ALA E 241 -30.34 8.92 19.83
C ALA E 241 -31.70 8.80 19.15
N PHE E 242 -32.64 9.66 19.54
CA PHE E 242 -33.90 9.75 18.80
C PHE E 242 -33.64 10.23 17.38
N GLY E 243 -32.68 11.14 17.21
CA GLY E 243 -32.41 11.70 15.89
C GLY E 243 -31.90 10.65 14.92
N THR E 244 -30.92 9.85 15.34
CA THR E 244 -30.37 8.85 14.43
C THR E 244 -31.43 7.84 14.01
N ILE E 245 -32.33 7.49 14.92
CA ILE E 245 -33.43 6.60 14.58
C ILE E 245 -34.34 7.24 13.54
N PHE E 246 -34.69 8.52 13.74
CA PHE E 246 -35.57 9.22 12.80
C PHE E 246 -34.83 9.56 11.52
N SER E 247 -33.54 9.92 11.61
CA SER E 247 -32.75 10.14 10.40
C SER E 247 -32.66 8.86 9.59
N SER E 248 -32.35 7.75 10.24
CA SER E 248 -32.54 6.43 9.65
C SER E 248 -34.04 6.16 9.54
N ALA E 249 -34.39 4.99 8.98
CA ALA E 249 -35.78 4.59 8.77
C ALA E 249 -36.40 5.43 7.67
N PHE E 250 -35.89 6.64 7.47
CA PHE E 250 -36.26 7.51 6.36
C PHE E 250 -35.01 7.95 5.59
N ASN E 251 -34.03 7.04 5.49
CA ASN E 251 -32.75 7.35 4.84
C ASN E 251 -32.80 6.71 3.46
N PHE E 252 -33.17 7.51 2.46
CA PHE E 252 -33.27 7.05 1.08
C PHE E 252 -31.98 7.31 0.30
N SER E 253 -30.89 7.61 1.01
CA SER E 253 -29.63 7.91 0.33
C SER E 253 -29.22 6.77 -0.60
N ALA E 254 -29.46 5.53 -0.19
CA ALA E 254 -29.12 4.36 -0.97
C ALA E 254 -30.40 3.64 -1.40
N GLY E 255 -30.50 3.35 -2.70
CA GLY E 255 -31.56 2.50 -3.21
C GLY E 255 -32.92 3.16 -3.30
N PHE E 256 -33.68 2.79 -4.33
CA PHE E 256 -35.04 3.28 -4.54
C PHE E 256 -35.97 2.48 -3.64
N GLY E 257 -36.29 3.03 -2.47
CA GLY E 257 -37.04 2.28 -1.49
C GLY E 257 -36.39 0.95 -1.16
N ALA E 258 -35.06 0.90 -1.27
CA ALA E 258 -34.31 -0.31 -0.94
C ALA E 258 -34.09 -0.46 0.55
N LEU E 259 -34.44 0.55 1.35
CA LEU E 259 -34.46 0.40 2.80
C LEU E 259 -35.63 -0.46 3.26
N ILE E 260 -36.59 -0.73 2.38
CA ILE E 260 -37.66 -1.68 2.68
C ILE E 260 -37.07 -2.98 3.20
N GLY E 261 -36.10 -3.53 2.46
CA GLY E 261 -35.45 -4.75 2.90
C GLY E 261 -34.57 -4.55 4.12
N THR E 262 -33.92 -3.39 4.23
CA THR E 262 -32.99 -3.13 5.32
C THR E 262 -33.74 -2.88 6.62
N ALA E 263 -34.37 -1.72 6.76
CA ALA E 263 -34.90 -1.26 8.04
C ALA E 263 -36.37 -1.59 8.21
N ILE E 264 -37.19 -1.35 7.17
CA ILE E 264 -38.63 -1.57 7.29
C ILE E 264 -38.93 -3.05 7.49
N MET E 265 -38.34 -3.92 6.66
CA MET E 265 -38.64 -5.34 6.76
C MET E 265 -38.19 -5.89 8.12
N TRP E 266 -36.98 -5.53 8.55
CA TRP E 266 -36.51 -6.01 9.84
C TRP E 266 -37.27 -5.38 11.00
N GLY E 267 -37.64 -4.11 10.87
CA GLY E 267 -38.45 -3.48 11.89
C GLY E 267 -39.81 -4.14 12.03
N VAL E 268 -40.49 -4.35 10.90
CA VAL E 268 -41.81 -4.98 10.93
C VAL E 268 -41.69 -6.44 11.39
N LYS E 269 -40.81 -7.22 10.74
CA LYS E 269 -40.71 -8.64 11.03
C LYS E 269 -40.42 -8.91 12.50
N ARG E 270 -39.41 -8.22 13.02
CA ARG E 270 -39.03 -8.35 14.42
C ARG E 270 -40.07 -7.70 15.33
N GLY E 271 -40.64 -6.59 14.88
CA GLY E 271 -41.64 -5.89 15.66
C GLY E 271 -42.89 -6.73 15.87
N VAL E 272 -43.42 -7.32 14.78
CA VAL E 272 -44.54 -8.24 14.89
C VAL E 272 -44.22 -9.36 15.86
N PHE E 273 -42.96 -9.80 15.90
CA PHE E 273 -42.56 -10.88 16.80
C PHE E 273 -42.73 -10.47 18.27
N SER E 274 -42.26 -9.28 18.62
CA SER E 274 -42.24 -8.89 20.04
C SER E 274 -43.64 -8.63 20.55
N ASN E 275 -44.37 -7.72 19.91
CA ASN E 275 -45.68 -7.32 20.40
C ASN E 275 -46.80 -8.24 19.94
N GLU E 276 -46.54 -9.07 18.94
CA GLU E 276 -47.56 -9.97 18.43
C GLU E 276 -48.82 -9.16 18.13
N ALA E 277 -48.77 -8.38 17.05
CA ALA E 277 -49.91 -7.55 16.64
C ALA E 277 -51.05 -8.41 16.12
N GLY E 278 -50.98 -8.79 14.85
CA GLY E 278 -52.01 -9.62 14.27
C GLY E 278 -51.82 -11.12 14.06
N LEU E 279 -51.20 -11.83 14.99
CA LEU E 279 -51.03 -13.23 14.81
C LEU E 279 -52.18 -13.99 15.35
N GLY E 280 -53.11 -13.29 15.99
CA GLY E 280 -54.29 -13.94 16.56
C GLY E 280 -53.99 -14.70 17.84
N SER E 281 -52.73 -14.62 18.28
CA SER E 281 -52.32 -15.30 19.50
C SER E 281 -52.25 -14.32 20.67
N ALA E 282 -53.30 -13.53 20.84
CA ALA E 282 -53.38 -12.56 21.92
C ALA E 282 -54.69 -12.67 22.69
N PRO E 283 -55.82 -12.51 21.99
CA PRO E 283 -57.16 -12.59 22.58
C PRO E 283 -57.48 -13.93 23.22
N ILE E 284 -56.72 -14.99 22.91
CA ILE E 284 -56.96 -16.27 23.57
C ILE E 284 -56.95 -16.09 25.08
N ALA E 285 -56.04 -15.25 25.57
CA ALA E 285 -56.05 -14.90 26.99
C ALA E 285 -57.17 -13.92 27.31
N ALA E 286 -57.50 -13.02 26.38
CA ALA E 286 -58.55 -12.03 26.62
C ALA E 286 -59.88 -12.69 26.92
N ALA E 287 -60.13 -13.87 26.35
CA ALA E 287 -61.41 -14.55 26.54
C ALA E 287 -61.62 -14.92 28.01
N ALA E 288 -60.55 -15.33 28.69
CA ALA E 288 -60.67 -15.79 30.07
C ALA E 288 -60.98 -14.65 31.04
N ALA E 289 -61.00 -13.41 30.57
CA ALA E 289 -61.28 -12.29 31.45
C ALA E 289 -62.75 -12.30 31.87
N LYS E 290 -63.00 -11.77 33.07
CA LYS E 290 -64.35 -11.56 33.56
C LYS E 290 -64.83 -10.24 32.97
N THR E 291 -65.53 -10.31 31.84
CA THR E 291 -65.90 -9.11 31.10
C THR E 291 -67.41 -9.00 30.96
N ASP E 292 -67.92 -7.78 31.14
CA ASP E 292 -69.33 -7.50 30.90
C ASP E 292 -69.63 -7.57 29.41
N HIS E 293 -68.71 -7.09 28.59
CA HIS E 293 -68.92 -6.93 27.16
C HIS E 293 -67.57 -7.16 26.50
N PRO E 294 -67.53 -7.35 25.18
CA PRO E 294 -66.22 -7.41 24.51
C PRO E 294 -65.40 -6.14 24.66
N GLY E 295 -66.05 -4.97 24.53
CA GLY E 295 -65.32 -3.71 24.61
C GLY E 295 -64.59 -3.50 25.91
N ARG E 296 -65.12 -4.04 27.01
CA ARG E 296 -64.48 -3.88 28.32
C ARG E 296 -63.07 -4.46 28.31
N GLN E 297 -62.96 -5.72 27.91
CA GLN E 297 -61.66 -6.40 27.92
C GLN E 297 -60.83 -6.06 26.69
N ALA E 298 -61.48 -5.81 25.55
CA ALA E 298 -60.73 -5.55 24.33
C ALA E 298 -59.88 -4.28 24.42
N LEU E 299 -60.24 -3.33 25.28
CA LEU E 299 -59.41 -2.14 25.46
C LEU E 299 -58.18 -2.41 26.31
N VAL E 300 -58.33 -3.27 27.31
CA VAL E 300 -57.21 -3.62 28.18
C VAL E 300 -56.19 -4.45 27.40
N SER E 301 -56.69 -5.21 26.43
CA SER E 301 -55.83 -6.04 25.60
C SER E 301 -55.04 -5.17 24.64
N MET E 302 -55.71 -4.20 24.04
CA MET E 302 -55.05 -3.28 23.10
C MET E 302 -53.84 -2.60 23.73
N THR E 303 -53.75 -2.65 25.05
CA THR E 303 -52.63 -2.06 25.76
C THR E 303 -51.42 -3.00 25.76
N GLY E 304 -51.62 -4.23 25.32
CA GLY E 304 -50.52 -5.20 25.28
C GLY E 304 -49.37 -4.73 24.40
N THR E 305 -49.71 -4.26 23.20
CA THR E 305 -48.68 -3.74 22.29
C THR E 305 -47.94 -2.58 22.92
N PHE E 306 -48.68 -1.60 23.44
CA PHE E 306 -48.08 -0.36 23.93
C PHE E 306 -47.03 -0.64 24.99
N LEU E 307 -47.33 -1.57 25.89
CA LEU E 307 -46.37 -1.94 26.92
C LEU E 307 -45.20 -2.71 26.32
N ASP E 308 -45.47 -3.59 25.36
CA ASP E 308 -44.41 -4.35 24.72
C ASP E 308 -43.51 -3.43 23.90
N THR E 309 -44.03 -2.91 22.79
CA THR E 309 -43.18 -2.18 21.84
C THR E 309 -42.82 -0.79 22.35
N ILE E 310 -43.81 0.08 22.51
CA ILE E 310 -43.53 1.49 22.82
C ILE E 310 -42.84 1.63 24.17
N VAL E 311 -43.12 0.72 25.10
CA VAL E 311 -42.50 0.80 26.43
C VAL E 311 -41.26 -0.09 26.49
N VAL E 312 -41.45 -1.41 26.53
CA VAL E 312 -40.32 -2.32 26.74
C VAL E 312 -39.33 -2.25 25.58
N CYS E 313 -39.81 -2.53 24.36
CA CYS E 313 -38.90 -2.58 23.21
C CYS E 313 -38.18 -1.25 23.01
N THR E 314 -38.91 -0.13 23.05
CA THR E 314 -38.29 1.17 22.90
C THR E 314 -37.23 1.40 23.98
N ILE E 315 -37.50 0.92 25.20
CA ILE E 315 -36.48 0.97 26.25
C ILE E 315 -35.24 0.22 25.81
N THR E 316 -35.44 -0.96 25.23
CA THR E 316 -34.33 -1.78 24.75
C THR E 316 -33.61 -1.15 23.55
N GLY E 317 -34.37 -0.56 22.64
CA GLY E 317 -33.79 0.05 21.46
C GLY E 317 -32.97 1.29 21.77
N LEU E 318 -33.42 2.07 22.76
CA LEU E 318 -32.71 3.31 23.10
C LEU E 318 -31.31 3.02 23.61
N VAL E 319 -31.15 2.00 24.47
CA VAL E 319 -29.83 1.67 24.99
C VAL E 319 -28.90 1.24 23.86
N LEU E 320 -29.43 0.47 22.90
CA LEU E 320 -28.61 -0.05 21.81
C LEU E 320 -28.01 1.07 20.97
N THR E 321 -28.84 2.04 20.57
CA THR E 321 -28.34 3.16 19.78
C THR E 321 -27.30 3.96 20.57
N ILE E 322 -27.56 4.20 21.85
CA ILE E 322 -26.66 5.00 22.67
C ILE E 322 -25.26 4.40 22.68
N ALA E 323 -25.17 3.07 22.82
CA ALA E 323 -23.88 2.42 22.71
C ALA E 323 -23.25 2.65 21.34
N GLY E 324 -24.06 2.56 20.29
CA GLY E 324 -23.55 2.87 18.96
C GLY E 324 -23.15 4.32 18.81
N LEU E 325 -23.85 5.23 19.50
CA LEU E 325 -23.43 6.63 19.51
C LEU E 325 -22.10 6.78 20.24
N LYS E 326 -21.93 6.07 21.35
CA LYS E 326 -20.62 5.94 21.97
C LYS E 326 -19.71 5.17 21.01
N ALA E 327 -18.47 4.92 21.44
CA ALA E 327 -17.59 4.11 20.62
C ALA E 327 -17.73 2.66 21.06
N PHE E 328 -17.16 2.35 22.22
CA PHE E 328 -17.13 1.08 22.94
C PHE E 328 -16.55 -0.03 22.06
N PRO E 329 -15.52 -0.70 22.53
CA PRO E 329 -14.85 -1.71 21.71
C PRO E 329 -15.55 -3.06 21.76
N GLY E 330 -15.45 -3.80 20.65
CA GLY E 330 -15.78 -5.20 20.64
C GLY E 330 -17.25 -5.55 20.53
N LEU E 331 -18.16 -4.59 20.68
CA LEU E 331 -19.56 -4.90 20.48
C LEU E 331 -19.94 -4.85 19.00
N THR E 332 -18.98 -4.48 18.14
CA THR E 332 -19.29 -4.26 16.73
C THR E 332 -19.86 -5.52 16.09
N ASP E 333 -19.36 -6.69 16.49
CA ASP E 333 -19.86 -7.95 15.94
C ASP E 333 -20.47 -8.85 17.01
N LEU E 334 -21.53 -8.40 17.66
CA LEU E 334 -22.21 -9.20 18.67
C LEU E 334 -23.57 -9.64 18.16
N THR E 335 -23.95 -10.88 18.48
CA THR E 335 -25.05 -11.54 17.79
C THR E 335 -26.40 -10.89 18.11
N GLY E 336 -26.79 -10.83 19.38
CA GLY E 336 -28.09 -10.31 19.73
C GLY E 336 -28.33 -10.14 21.22
N ALA E 337 -28.67 -11.24 21.90
CA ALA E 337 -28.88 -11.18 23.35
C ALA E 337 -27.61 -10.72 24.05
N SER E 338 -26.45 -11.16 23.56
CA SER E 338 -25.17 -10.73 24.11
C SER E 338 -24.92 -9.25 23.83
N LEU E 339 -25.44 -8.73 22.72
CA LEU E 339 -25.22 -7.33 22.38
C LEU E 339 -25.88 -6.41 23.40
N THR E 340 -27.16 -6.63 23.67
CA THR E 340 -27.88 -5.79 24.63
C THR E 340 -27.25 -5.89 26.02
N ALA E 341 -26.94 -7.11 26.47
CA ALA E 341 -26.28 -7.29 27.76
C ALA E 341 -24.95 -6.54 27.80
N ALA E 342 -24.15 -6.67 26.73
CA ALA E 342 -22.90 -5.92 26.64
C ALA E 342 -23.18 -4.42 26.54
N SER E 343 -24.22 -4.05 25.80
CA SER E 343 -24.59 -2.64 25.71
C SER E 343 -25.03 -2.11 27.07
N PHE E 344 -25.74 -2.93 27.84
CA PHE E 344 -26.13 -2.53 29.19
C PHE E 344 -24.92 -2.46 30.11
N ASP E 345 -24.11 -3.53 30.13
CA ASP E 345 -22.95 -3.57 31.02
C ASP E 345 -22.00 -2.42 30.72
N ALA E 346 -22.00 -1.94 29.47
CA ALA E 346 -21.16 -0.82 29.11
C ALA E 346 -21.57 0.45 29.85
N LEU E 347 -22.87 0.74 29.87
CA LEU E 347 -23.39 1.97 30.45
C LEU E 347 -23.71 1.85 31.93
N MET E 348 -23.95 0.64 32.43
CA MET E 348 -24.35 0.46 33.81
C MET E 348 -23.41 -0.52 34.51
N PRO E 349 -23.27 -0.41 35.83
CA PRO E 349 -22.28 -1.26 36.52
C PRO E 349 -22.58 -2.74 36.37
N MET E 350 -23.84 -3.14 36.58
CA MET E 350 -24.24 -4.53 36.54
C MET E 350 -25.29 -4.77 35.46
N GLY E 351 -25.22 -3.98 34.37
CA GLY E 351 -26.21 -4.10 33.31
C GLY E 351 -26.25 -5.49 32.70
N GLY E 352 -25.08 -6.12 32.59
CA GLY E 352 -25.03 -7.48 32.06
C GLY E 352 -25.82 -8.44 32.91
N LEU E 353 -25.62 -8.41 34.24
CA LEU E 353 -26.38 -9.27 35.14
C LEU E 353 -27.86 -8.93 35.09
N ILE E 354 -28.20 -7.65 34.95
CA ILE E 354 -29.60 -7.25 34.91
C ILE E 354 -30.30 -7.89 33.72
N VAL E 355 -29.75 -7.69 32.52
CA VAL E 355 -30.41 -8.15 31.30
C VAL E 355 -30.55 -9.66 31.30
N THR E 356 -29.49 -10.38 31.66
CA THR E 356 -29.58 -11.84 31.66
C THR E 356 -30.62 -12.30 32.67
N ILE E 357 -30.74 -11.60 33.80
CA ILE E 357 -31.79 -11.92 34.76
C ILE E 357 -33.16 -11.69 34.13
N GLY E 358 -33.35 -10.52 33.51
CA GLY E 358 -34.62 -10.25 32.86
C GLY E 358 -34.94 -11.25 31.78
N LEU E 359 -33.93 -11.66 31.01
CA LEU E 359 -34.13 -12.64 29.96
C LEU E 359 -34.74 -13.93 30.52
N VAL E 360 -34.32 -14.34 31.72
CA VAL E 360 -34.88 -15.54 32.33
C VAL E 360 -36.37 -15.37 32.58
N PHE E 361 -36.76 -14.24 33.19
CA PHE E 361 -38.18 -14.02 33.46
C PHE E 361 -38.93 -13.67 32.18
N PHE E 362 -38.31 -12.91 31.28
CA PHE E 362 -38.94 -12.55 30.01
C PHE E 362 -39.37 -13.78 29.24
N ALA E 363 -38.46 -14.76 29.12
CA ALA E 363 -38.78 -15.99 28.39
C ALA E 363 -39.76 -16.85 29.18
N TYR E 364 -39.47 -17.06 30.47
CA TYR E 364 -40.36 -17.85 31.34
C TYR E 364 -41.79 -17.32 31.29
N SER E 365 -41.94 -16.00 31.27
CA SER E 365 -43.27 -15.39 31.09
C SER E 365 -43.91 -15.89 29.80
N THR E 366 -43.16 -15.84 28.70
CA THR E 366 -43.70 -16.21 27.39
C THR E 366 -43.99 -17.71 27.29
N VAL E 367 -43.27 -18.53 28.05
CA VAL E 367 -43.54 -19.97 28.03
C VAL E 367 -44.94 -20.23 28.58
N LEU E 368 -45.25 -19.65 29.74
CA LEU E 368 -46.54 -19.92 30.39
C LEU E 368 -47.70 -19.45 29.53
N GLY E 369 -47.67 -18.19 29.11
CA GLY E 369 -48.76 -17.63 28.33
C GLY E 369 -49.01 -18.44 27.08
N TRP E 370 -47.96 -18.65 26.31
CA TRP E 370 -48.03 -19.36 25.05
C TRP E 370 -48.43 -20.78 25.23
N SER E 371 -48.25 -21.33 26.41
CA SER E 371 -48.80 -22.64 26.74
C SER E 371 -50.32 -22.61 26.69
N TYR E 372 -50.92 -21.61 27.34
CA TYR E 372 -52.37 -21.45 27.27
C TYR E 372 -52.83 -21.13 25.85
N TYR E 373 -52.04 -20.31 25.15
CA TYR E 373 -52.35 -19.97 23.77
C TYR E 373 -52.40 -21.23 22.93
N GLY E 374 -51.42 -22.12 23.12
CA GLY E 374 -51.37 -23.37 22.38
C GLY E 374 -52.39 -24.37 22.88
N GLU E 375 -52.62 -24.40 24.17
CA GLU E 375 -53.58 -25.35 24.68
C GLU E 375 -54.89 -25.18 23.97
N LYS E 376 -55.51 -24.05 24.21
CA LYS E 376 -56.90 -23.86 23.76
C LYS E 376 -57.06 -24.13 22.27
N CYS E 377 -56.09 -23.70 21.45
CA CYS E 377 -56.18 -24.02 20.03
C CYS E 377 -56.01 -25.52 19.80
N PHE E 378 -55.20 -26.18 20.63
CA PHE E 378 -55.07 -27.64 20.52
C PHE E 378 -56.38 -28.33 20.86
N GLU E 379 -57.00 -27.95 21.98
CA GLU E 379 -58.21 -28.63 22.44
C GLU E 379 -59.34 -28.50 21.42
N TYR E 380 -59.32 -27.42 20.62
CA TYR E 380 -60.28 -27.29 19.53
C TYR E 380 -60.26 -28.52 18.63
N LEU E 381 -59.07 -29.07 18.41
CA LEU E 381 -58.91 -30.24 17.56
C LEU E 381 -59.28 -31.52 18.30
N ILE E 382 -58.75 -31.71 19.49
CA ILE E 382 -58.84 -32.99 20.20
C ILE E 382 -59.80 -32.97 21.38
N GLY E 383 -60.28 -31.80 21.78
CA GLY E 383 -61.09 -31.73 22.98
C GLY E 383 -60.18 -31.67 24.20
N THR E 384 -60.79 -31.77 25.37
CA THR E 384 -60.03 -31.75 26.60
C THR E 384 -59.38 -33.09 26.91
N LYS E 385 -59.49 -34.07 26.01
CA LYS E 385 -58.92 -35.39 26.26
C LYS E 385 -57.40 -35.33 26.33
N GLY E 386 -56.78 -34.58 25.43
CA GLY E 386 -55.35 -34.50 25.33
C GLY E 386 -54.70 -33.29 25.98
N ILE E 387 -55.46 -32.49 26.72
CA ILE E 387 -54.89 -31.29 27.33
C ILE E 387 -53.71 -31.67 28.22
N ARG E 388 -53.79 -32.83 28.88
CA ARG E 388 -52.66 -33.32 29.67
C ARG E 388 -51.45 -33.59 28.78
N LEU E 389 -51.69 -34.10 27.57
CA LEU E 389 -50.59 -34.37 26.64
C LEU E 389 -49.92 -33.08 26.20
N TYR E 390 -50.71 -32.05 25.91
CA TYR E 390 -50.14 -30.79 25.45
C TYR E 390 -49.23 -30.18 26.52
N ARG E 391 -49.72 -30.17 27.76
CA ARG E 391 -48.99 -29.62 28.88
C ARG E 391 -47.67 -30.35 29.12
N ILE E 392 -47.71 -31.68 29.14
CA ILE E 392 -46.51 -32.47 29.36
C ILE E 392 -45.54 -32.32 28.19
N ALA E 393 -46.09 -32.23 26.97
CA ALA E 393 -45.25 -31.99 25.79
C ALA E 393 -44.55 -30.63 25.91
N PHE E 394 -45.32 -29.59 26.23
CA PHE E 394 -44.75 -28.26 26.38
C PHE E 394 -43.64 -28.24 27.43
N VAL E 395 -43.83 -28.94 28.54
CA VAL E 395 -42.78 -29.02 29.57
C VAL E 395 -41.58 -29.80 29.04
N LEU E 396 -41.83 -30.92 28.37
CA LEU E 396 -40.72 -31.70 27.82
C LEU E 396 -40.00 -30.93 26.73
N VAL E 397 -40.75 -30.33 25.79
CA VAL E 397 -40.14 -29.58 24.71
C VAL E 397 -39.36 -28.37 25.26
N ALA E 398 -39.84 -27.78 26.36
CA ALA E 398 -39.09 -26.70 27.00
C ALA E 398 -37.73 -27.18 27.48
N PHE E 399 -37.68 -28.38 28.05
CA PHE E 399 -36.41 -28.95 28.47
C PHE E 399 -35.50 -29.20 27.28
N TRP E 400 -36.04 -29.80 26.23
CA TRP E 400 -35.26 -30.13 25.04
C TRP E 400 -34.74 -28.86 24.37
N GLY E 401 -35.56 -27.81 24.31
CA GLY E 401 -35.16 -26.59 23.63
C GLY E 401 -33.90 -25.96 24.19
N ALA E 402 -33.70 -26.07 25.51
CA ALA E 402 -32.50 -25.51 26.12
C ALA E 402 -31.26 -26.33 25.73
N THR E 403 -31.41 -27.66 25.66
CA THR E 403 -30.29 -28.54 25.33
C THR E 403 -30.07 -28.63 23.83
N ALA E 404 -31.14 -28.70 23.05
CA ALA E 404 -31.03 -28.99 21.63
C ALA E 404 -30.38 -27.83 20.89
N SER E 405 -30.00 -28.08 19.63
CA SER E 405 -29.32 -27.09 18.81
C SER E 405 -30.33 -26.53 17.81
N LEU E 406 -30.75 -25.28 18.05
CA LEU E 406 -31.75 -24.62 17.21
C LEU E 406 -31.17 -23.28 16.76
N PRO E 407 -30.16 -23.31 15.87
CA PRO E 407 -29.48 -22.06 15.48
C PRO E 407 -30.39 -21.09 14.76
N LEU E 408 -31.16 -21.61 13.80
CA LEU E 408 -32.06 -20.81 12.98
C LEU E 408 -33.52 -20.94 13.41
N VAL E 409 -33.76 -21.17 14.71
CA VAL E 409 -35.12 -21.42 15.20
C VAL E 409 -36.04 -20.24 14.91
N TRP E 410 -35.52 -19.02 14.96
CA TRP E 410 -36.33 -17.84 14.69
C TRP E 410 -36.96 -17.90 13.31
N ASN E 411 -36.20 -18.40 12.33
CA ASN E 411 -36.67 -18.42 10.96
C ASN E 411 -37.89 -19.33 10.81
N ILE E 412 -37.81 -20.54 11.37
CA ILE E 412 -38.97 -21.44 11.28
C ILE E 412 -40.11 -20.90 12.14
N ALA E 413 -39.79 -20.23 13.24
CA ALA E 413 -40.84 -19.63 14.06
C ALA E 413 -41.62 -18.60 13.27
N ASP E 414 -40.91 -17.69 12.59
CA ASP E 414 -41.58 -16.68 11.77
C ASP E 414 -42.47 -17.30 10.70
N THR E 415 -42.06 -18.46 10.15
CA THR E 415 -42.91 -19.13 9.17
C THR E 415 -44.19 -19.66 9.82
N LEU E 416 -44.07 -20.33 10.97
CA LEU E 416 -45.25 -20.84 11.66
C LEU E 416 -46.19 -19.70 12.03
N ASN E 417 -45.64 -18.60 12.58
CA ASN E 417 -46.45 -17.44 12.91
C ASN E 417 -47.15 -16.90 11.66
N GLY E 418 -46.42 -16.81 10.54
CA GLY E 418 -47.05 -16.41 9.30
C GLY E 418 -48.10 -17.40 8.85
N ALA E 419 -47.82 -18.70 8.98
CA ALA E 419 -48.83 -19.71 8.67
C ALA E 419 -50.04 -19.53 9.57
N MET E 420 -49.79 -19.31 10.87
CA MET E 420 -50.87 -18.93 11.78
C MET E 420 -51.53 -17.64 11.31
N ALA E 421 -50.73 -16.71 10.78
CA ALA E 421 -51.19 -15.36 10.51
C ALA E 421 -52.27 -15.32 9.42
N ILE E 422 -52.07 -16.06 8.33
CA ILE E 422 -52.91 -15.88 7.13
C ILE E 422 -54.41 -15.95 7.43
N PRO E 423 -54.92 -16.99 8.11
CA PRO E 423 -56.40 -17.07 8.28
C PRO E 423 -56.99 -15.93 9.10
N ASN E 424 -56.46 -15.68 10.31
CA ASN E 424 -57.05 -14.69 11.21
C ASN E 424 -57.16 -13.32 10.54
N LEU E 425 -56.11 -12.90 9.82
CA LEU E 425 -56.16 -11.60 9.15
C LEU E 425 -57.35 -11.52 8.19
N ILE E 426 -57.61 -12.60 7.45
CA ILE E 426 -58.78 -12.64 6.58
C ILE E 426 -60.05 -12.41 7.41
N GLY E 427 -60.14 -13.06 8.57
CA GLY E 427 -61.32 -12.90 9.42
C GLY E 427 -61.52 -11.46 9.88
N LEU E 428 -60.45 -10.83 10.36
CA LEU E 428 -60.55 -9.45 10.82
C LEU E 428 -61.00 -8.52 9.69
N LEU E 429 -60.53 -8.79 8.47
CA LEU E 429 -60.99 -8.03 7.32
C LEU E 429 -62.49 -8.24 7.09
N LEU E 430 -62.90 -9.50 7.01
CA LEU E 430 -64.30 -9.80 6.74
C LEU E 430 -65.21 -9.36 7.89
N LEU E 431 -64.79 -9.59 9.13
CA LEU E 431 -65.60 -9.25 10.29
C LEU E 431 -65.32 -7.85 10.82
N SER E 432 -64.79 -6.96 9.97
CA SER E 432 -64.62 -5.57 10.37
C SER E 432 -65.97 -4.93 10.68
N GLY E 433 -67.00 -5.29 9.92
CA GLY E 433 -68.32 -4.74 10.17
C GLY E 433 -68.88 -5.13 11.52
N VAL E 434 -68.62 -6.36 11.97
CA VAL E 434 -69.15 -6.83 13.24
C VAL E 434 -68.58 -6.01 14.39
N VAL E 435 -67.25 -5.88 14.44
CA VAL E 435 -66.62 -5.21 15.57
C VAL E 435 -67.00 -3.74 15.61
N VAL E 436 -66.97 -3.06 14.45
CA VAL E 436 -67.30 -1.63 14.43
C VAL E 436 -68.73 -1.41 14.92
N SER E 437 -69.64 -2.33 14.58
CA SER E 437 -70.98 -2.29 15.18
C SER E 437 -70.89 -2.59 16.66
N GLU E 438 -70.18 -3.67 17.03
CA GLU E 438 -70.04 -4.04 18.42
C GLU E 438 -69.36 -2.94 19.23
N THR E 439 -68.46 -2.17 18.59
CA THR E 439 -67.85 -1.03 19.27
C THR E 439 -68.87 0.06 19.53
N LYS E 440 -69.72 0.37 18.54
CA LYS E 440 -70.73 1.40 18.71
C LYS E 440 -71.72 1.05 19.80
N ALA E 441 -71.73 -0.20 20.26
CA ALA E 441 -72.51 -0.56 21.43
C ALA E 441 -71.78 -0.19 22.71
N PHE E 442 -70.52 -0.63 22.84
CA PHE E 442 -69.79 -0.41 24.09
C PHE E 442 -69.53 1.08 24.34
N ASN E 443 -69.10 1.83 23.33
CA ASN E 443 -68.85 3.26 23.52
C ASN E 443 -70.13 4.00 23.90
N GLU E 444 -71.29 3.44 23.55
CA GLU E 444 -72.55 4.00 24.03
C GLU E 444 -72.73 3.72 25.51
N ILE E 445 -72.32 2.53 25.96
CA ILE E 445 -72.31 2.21 27.38
C ILE E 445 -71.32 3.08 28.15
N ARG E 446 -70.35 3.69 27.46
CA ARG E 446 -69.30 4.48 28.09
C ARG E 446 -69.72 5.90 28.40
N LYS E 447 -70.91 6.33 27.97
CA LYS E 447 -71.40 7.66 28.30
C LYS E 447 -72.19 7.67 29.60
N ASN E 448 -72.75 6.53 30.00
CA ASN E 448 -73.56 6.43 31.20
C ASN E 448 -72.69 6.55 32.46
N ASP F 1 28.93 23.75 2.33
CA ASP F 1 27.85 22.82 2.65
C ASP F 1 26.51 23.53 2.81
N ILE F 2 25.47 23.00 2.17
CA ILE F 2 24.11 23.49 2.32
C ILE F 2 23.41 22.61 3.36
N ALA F 3 22.77 23.25 4.34
CA ALA F 3 22.14 22.54 5.43
C ALA F 3 20.64 22.55 5.19
N MET F 4 20.04 21.36 5.17
CA MET F 4 18.60 21.21 5.02
C MET F 4 18.04 20.71 6.34
N THR F 5 17.15 21.50 6.94
CA THR F 5 16.58 21.17 8.23
C THR F 5 15.12 20.79 8.05
N GLN F 6 14.74 19.64 8.58
CA GLN F 6 13.39 19.14 8.46
C GLN F 6 12.67 19.19 9.80
N SER F 7 11.38 19.48 9.75
CA SER F 7 10.48 19.43 10.89
C SER F 7 9.16 18.84 10.41
N PRO F 8 8.46 18.10 11.27
CA PRO F 8 8.90 17.69 12.60
C PRO F 8 9.89 16.51 12.56
N ALA F 9 10.76 16.40 13.57
CA ALA F 9 11.72 15.31 13.59
C ALA F 9 11.04 13.96 13.56
N SER F 10 9.85 13.86 14.14
CA SER F 10 9.07 12.63 14.17
C SER F 10 7.61 13.02 14.37
N LEU F 11 6.73 12.24 13.74
CA LEU F 11 5.30 12.47 13.93
C LEU F 11 4.56 11.14 13.84
N SER F 12 3.38 11.12 14.45
CA SER F 12 2.47 9.99 14.41
C SER F 12 1.12 10.49 13.89
N ALA F 13 0.60 9.81 12.88
CA ALA F 13 -0.62 10.23 12.20
C ALA F 13 -1.68 9.16 12.38
N SER F 14 -2.87 9.58 12.82
CA SER F 14 -4.00 8.66 12.85
C SER F 14 -4.41 8.36 11.41
N VAL F 15 -4.68 7.08 11.12
CA VAL F 15 -4.89 6.67 9.74
C VAL F 15 -6.06 7.42 9.13
N GLY F 16 -5.96 7.73 7.84
CA GLY F 16 -7.02 8.40 7.14
C GLY F 16 -7.01 9.91 7.29
N GLU F 17 -6.02 10.46 7.96
CA GLU F 17 -5.92 11.90 8.17
C GLU F 17 -4.98 12.47 7.12
N THR F 18 -4.65 13.75 7.26
CA THR F 18 -3.72 14.41 6.37
C THR F 18 -2.57 14.96 7.19
N VAL F 19 -1.37 14.98 6.59
CA VAL F 19 -0.16 15.39 7.27
C VAL F 19 0.66 16.26 6.33
N THR F 20 1.52 17.09 6.92
CA THR F 20 2.38 18.00 6.17
C THR F 20 3.79 17.92 6.74
N ILE F 21 4.78 17.75 5.87
CA ILE F 21 6.17 17.66 6.26
C ILE F 21 6.91 18.84 5.64
N THR F 22 7.88 19.37 6.36
CA THR F 22 8.56 20.60 5.97
C THR F 22 10.06 20.33 5.88
N CYS F 23 10.66 20.78 4.77
CA CYS F 23 12.11 20.77 4.60
C CYS F 23 12.51 22.19 4.28
N ARG F 24 13.30 22.80 5.17
CA ARG F 24 13.69 24.19 5.07
C ARG F 24 15.22 24.21 4.93
N THR F 25 15.72 25.09 4.08
CA THR F 25 17.11 24.98 3.64
C THR F 25 17.91 26.24 3.94
N SER F 26 19.24 26.07 3.88
CA SER F 26 20.16 27.12 4.26
C SER F 26 20.08 28.32 3.30
N GLU F 27 20.04 28.05 2.01
CA GLU F 27 20.07 29.11 1.01
C GLU F 27 19.15 28.75 -0.15
N ASN F 28 18.78 29.79 -0.91
CA ASN F 28 17.81 29.62 -1.97
C ASN F 28 18.34 28.66 -3.02
N ILE F 29 17.49 27.73 -3.46
CA ILE F 29 17.90 26.67 -4.39
C ILE F 29 16.85 26.48 -5.49
N ALA F 30 16.02 27.48 -5.73
CA ALA F 30 15.01 27.46 -6.81
C ALA F 30 14.13 26.24 -6.63
N SER F 31 13.86 25.45 -7.67
CA SER F 31 12.98 24.29 -7.63
C SER F 31 13.75 22.98 -7.49
N ALA F 32 15.02 23.04 -7.11
CA ALA F 32 15.85 21.84 -7.07
C ALA F 32 15.78 21.20 -5.67
N LEU F 33 14.61 20.62 -5.39
CA LEU F 33 14.43 19.84 -4.17
C LEU F 33 13.65 18.58 -4.50
N ALA F 34 14.14 17.44 -3.98
CA ALA F 34 13.53 16.16 -4.27
C ALA F 34 13.26 15.41 -2.96
N TRP F 35 12.23 14.56 -2.98
CA TRP F 35 11.73 13.85 -1.81
C TRP F 35 11.84 12.35 -2.00
N TYR F 36 12.24 11.65 -0.95
CA TYR F 36 12.32 10.20 -0.97
C TYR F 36 11.62 9.64 0.26
N GLN F 37 11.34 8.34 0.19
CA GLN F 37 10.79 7.59 1.31
C GLN F 37 11.60 6.31 1.47
N GLN F 38 11.99 5.99 2.70
CA GLN F 38 12.82 4.83 2.95
C GLN F 38 12.16 3.93 3.98
N LYS F 39 12.26 2.63 3.74
CA LYS F 39 11.73 1.58 4.61
C LYS F 39 12.84 0.62 5.03
N GLN F 40 12.52 -0.21 6.01
CA GLN F 40 13.47 -1.17 6.54
C GLN F 40 13.98 -2.12 5.46
N GLY F 41 15.29 -2.28 5.39
CA GLY F 41 15.87 -3.17 4.40
C GLY F 41 15.71 -2.72 2.98
N LYS F 42 15.57 -1.41 2.73
CA LYS F 42 15.32 -0.89 1.40
C LYS F 42 16.06 0.41 1.18
N SER F 43 16.27 0.73 -0.10
CA SER F 43 16.85 2.00 -0.50
C SER F 43 15.77 3.07 -0.50
N PRO F 44 16.16 4.34 -0.50
CA PRO F 44 15.16 5.42 -0.60
C PRO F 44 14.36 5.30 -1.89
N GLN F 45 13.09 5.68 -1.81
CA GLN F 45 12.18 5.63 -2.94
C GLN F 45 11.80 7.05 -3.32
N LEU F 46 12.01 7.40 -4.58
CA LEU F 46 11.72 8.75 -5.03
C LEU F 46 10.22 8.97 -5.09
N LEU F 47 9.75 10.04 -4.45
CA LEU F 47 8.33 10.40 -4.38
C LEU F 47 7.98 11.59 -5.26
N VAL F 48 8.72 12.68 -5.11
CA VAL F 48 8.47 13.92 -5.85
C VAL F 48 9.82 14.45 -6.31
N MET F 49 9.91 14.82 -7.58
CA MET F 49 11.14 15.33 -8.17
C MET F 49 10.97 16.81 -8.46
N ASN F 50 12.07 17.55 -8.35
CA ASN F 50 12.11 18.98 -8.69
C ASN F 50 10.97 19.74 -8.02
N ALA F 51 10.93 19.62 -6.69
CA ALA F 51 10.02 20.36 -5.80
C ALA F 51 8.57 19.92 -5.92
N LYS F 52 7.98 20.01 -7.11
CA LYS F 52 6.57 19.69 -7.28
C LYS F 52 6.30 18.60 -8.32
N THR F 53 7.22 18.34 -9.24
CA THR F 53 6.94 17.39 -10.30
C THR F 53 6.74 16.00 -9.70
N LEU F 54 5.95 15.18 -10.37
CA LEU F 54 5.45 13.93 -9.83
C LEU F 54 6.17 12.74 -10.46
N ALA F 55 6.62 11.80 -9.63
CA ALA F 55 7.21 10.59 -10.16
C ALA F 55 6.10 9.61 -10.55
N ALA F 56 6.39 8.77 -11.54
CA ALA F 56 5.37 7.87 -12.09
C ALA F 56 5.28 6.62 -11.25
N GLY F 57 4.05 6.16 -11.01
CA GLY F 57 3.83 5.01 -10.17
C GLY F 57 3.69 5.30 -8.70
N VAL F 58 3.86 6.54 -8.28
CA VAL F 58 3.72 6.95 -6.88
C VAL F 58 2.32 7.53 -6.70
N PRO F 59 1.60 7.16 -5.63
CA PRO F 59 0.19 7.55 -5.52
C PRO F 59 -0.04 9.06 -5.48
N SER F 60 -1.24 9.45 -5.92
CA SER F 60 -1.57 10.86 -6.08
C SER F 60 -1.71 11.59 -4.75
N ARG F 61 -1.84 10.87 -3.64
CA ARG F 61 -1.98 11.52 -2.34
C ARG F 61 -0.74 12.35 -2.01
N PHE F 62 0.43 11.90 -2.47
CA PHE F 62 1.65 12.67 -2.27
C PHE F 62 1.66 13.88 -3.18
N SER F 63 1.92 15.05 -2.60
CA SER F 63 2.02 16.29 -3.34
C SER F 63 3.07 17.15 -2.66
N GLY F 64 3.87 17.84 -3.45
CA GLY F 64 4.92 18.68 -2.93
C GLY F 64 4.81 20.07 -3.52
N SER F 65 5.26 21.05 -2.76
CA SER F 65 5.11 22.44 -3.13
C SER F 65 6.24 23.25 -2.51
N GLY F 66 6.30 24.51 -2.89
CA GLY F 66 7.30 25.41 -2.37
C GLY F 66 8.37 25.74 -3.40
N SER F 67 9.08 26.82 -3.13
CA SER F 67 10.22 27.23 -3.94
C SER F 67 11.12 28.11 -3.08
N GLY F 68 12.40 28.14 -3.43
CA GLY F 68 13.35 28.93 -2.70
C GLY F 68 13.84 28.29 -1.42
N THR F 69 13.42 28.82 -0.28
CA THR F 69 13.97 28.41 1.02
C THR F 69 12.96 27.74 1.95
N ALA F 70 11.78 27.36 1.45
CA ALA F 70 10.80 26.68 2.30
C ALA F 70 10.01 25.73 1.43
N PHE F 71 10.11 24.43 1.74
CA PHE F 71 9.46 23.38 0.98
C PHE F 71 8.56 22.57 1.90
N SER F 72 7.47 22.05 1.33
CA SER F 72 6.53 21.27 2.10
C SER F 72 6.11 20.05 1.30
N LEU F 73 6.05 18.91 1.98
CA LEU F 73 5.56 17.67 1.41
C LEU F 73 4.25 17.32 2.11
N LYS F 74 3.19 17.17 1.34
CA LYS F 74 1.84 17.01 1.88
C LYS F 74 1.32 15.63 1.50
N ILE F 75 0.81 14.91 2.49
CA ILE F 75 0.20 13.60 2.29
C ILE F 75 -1.27 13.69 2.71
N ASN F 76 -2.16 13.23 1.85
CA ASN F 76 -3.60 13.27 2.08
C ASN F 76 -4.12 11.85 2.27
N SER F 77 -4.96 11.64 3.28
CA SER F 77 -5.52 10.33 3.59
C SER F 77 -4.41 9.29 3.72
N LEU F 78 -3.70 9.32 4.85
CA LEU F 78 -2.61 8.38 5.08
C LEU F 78 -3.13 6.95 5.13
N GLN F 79 -2.20 6.02 4.94
CA GLN F 79 -2.44 4.60 4.99
C GLN F 79 -1.26 3.97 5.72
N PRO F 80 -1.43 2.77 6.27
CA PRO F 80 -0.32 2.17 7.03
C PRO F 80 0.93 1.95 6.20
N GLU F 81 0.81 1.90 4.88
CA GLU F 81 1.96 1.69 4.00
C GLU F 81 2.93 2.85 4.02
N ASP F 82 2.51 4.00 4.54
CA ASP F 82 3.35 5.20 4.55
C ASP F 82 4.30 5.24 5.73
N PHE F 83 4.35 4.19 6.53
CA PHE F 83 5.29 4.14 7.65
C PHE F 83 6.71 4.08 7.12
N GLY F 84 7.54 5.04 7.52
CA GLY F 84 8.93 5.05 7.12
C GLY F 84 9.57 6.39 7.41
N SER F 85 10.79 6.57 6.90
CA SER F 85 11.51 7.83 7.00
C SER F 85 11.45 8.58 5.67
N TYR F 86 11.18 9.88 5.75
CA TYR F 86 11.08 10.75 4.59
C TYR F 86 12.24 11.74 4.63
N SER F 87 13.02 11.77 3.55
CA SER F 87 14.21 12.61 3.47
C SER F 87 14.06 13.55 2.29
N CYS F 88 14.72 14.71 2.37
CA CYS F 88 14.70 15.68 1.29
C CYS F 88 16.13 15.86 0.76
N GLN F 89 16.25 16.04 -0.55
CA GLN F 89 17.54 16.15 -1.22
C GLN F 89 17.45 17.23 -2.30
N HIS F 90 18.54 17.99 -2.46
CA HIS F 90 18.59 19.09 -3.42
C HIS F 90 19.66 18.83 -4.48
N ALA F 91 19.40 19.34 -5.69
CA ALA F 91 20.30 19.23 -6.83
C ALA F 91 21.08 20.52 -7.08
N ALA F 92 21.59 21.19 -6.04
CA ALA F 92 22.38 22.41 -6.21
C ALA F 92 23.84 22.01 -6.38
N GLY F 93 24.28 21.91 -7.64
CA GLY F 93 25.65 21.56 -7.97
C GLY F 93 25.85 20.09 -8.24
N TRP F 94 26.91 19.52 -7.67
CA TRP F 94 27.17 18.09 -7.74
C TRP F 94 27.32 17.42 -6.37
N LEU F 95 27.43 18.21 -5.30
CA LEU F 95 27.48 17.70 -3.94
C LEU F 95 26.06 17.74 -3.41
N LEU F 96 25.29 16.69 -3.70
CA LEU F 96 23.91 16.62 -3.24
C LEU F 96 23.92 16.39 -1.73
N THR F 97 23.19 17.24 -0.99
CA THR F 97 23.05 17.05 0.44
C THR F 97 21.69 16.42 0.75
N PHE F 98 21.47 16.10 2.03
CA PHE F 98 20.26 15.43 2.49
C PHE F 98 19.79 16.05 3.80
N GLY F 99 18.53 15.75 4.13
CA GLY F 99 17.96 16.19 5.39
C GLY F 99 18.19 15.19 6.51
N GLY F 100 17.95 15.65 7.74
CA GLY F 100 18.06 14.77 8.89
C GLY F 100 17.07 13.62 8.84
N GLY F 101 15.92 13.84 8.21
CA GLY F 101 14.89 12.82 8.07
C GLY F 101 13.72 13.06 8.99
N THR F 102 12.57 12.53 8.58
CA THR F 102 11.35 12.60 9.37
C THR F 102 10.74 11.21 9.44
N LYS F 103 10.51 10.71 10.65
CA LYS F 103 9.95 9.37 10.84
C LYS F 103 8.44 9.49 10.98
N LEU F 104 7.72 8.78 10.12
CA LEU F 104 6.26 8.77 10.12
C LEU F 104 5.81 7.44 10.70
N GLU F 105 5.03 7.48 11.78
CA GLU F 105 4.50 6.31 12.44
C GLU F 105 3.00 6.47 12.62
N ILE F 106 2.36 5.42 13.08
CA ILE F 106 0.90 5.32 13.02
C ILE F 106 0.33 5.28 14.43
N LYS F 107 -0.87 5.86 14.57
CA LYS F 107 -1.62 5.85 15.82
C LYS F 107 -2.66 4.74 15.72
N ARG F 108 -2.82 4.00 16.82
CA ARG F 108 -3.79 2.92 16.92
C ARG F 108 -4.44 2.98 18.30
N ALA F 109 -5.50 2.19 18.48
CA ALA F 109 -6.15 2.14 19.78
C ALA F 109 -5.18 1.54 20.81
N ASP F 110 -5.20 2.11 22.02
CA ASP F 110 -4.24 1.71 23.03
C ASP F 110 -4.34 0.21 23.32
N ALA F 111 -3.18 -0.42 23.51
CA ALA F 111 -3.14 -1.83 23.82
C ALA F 111 -2.05 -2.08 24.85
N ALA F 112 -2.32 -3.00 25.76
CA ALA F 112 -1.48 -3.26 26.92
C ALA F 112 -0.50 -4.38 26.60
N PRO F 113 0.71 -4.34 27.14
CA PRO F 113 1.72 -5.31 26.74
C PRO F 113 1.44 -6.68 27.33
N THR F 114 2.06 -7.68 26.73
CA THR F 114 1.96 -9.08 27.18
C THR F 114 3.36 -9.43 27.68
N VAL F 115 3.57 -9.26 28.98
CA VAL F 115 4.89 -9.35 29.59
C VAL F 115 5.18 -10.79 29.97
N SER F 116 6.43 -11.21 29.70
CA SER F 116 6.91 -12.53 30.03
C SER F 116 8.39 -12.41 30.40
N ILE F 117 8.80 -13.16 31.44
CA ILE F 117 10.15 -13.07 31.98
C ILE F 117 10.75 -14.47 32.03
N PHE F 118 12.05 -14.57 31.75
CA PHE F 118 12.73 -15.83 31.59
C PHE F 118 14.00 -15.88 32.43
N PRO F 119 14.24 -16.98 33.15
CA PRO F 119 15.48 -17.13 33.92
C PRO F 119 16.63 -17.49 33.01
N PRO F 120 17.87 -17.41 33.50
CA PRO F 120 19.02 -17.76 32.66
C PRO F 120 18.99 -19.22 32.24
N SER F 121 19.60 -19.51 31.08
CA SER F 121 19.70 -20.86 30.60
C SER F 121 20.67 -21.66 31.47
N SER F 122 20.51 -22.99 31.45
CA SER F 122 21.51 -23.83 32.09
C SER F 122 22.85 -23.70 31.39
N GLU F 123 22.83 -23.49 30.06
CA GLU F 123 24.07 -23.36 29.29
C GLU F 123 24.82 -22.09 29.66
N GLN F 124 24.10 -20.97 29.75
CA GLN F 124 24.75 -19.69 30.06
C GLN F 124 25.46 -19.75 31.40
N LEU F 125 24.82 -20.36 32.40
CA LEU F 125 25.41 -20.43 33.73
C LEU F 125 26.74 -21.18 33.70
N THR F 126 26.76 -22.36 33.08
CA THR F 126 28.02 -23.10 32.96
C THR F 126 29.06 -22.36 32.15
N SER F 127 28.65 -21.34 31.39
CA SER F 127 29.58 -20.53 30.62
C SER F 127 30.02 -19.28 31.37
N GLY F 128 29.60 -19.10 32.62
CA GLY F 128 30.07 -17.99 33.42
C GLY F 128 29.28 -16.71 33.32
N GLY F 129 28.05 -16.77 32.84
CA GLY F 129 27.23 -15.59 32.71
C GLY F 129 25.77 -15.94 32.96
N ALA F 130 24.98 -14.90 33.21
CA ALA F 130 23.56 -15.09 33.46
C ALA F 130 22.81 -13.85 33.00
N SER F 131 21.89 -14.02 32.06
CA SER F 131 21.08 -12.92 31.55
C SER F 131 19.61 -13.23 31.83
N VAL F 132 18.90 -12.26 32.38
CA VAL F 132 17.47 -12.35 32.63
C VAL F 132 16.75 -11.51 31.59
N VAL F 133 15.72 -12.07 30.98
CA VAL F 133 15.05 -11.48 29.82
C VAL F 133 13.59 -11.24 30.17
N CYS F 134 13.11 -10.05 29.84
CA CYS F 134 11.72 -9.68 29.97
C CYS F 134 11.19 -9.24 28.61
N PHE F 135 10.06 -9.80 28.19
CA PHE F 135 9.49 -9.54 26.88
C PHE F 135 8.21 -8.74 27.06
N LEU F 136 8.15 -7.57 26.44
CA LEU F 136 6.95 -6.73 26.43
C LEU F 136 6.52 -6.62 24.98
N ASN F 137 5.42 -7.30 24.64
CA ASN F 137 5.04 -7.51 23.25
C ASN F 137 3.69 -6.89 22.95
N ASN F 138 3.58 -6.38 21.73
CA ASN F 138 2.32 -5.95 21.13
C ASN F 138 1.59 -4.99 22.06
N PHE F 139 2.20 -3.83 22.25
CA PHE F 139 1.63 -2.78 23.08
C PHE F 139 1.71 -1.46 22.34
N TYR F 140 0.75 -0.58 22.65
CA TYR F 140 0.69 0.74 22.10
C TYR F 140 0.23 1.68 23.20
N PRO F 141 0.82 2.88 23.33
CA PRO F 141 1.88 3.57 22.59
C PRO F 141 3.30 3.12 22.95
N LYS F 142 4.30 3.66 22.26
CA LYS F 142 5.68 3.25 22.55
C LYS F 142 6.09 3.64 23.96
N ASP F 143 5.53 4.73 24.49
CA ASP F 143 5.94 5.23 25.80
C ASP F 143 5.62 4.20 26.87
N ILE F 144 6.66 3.55 27.38
CA ILE F 144 6.51 2.54 28.42
C ILE F 144 7.74 2.63 29.31
N ASN F 145 7.58 2.28 30.57
CA ASN F 145 8.66 2.30 31.53
C ASN F 145 8.82 0.91 32.11
N VAL F 146 10.06 0.41 32.13
CA VAL F 146 10.37 -0.92 32.63
C VAL F 146 11.28 -0.78 33.84
N LYS F 147 10.88 -1.39 34.95
CA LYS F 147 11.63 -1.34 36.20
C LYS F 147 11.99 -2.75 36.60
N TRP F 148 13.24 -2.95 36.99
CA TRP F 148 13.75 -4.24 37.42
C TRP F 148 13.91 -4.21 38.94
N LYS F 149 13.30 -5.17 39.62
CA LYS F 149 13.40 -5.28 41.06
C LYS F 149 14.06 -6.61 41.38
N ILE F 150 15.14 -6.57 42.14
CA ILE F 150 15.83 -7.77 42.60
C ILE F 150 15.62 -7.84 44.10
N ASP F 151 14.87 -8.85 44.54
CA ASP F 151 14.61 -9.06 45.95
C ASP F 151 13.99 -7.81 46.57
N GLY F 152 13.08 -7.18 45.82
CA GLY F 152 12.38 -6.00 46.27
C GLY F 152 13.15 -4.71 46.09
N SER F 153 14.40 -4.76 45.64
CA SER F 153 15.22 -3.56 45.47
C SER F 153 15.44 -3.32 43.98
N GLU F 154 15.20 -2.08 43.56
CA GLU F 154 15.29 -1.72 42.15
C GLU F 154 16.74 -1.81 41.67
N ARG F 155 16.90 -2.11 40.39
CA ARG F 155 18.23 -2.12 39.78
C ARG F 155 18.25 -1.15 38.60
N GLN F 156 19.03 -0.08 38.73
CA GLN F 156 19.05 0.97 37.70
C GLN F 156 19.85 0.55 36.46
N ASN F 157 21.07 0.03 36.65
CA ASN F 157 22.01 -0.15 35.55
C ASN F 157 22.35 -1.63 35.36
N GLY F 158 22.87 -1.92 34.17
CA GLY F 158 23.07 -3.28 33.74
C GLY F 158 21.99 -3.79 32.81
N VAL F 159 21.06 -2.93 32.39
CA VAL F 159 19.91 -3.33 31.60
C VAL F 159 20.11 -2.90 30.14
N LEU F 160 19.80 -3.82 29.22
CA LEU F 160 19.84 -3.55 27.78
C LEU F 160 18.43 -3.59 27.25
N ASN F 161 18.00 -2.51 26.61
CA ASN F 161 16.67 -2.43 26.03
C ASN F 161 16.77 -2.26 24.53
N SER F 162 15.89 -2.94 23.82
CA SER F 162 15.81 -2.85 22.38
C SER F 162 14.33 -2.82 22.00
N TRP F 163 14.00 -2.01 21.01
CA TRP F 163 12.62 -1.81 20.58
C TRP F 163 12.50 -2.27 19.14
N THR F 164 11.31 -2.74 18.79
CA THR F 164 11.07 -3.08 17.41
C THR F 164 10.43 -1.90 16.70
N ASP F 165 10.57 -1.88 15.39
CA ASP F 165 9.85 -0.91 14.60
C ASP F 165 8.37 -1.24 14.67
N GLN F 166 7.53 -0.22 14.44
CA GLN F 166 6.10 -0.43 14.51
C GLN F 166 5.69 -1.56 13.57
N ASP F 167 4.80 -2.43 14.07
CA ASP F 167 4.43 -3.61 13.28
C ASP F 167 3.62 -3.20 12.07
N SER F 168 3.94 -3.82 10.93
CA SER F 168 3.22 -3.54 9.70
C SER F 168 1.76 -3.98 9.79
N ALA F 169 1.51 -5.12 10.45
CA ALA F 169 0.16 -5.68 10.48
C ALA F 169 -0.74 -4.90 11.43
N ASP F 170 -0.36 -4.81 12.71
CA ASP F 170 -1.26 -4.30 13.75
C ASP F 170 -0.80 -2.99 14.38
N SER F 171 0.25 -2.35 13.86
CA SER F 171 0.68 -1.02 14.30
C SER F 171 1.06 -1.00 15.78
N THR F 172 1.55 -2.12 16.30
CA THR F 172 1.89 -2.25 17.71
C THR F 172 3.40 -2.33 17.90
N TYR F 173 3.88 -1.72 18.96
CA TYR F 173 5.30 -1.80 19.28
C TYR F 173 5.57 -2.99 20.18
N SER F 174 6.85 -3.31 20.33
CA SER F 174 7.29 -4.38 21.21
C SER F 174 8.72 -4.08 21.61
N MET F 175 9.10 -4.56 22.80
CA MET F 175 10.45 -4.32 23.30
C MET F 175 10.88 -5.49 24.17
N SER F 176 12.19 -5.61 24.34
CA SER F 176 12.79 -6.64 25.17
C SER F 176 13.81 -5.99 26.08
N SER F 177 13.66 -6.19 27.39
CA SER F 177 14.59 -5.67 28.39
C SER F 177 15.40 -6.83 28.92
N THR F 178 16.72 -6.74 28.78
CA THR F 178 17.63 -7.82 29.19
C THR F 178 18.50 -7.31 30.34
N LEU F 179 18.48 -8.03 31.46
CA LEU F 179 19.29 -7.72 32.62
C LEU F 179 20.45 -8.70 32.65
N THR F 180 21.67 -8.17 32.56
CA THR F 180 22.86 -8.99 32.41
C THR F 180 23.67 -8.96 33.70
N LEU F 181 24.02 -10.15 34.17
CA LEU F 181 24.83 -10.32 35.36
C LEU F 181 25.84 -11.43 35.10
N THR F 182 26.84 -11.52 35.97
CA THR F 182 27.67 -12.71 35.96
C THR F 182 26.92 -13.82 36.70
N LYS F 183 27.38 -15.06 36.51
CA LYS F 183 26.74 -16.18 37.20
C LYS F 183 26.78 -15.98 38.72
N ASP F 184 27.96 -15.67 39.26
CA ASP F 184 28.11 -15.58 40.71
C ASP F 184 27.20 -14.49 41.28
N GLU F 185 27.07 -13.38 40.55
CA GLU F 185 26.21 -12.29 40.99
C GLU F 185 24.75 -12.72 40.93
N TYR F 186 24.39 -13.46 39.88
CA TYR F 186 23.02 -13.94 39.72
C TYR F 186 22.63 -14.84 40.89
N GLU F 187 23.49 -15.78 41.25
CA GLU F 187 23.22 -16.76 42.30
C GLU F 187 23.14 -16.13 43.69
N ARG F 188 23.44 -14.84 43.81
CA ARG F 188 23.41 -14.19 45.12
C ARG F 188 21.99 -13.89 45.58
N HIS F 189 21.04 -13.74 44.66
CA HIS F 189 19.69 -13.30 44.99
C HIS F 189 18.69 -14.39 44.64
N ASN F 190 17.48 -14.25 45.20
CA ASN F 190 16.43 -15.25 45.05
C ASN F 190 15.34 -14.83 44.07
N SER F 191 14.94 -13.56 44.08
CA SER F 191 13.77 -13.12 43.33
C SER F 191 14.12 -12.02 42.34
N TYR F 192 13.76 -12.25 41.08
CA TYR F 192 13.92 -11.26 40.01
C TYR F 192 12.55 -10.90 39.48
N THR F 193 12.33 -9.61 39.28
CA THR F 193 10.99 -9.10 38.99
C THR F 193 11.08 -8.12 37.84
N CYS F 194 10.05 -8.15 37.01
CA CYS F 194 9.91 -7.25 35.86
C CYS F 194 8.64 -6.45 36.02
N GLU F 195 8.76 -5.13 36.15
CA GLU F 195 7.63 -4.25 36.37
C GLU F 195 7.48 -3.36 35.14
N ALA F 196 6.39 -3.53 34.41
CA ALA F 196 6.12 -2.77 33.20
C ALA F 196 5.01 -1.78 33.50
N THR F 197 5.31 -0.49 33.35
CA THR F 197 4.35 0.57 33.65
C THR F 197 3.92 1.21 32.34
N HIS F 198 2.61 1.20 32.09
CA HIS F 198 2.05 1.67 30.84
C HIS F 198 0.84 2.53 31.15
N LYS F 199 0.47 3.37 30.18
CA LYS F 199 -0.70 4.21 30.36
C LYS F 199 -1.98 3.40 30.41
N THR F 200 -1.94 2.14 29.96
CA THR F 200 -3.15 1.32 29.88
C THR F 200 -3.72 0.99 31.26
N SER F 201 -2.86 0.90 32.27
CA SER F 201 -3.35 0.56 33.60
C SER F 201 -2.67 1.35 34.70
N THR F 202 -3.46 1.75 35.69
CA THR F 202 -2.93 2.50 36.82
C THR F 202 -1.91 1.69 37.59
N SER F 203 -2.13 0.38 37.69
CA SER F 203 -1.28 -0.57 38.38
C SER F 203 -0.39 -1.28 37.37
N PRO F 204 0.89 -1.43 37.66
CA PRO F 204 1.81 -2.01 36.66
C PRO F 204 1.58 -3.50 36.47
N ILE F 205 2.14 -4.00 35.37
CA ILE F 205 2.10 -5.43 35.05
C ILE F 205 3.39 -6.05 35.57
N VAL F 206 3.26 -6.96 36.52
CA VAL F 206 4.41 -7.51 37.23
C VAL F 206 4.53 -8.99 36.91
N LYS F 207 5.73 -9.40 36.51
CA LYS F 207 6.08 -10.79 36.29
C LYS F 207 7.40 -11.03 36.99
N SER F 208 7.53 -12.18 37.65
CA SER F 208 8.70 -12.43 38.48
C SER F 208 8.88 -13.94 38.62
N PHE F 209 10.03 -14.32 39.16
CA PHE F 209 10.32 -15.71 39.43
C PHE F 209 11.35 -15.78 40.56
N ASN F 210 11.41 -16.94 41.19
CA ASN F 210 12.34 -17.19 42.29
C ASN F 210 13.37 -18.19 41.82
N ARG F 211 14.64 -17.90 42.08
CA ARG F 211 15.70 -18.80 41.64
C ARG F 211 15.67 -20.12 42.38
N ALA F 212 15.20 -20.11 43.64
CA ALA F 212 15.07 -21.33 44.44
C ALA F 212 13.65 -21.88 44.27
N GLU F 213 13.40 -22.42 43.08
CA GLU F 213 12.11 -23.03 42.78
C GLU F 213 12.19 -23.95 41.56
NA NA G . 26.13 27.51 -29.83
N ALA H . 28.99 29.36 -28.51
CA ALA H . 29.52 28.06 -28.16
C ALA H . 28.46 26.97 -28.36
O ALA H . 28.77 25.77 -28.31
CB ALA H . 30.02 28.06 -26.73
OXT ALA H . 27.28 27.25 -28.56
#